data_6U7V
# 
_entry.id   6U7V 
# 
_audit_conform.dict_name       mmcif_pdbx.dic 
_audit_conform.dict_version    5.397 
_audit_conform.dict_location   http://mmcif.pdb.org/dictionaries/ascii/mmcif_pdbx.dic 
# 
loop_
_database_2.database_id 
_database_2.database_code 
_database_2.pdbx_database_accession 
_database_2.pdbx_DOI 
PDB   6U7V         pdb_00006u7v 10.2210/pdb6u7v/pdb 
WWPDB D_1000244117 ?            ?                   
# 
loop_
_pdbx_audit_revision_history.ordinal 
_pdbx_audit_revision_history.data_content_type 
_pdbx_audit_revision_history.major_revision 
_pdbx_audit_revision_history.minor_revision 
_pdbx_audit_revision_history.revision_date 
1 'Structure model' 1 0 2020-09-09 
2 'Structure model' 1 1 2021-03-24 
3 'Structure model' 1 2 2024-10-30 
# 
_pdbx_audit_revision_details.ordinal             1 
_pdbx_audit_revision_details.revision_ordinal    1 
_pdbx_audit_revision_details.data_content_type   'Structure model' 
_pdbx_audit_revision_details.provider            repository 
_pdbx_audit_revision_details.type                'Initial release' 
_pdbx_audit_revision_details.description         ? 
_pdbx_audit_revision_details.details             ? 
# 
loop_
_pdbx_audit_revision_group.ordinal 
_pdbx_audit_revision_group.revision_ordinal 
_pdbx_audit_revision_group.data_content_type 
_pdbx_audit_revision_group.group 
1 2 'Structure model' 'Database references' 
2 3 'Structure model' 'Data collection'     
3 3 'Structure model' 'Database references' 
4 3 'Structure model' 'Structure summary'   
# 
loop_
_pdbx_audit_revision_category.ordinal 
_pdbx_audit_revision_category.revision_ordinal 
_pdbx_audit_revision_category.data_content_type 
_pdbx_audit_revision_category.category 
1 2 'Structure model' citation                  
2 2 'Structure model' citation_author           
3 3 'Structure model' chem_comp_atom            
4 3 'Structure model' chem_comp_bond            
5 3 'Structure model' database_2                
6 3 'Structure model' pdbx_entry_details        
7 3 'Structure model' pdbx_modification_feature 
# 
loop_
_pdbx_audit_revision_item.ordinal 
_pdbx_audit_revision_item.revision_ordinal 
_pdbx_audit_revision_item.data_content_type 
_pdbx_audit_revision_item.item 
1  2 'Structure model' '_citation.country'                            
2  2 'Structure model' '_citation.journal_abbrev'                     
3  2 'Structure model' '_citation.journal_id_CSD'                     
4  2 'Structure model' '_citation.journal_id_ISSN'                    
5  2 'Structure model' '_citation.journal_volume'                     
6  2 'Structure model' '_citation.page_first'                         
7  2 'Structure model' '_citation.page_last'                          
8  2 'Structure model' '_citation.pdbx_database_id_DOI'               
9  2 'Structure model' '_citation.pdbx_database_id_PubMed'            
10 2 'Structure model' '_citation.title'                              
11 2 'Structure model' '_citation.year'                               
12 3 'Structure model' '_database_2.pdbx_DOI'                         
13 3 'Structure model' '_database_2.pdbx_database_accession'          
14 3 'Structure model' '_pdbx_entry_details.has_protein_modification' 
# 
_pdbx_database_status.status_code                     REL 
_pdbx_database_status.status_code_sf                  REL 
_pdbx_database_status.status_code_mr                  ? 
_pdbx_database_status.entry_id                        6U7V 
_pdbx_database_status.recvd_initial_deposition_date   2019-09-03 
_pdbx_database_status.SG_entry                        N 
_pdbx_database_status.deposit_site                    RCSB 
_pdbx_database_status.process_site                    RCSB 
_pdbx_database_status.status_code_cs                  ? 
_pdbx_database_status.methods_development_category    ? 
_pdbx_database_status.pdb_format_compatible           Y 
_pdbx_database_status.status_code_nmr_data            ? 
# 
loop_
_audit_author.name 
_audit_author.pdbx_ordinal 
_audit_author.identifier_ORCID 
'Kim, J.-K.'   1 0000-0002-8537-7557 
'Hu, X.'       2 0000-0003-0393-4856 
'Yu, C.'       3 0000-0002-2931-5474 
'Jun, H.-I.'   4 0000-0002-0501-4781 
'Liu, J.'      5 0000-0002-8798-9688 
'Sankaran, B.' 6 0000-0002-3266-8131 
'Huang, L.'    7 0000-0002-3140-4687 
'Qiao, F.'     8 0000-0002-1704-7257 
# 
_citation.abstract                  ? 
_citation.abstract_id_CAS           ? 
_citation.book_id_ISBN              ? 
_citation.book_publisher            ? 
_citation.book_publisher_city       ? 
_citation.book_title                ? 
_citation.coordinate_linkage        ? 
_citation.country                   US 
_citation.database_id_Medline       ? 
_citation.details                   ? 
_citation.id                        primary 
_citation.journal_abbrev            'Cell Rep' 
_citation.journal_id_ASTM           ? 
_citation.journal_id_CSD            ? 
_citation.journal_id_ISSN           2211-1247 
_citation.journal_full              ? 
_citation.journal_issue             ? 
_citation.journal_volume            33 
_citation.language                  ? 
_citation.page_first                108568 
_citation.page_last                 108568 
_citation.title                     'Quality-Control Mechanism for Telomerase RNA Folding in the Cell.' 
_citation.year                      2020 
_citation.database_id_CSD           ? 
_citation.pdbx_database_id_DOI      10.1016/j.celrep.2020.108568 
_citation.pdbx_database_id_PubMed   33378677 
_citation.unpublished_flag          ? 
# 
loop_
_citation_author.citation_id 
_citation_author.name 
_citation_author.ordinal 
_citation_author.identifier_ORCID 
primary 'Hu, X.'       1 ? 
primary 'Kim, J.K.'    2 ? 
primary 'Yu, C.'       3 ? 
primary 'Jun, H.I.'    4 ? 
primary 'Liu, J.'      5 ? 
primary 'Sankaran, B.' 6 ? 
primary 'Huang, L.'    7 ? 
primary 'Qiao, F.'     8 ? 
# 
loop_
_entity.id 
_entity.type 
_entity.src_method 
_entity.pdbx_description 
_entity.formula_weight 
_entity.pdbx_number_of_molecules 
_entity.pdbx_ec 
_entity.pdbx_mutation 
_entity.pdbx_fragment 
_entity.details 
1 polymer     man 'Protein pof8' 15489.234 1   ? ? ? ? 
2 non-polymer syn 'NITRATE ION'  62.005    1   ? ? ? ? 
3 water       nat water          18.015    170 ? ? ? ? 
# 
_entity_poly.entity_id                      1 
_entity_poly.type                           'polypeptide(L)' 
_entity_poly.nstd_linkage                   no 
_entity_poly.nstd_monomer                   yes 
_entity_poly.pdbx_seq_one_letter_code       
;SVSKTSQTDKDEDNLDFTKNLLTRIKNLHPLTNKSTIHSLLSYVFSRQTQNIACEP(MSE)YIDYRKDETEAIIRWKTPL
HAETCINAFRTQERKQNSHDDIRAHRKKGSSRPFLIAELITGEEEKNYWR(MSE)LKK
;
_entity_poly.pdbx_seq_one_letter_code_can   
;SVSKTSQTDKDEDNLDFTKNLLTRIKNLHPLTNKSTIHSLLSYVFSRQTQNIACEPMYIDYRKDETEAIIRWKTPLHAET
CINAFRTQERKQNSHDDIRAHRKKGSSRPFLIAELITGEEEKNYWRMLKK
;
_entity_poly.pdbx_strand_id                 A 
_entity_poly.pdbx_target_identifier         ? 
# 
loop_
_pdbx_entity_nonpoly.entity_id 
_pdbx_entity_nonpoly.name 
_pdbx_entity_nonpoly.comp_id 
2 'NITRATE ION' NO3 
3 water         HOH 
# 
loop_
_entity_poly_seq.entity_id 
_entity_poly_seq.num 
_entity_poly_seq.mon_id 
_entity_poly_seq.hetero 
1 1   SER n 
1 2   VAL n 
1 3   SER n 
1 4   LYS n 
1 5   THR n 
1 6   SER n 
1 7   GLN n 
1 8   THR n 
1 9   ASP n 
1 10  LYS n 
1 11  ASP n 
1 12  GLU n 
1 13  ASP n 
1 14  ASN n 
1 15  LEU n 
1 16  ASP n 
1 17  PHE n 
1 18  THR n 
1 19  LYS n 
1 20  ASN n 
1 21  LEU n 
1 22  LEU n 
1 23  THR n 
1 24  ARG n 
1 25  ILE n 
1 26  LYS n 
1 27  ASN n 
1 28  LEU n 
1 29  HIS n 
1 30  PRO n 
1 31  LEU n 
1 32  THR n 
1 33  ASN n 
1 34  LYS n 
1 35  SER n 
1 36  THR n 
1 37  ILE n 
1 38  HIS n 
1 39  SER n 
1 40  LEU n 
1 41  LEU n 
1 42  SER n 
1 43  TYR n 
1 44  VAL n 
1 45  PHE n 
1 46  SER n 
1 47  ARG n 
1 48  GLN n 
1 49  THR n 
1 50  GLN n 
1 51  ASN n 
1 52  ILE n 
1 53  ALA n 
1 54  CYS n 
1 55  GLU n 
1 56  PRO n 
1 57  MSE n 
1 58  TYR n 
1 59  ILE n 
1 60  ASP n 
1 61  TYR n 
1 62  ARG n 
1 63  LYS n 
1 64  ASP n 
1 65  GLU n 
1 66  THR n 
1 67  GLU n 
1 68  ALA n 
1 69  ILE n 
1 70  ILE n 
1 71  ARG n 
1 72  TRP n 
1 73  LYS n 
1 74  THR n 
1 75  PRO n 
1 76  LEU n 
1 77  HIS n 
1 78  ALA n 
1 79  GLU n 
1 80  THR n 
1 81  CYS n 
1 82  ILE n 
1 83  ASN n 
1 84  ALA n 
1 85  PHE n 
1 86  ARG n 
1 87  THR n 
1 88  GLN n 
1 89  GLU n 
1 90  ARG n 
1 91  LYS n 
1 92  GLN n 
1 93  ASN n 
1 94  SER n 
1 95  HIS n 
1 96  ASP n 
1 97  ASP n 
1 98  ILE n 
1 99  ARG n 
1 100 ALA n 
1 101 HIS n 
1 102 ARG n 
1 103 LYS n 
1 104 LYS n 
1 105 GLY n 
1 106 SER n 
1 107 SER n 
1 108 ARG n 
1 109 PRO n 
1 110 PHE n 
1 111 LEU n 
1 112 ILE n 
1 113 ALA n 
1 114 GLU n 
1 115 LEU n 
1 116 ILE n 
1 117 THR n 
1 118 GLY n 
1 119 GLU n 
1 120 GLU n 
1 121 GLU n 
1 122 LYS n 
1 123 ASN n 
1 124 TYR n 
1 125 TRP n 
1 126 ARG n 
1 127 MSE n 
1 128 LEU n 
1 129 LYS n 
1 130 LYS n 
# 
_entity_src_gen.entity_id                          1 
_entity_src_gen.pdbx_src_id                        1 
_entity_src_gen.pdbx_alt_source_flag               sample 
_entity_src_gen.pdbx_seq_type                      'Biological sequence' 
_entity_src_gen.pdbx_beg_seq_num                   1 
_entity_src_gen.pdbx_end_seq_num                   130 
_entity_src_gen.gene_src_common_name               'Fission yeast' 
_entity_src_gen.gene_src_genus                     ? 
_entity_src_gen.pdbx_gene_src_gene                 'pof8, SPAC17G6.17' 
_entity_src_gen.gene_src_species                   ? 
_entity_src_gen.gene_src_strain                    '972 / ATCC 24843' 
_entity_src_gen.gene_src_tissue                    ? 
_entity_src_gen.gene_src_tissue_fraction           ? 
_entity_src_gen.gene_src_details                   ? 
_entity_src_gen.pdbx_gene_src_fragment             ? 
_entity_src_gen.pdbx_gene_src_scientific_name      'Schizosaccharomyces pombe (strain 972 / ATCC 24843)' 
_entity_src_gen.pdbx_gene_src_ncbi_taxonomy_id     284812 
_entity_src_gen.pdbx_gene_src_variant              ? 
_entity_src_gen.pdbx_gene_src_cell_line            ? 
_entity_src_gen.pdbx_gene_src_atcc                 ? 
_entity_src_gen.pdbx_gene_src_organ                ? 
_entity_src_gen.pdbx_gene_src_organelle            ? 
_entity_src_gen.pdbx_gene_src_cell                 ? 
_entity_src_gen.pdbx_gene_src_cellular_location    ? 
_entity_src_gen.host_org_common_name               ? 
_entity_src_gen.pdbx_host_org_scientific_name      'Escherichia coli' 
_entity_src_gen.pdbx_host_org_ncbi_taxonomy_id     562 
_entity_src_gen.host_org_genus                     ? 
_entity_src_gen.pdbx_host_org_gene                 ? 
_entity_src_gen.pdbx_host_org_organ                ? 
_entity_src_gen.host_org_species                   ? 
_entity_src_gen.pdbx_host_org_tissue               ? 
_entity_src_gen.pdbx_host_org_tissue_fraction      ? 
_entity_src_gen.pdbx_host_org_strain               ? 
_entity_src_gen.pdbx_host_org_variant              ? 
_entity_src_gen.pdbx_host_org_cell_line            ? 
_entity_src_gen.pdbx_host_org_atcc                 ? 
_entity_src_gen.pdbx_host_org_culture_collection   ? 
_entity_src_gen.pdbx_host_org_cell                 ? 
_entity_src_gen.pdbx_host_org_organelle            ? 
_entity_src_gen.pdbx_host_org_cellular_location    ? 
_entity_src_gen.pdbx_host_org_vector_type          ? 
_entity_src_gen.pdbx_host_org_vector               ? 
_entity_src_gen.host_org_details                   ? 
_entity_src_gen.expression_system_id               ? 
_entity_src_gen.plasmid_name                       ? 
_entity_src_gen.plasmid_details                    ? 
_entity_src_gen.pdbx_description                   ? 
# 
loop_
_chem_comp.id 
_chem_comp.type 
_chem_comp.mon_nstd_flag 
_chem_comp.name 
_chem_comp.pdbx_synonyms 
_chem_comp.formula 
_chem_comp.formula_weight 
ALA 'L-peptide linking' y ALANINE          ? 'C3 H7 N O2'     89.093  
ARG 'L-peptide linking' y ARGININE         ? 'C6 H15 N4 O2 1' 175.209 
ASN 'L-peptide linking' y ASPARAGINE       ? 'C4 H8 N2 O3'    132.118 
ASP 'L-peptide linking' y 'ASPARTIC ACID'  ? 'C4 H7 N O4'     133.103 
CYS 'L-peptide linking' y CYSTEINE         ? 'C3 H7 N O2 S'   121.158 
GLN 'L-peptide linking' y GLUTAMINE        ? 'C5 H10 N2 O3'   146.144 
GLU 'L-peptide linking' y 'GLUTAMIC ACID'  ? 'C5 H9 N O4'     147.129 
GLY 'peptide linking'   y GLYCINE          ? 'C2 H5 N O2'     75.067  
HIS 'L-peptide linking' y HISTIDINE        ? 'C6 H10 N3 O2 1' 156.162 
HOH non-polymer         . WATER            ? 'H2 O'           18.015  
ILE 'L-peptide linking' y ISOLEUCINE       ? 'C6 H13 N O2'    131.173 
LEU 'L-peptide linking' y LEUCINE          ? 'C6 H13 N O2'    131.173 
LYS 'L-peptide linking' y LYSINE           ? 'C6 H15 N2 O2 1' 147.195 
MSE 'L-peptide linking' n SELENOMETHIONINE ? 'C5 H11 N O2 Se' 196.106 
NO3 non-polymer         . 'NITRATE ION'    ? 'N O3 -1'        62.005  
PHE 'L-peptide linking' y PHENYLALANINE    ? 'C9 H11 N O2'    165.189 
PRO 'L-peptide linking' y PROLINE          ? 'C5 H9 N O2'     115.130 
SER 'L-peptide linking' y SERINE           ? 'C3 H7 N O3'     105.093 
THR 'L-peptide linking' y THREONINE        ? 'C4 H9 N O3'     119.119 
TRP 'L-peptide linking' y TRYPTOPHAN       ? 'C11 H12 N2 O2'  204.225 
TYR 'L-peptide linking' y TYROSINE         ? 'C9 H11 N O3'    181.189 
VAL 'L-peptide linking' y VALINE           ? 'C5 H11 N O2'    117.146 
# 
loop_
_pdbx_poly_seq_scheme.asym_id 
_pdbx_poly_seq_scheme.entity_id 
_pdbx_poly_seq_scheme.seq_id 
_pdbx_poly_seq_scheme.mon_id 
_pdbx_poly_seq_scheme.ndb_seq_num 
_pdbx_poly_seq_scheme.pdb_seq_num 
_pdbx_poly_seq_scheme.auth_seq_num 
_pdbx_poly_seq_scheme.pdb_mon_id 
_pdbx_poly_seq_scheme.auth_mon_id 
_pdbx_poly_seq_scheme.pdb_strand_id 
_pdbx_poly_seq_scheme.pdb_ins_code 
_pdbx_poly_seq_scheme.hetero 
A 1 1   SER 1   273 ?   ?   ?   A . n 
A 1 2   VAL 2   274 ?   ?   ?   A . n 
A 1 3   SER 3   275 ?   ?   ?   A . n 
A 1 4   LYS 4   276 ?   ?   ?   A . n 
A 1 5   THR 5   277 ?   ?   ?   A . n 
A 1 6   SER 6   278 ?   ?   ?   A . n 
A 1 7   GLN 7   279 ?   ?   ?   A . n 
A 1 8   THR 8   280 ?   ?   ?   A . n 
A 1 9   ASP 9   281 ?   ?   ?   A . n 
A 1 10  LYS 10  282 ?   ?   ?   A . n 
A 1 11  ASP 11  283 ?   ?   ?   A . n 
A 1 12  GLU 12  284 ?   ?   ?   A . n 
A 1 13  ASP 13  285 ?   ?   ?   A . n 
A 1 14  ASN 14  286 ?   ?   ?   A . n 
A 1 15  LEU 15  287 287 LEU LEU A . n 
A 1 16  ASP 16  288 288 ASP ASP A . n 
A 1 17  PHE 17  289 289 PHE PHE A . n 
A 1 18  THR 18  290 290 THR THR A . n 
A 1 19  LYS 19  291 291 LYS LYS A . n 
A 1 20  ASN 20  292 292 ASN ASN A . n 
A 1 21  LEU 21  293 293 LEU LEU A . n 
A 1 22  LEU 22  294 294 LEU LEU A . n 
A 1 23  THR 23  295 295 THR THR A . n 
A 1 24  ARG 24  296 296 ARG ARG A . n 
A 1 25  ILE 25  297 297 ILE ILE A . n 
A 1 26  LYS 26  298 298 LYS LYS A . n 
A 1 27  ASN 27  299 299 ASN ASN A . n 
A 1 28  LEU 28  300 300 LEU LEU A . n 
A 1 29  HIS 29  301 301 HIS HIS A . n 
A 1 30  PRO 30  302 302 PRO PRO A . n 
A 1 31  LEU 31  303 303 LEU LEU A . n 
A 1 32  THR 32  304 304 THR THR A . n 
A 1 33  ASN 33  305 305 ASN ASN A . n 
A 1 34  LYS 34  306 306 LYS LYS A . n 
A 1 35  SER 35  307 307 SER SER A . n 
A 1 36  THR 36  308 308 THR THR A . n 
A 1 37  ILE 37  309 309 ILE ILE A . n 
A 1 38  HIS 38  310 310 HIS HIS A . n 
A 1 39  SER 39  311 311 SER SER A . n 
A 1 40  LEU 40  312 312 LEU LEU A . n 
A 1 41  LEU 41  313 313 LEU LEU A . n 
A 1 42  SER 42  314 314 SER SER A . n 
A 1 43  TYR 43  315 315 TYR TYR A . n 
A 1 44  VAL 44  316 316 VAL VAL A . n 
A 1 45  PHE 45  317 317 PHE PHE A . n 
A 1 46  SER 46  318 318 SER SER A . n 
A 1 47  ARG 47  319 319 ARG ARG A . n 
A 1 48  GLN 48  320 320 GLN GLN A . n 
A 1 49  THR 49  321 321 THR THR A . n 
A 1 50  GLN 50  322 322 GLN GLN A . n 
A 1 51  ASN 51  323 323 ASN ASN A . n 
A 1 52  ILE 52  324 324 ILE ILE A . n 
A 1 53  ALA 53  325 325 ALA ALA A . n 
A 1 54  CYS 54  326 326 CYS CYS A . n 
A 1 55  GLU 55  327 327 GLU GLU A . n 
A 1 56  PRO 56  328 328 PRO PRO A . n 
A 1 57  MSE 57  329 329 MSE MSE A . n 
A 1 58  TYR 58  330 330 TYR TYR A . n 
A 1 59  ILE 59  331 331 ILE ILE A . n 
A 1 60  ASP 60  332 332 ASP ASP A . n 
A 1 61  TYR 61  333 333 TYR TYR A . n 
A 1 62  ARG 62  334 334 ARG ARG A . n 
A 1 63  LYS 63  335 335 LYS LYS A . n 
A 1 64  ASP 64  336 336 ASP ASP A . n 
A 1 65  GLU 65  337 337 GLU GLU A . n 
A 1 66  THR 66  338 338 THR THR A . n 
A 1 67  GLU 67  339 339 GLU GLU A . n 
A 1 68  ALA 68  340 340 ALA ALA A . n 
A 1 69  ILE 69  341 341 ILE ILE A . n 
A 1 70  ILE 70  342 342 ILE ILE A . n 
A 1 71  ARG 71  343 343 ARG ARG A . n 
A 1 72  TRP 72  344 344 TRP TRP A . n 
A 1 73  LYS 73  345 345 LYS LYS A . n 
A 1 74  THR 74  346 346 THR THR A . n 
A 1 75  PRO 75  347 347 PRO PRO A . n 
A 1 76  LEU 76  348 348 LEU LEU A . n 
A 1 77  HIS 77  349 349 HIS HIS A . n 
A 1 78  ALA 78  350 350 ALA ALA A . n 
A 1 79  GLU 79  351 351 GLU GLU A . n 
A 1 80  THR 80  352 352 THR THR A . n 
A 1 81  CYS 81  353 353 CYS CYS A . n 
A 1 82  ILE 82  354 354 ILE ILE A . n 
A 1 83  ASN 83  355 355 ASN ASN A . n 
A 1 84  ALA 84  356 356 ALA ALA A . n 
A 1 85  PHE 85  357 357 PHE PHE A . n 
A 1 86  ARG 86  358 358 ARG ARG A . n 
A 1 87  THR 87  359 359 THR THR A . n 
A 1 88  GLN 88  360 360 GLN GLN A . n 
A 1 89  GLU 89  361 361 GLU GLU A . n 
A 1 90  ARG 90  362 362 ARG ARG A . n 
A 1 91  LYS 91  363 363 LYS LYS A . n 
A 1 92  GLN 92  364 364 GLN GLN A . n 
A 1 93  ASN 93  365 365 ASN ASN A . n 
A 1 94  SER 94  366 366 SER SER A . n 
A 1 95  HIS 95  367 367 HIS HIS A . n 
A 1 96  ASP 96  368 368 ASP ASP A . n 
A 1 97  ASP 97  369 369 ASP ASP A . n 
A 1 98  ILE 98  370 370 ILE ILE A . n 
A 1 99  ARG 99  371 371 ARG ARG A . n 
A 1 100 ALA 100 372 372 ALA ALA A . n 
A 1 101 HIS 101 373 373 HIS HIS A . n 
A 1 102 ARG 102 374 374 ARG ARG A . n 
A 1 103 LYS 103 375 375 LYS LYS A . n 
A 1 104 LYS 104 376 376 LYS LYS A . n 
A 1 105 GLY 105 377 377 GLY GLY A . n 
A 1 106 SER 106 378 378 SER SER A . n 
A 1 107 SER 107 379 379 SER SER A . n 
A 1 108 ARG 108 380 380 ARG ARG A . n 
A 1 109 PRO 109 381 381 PRO PRO A . n 
A 1 110 PHE 110 382 382 PHE PHE A . n 
A 1 111 LEU 111 383 383 LEU LEU A . n 
A 1 112 ILE 112 384 384 ILE ILE A . n 
A 1 113 ALA 113 385 385 ALA ALA A . n 
A 1 114 GLU 114 386 386 GLU GLU A . n 
A 1 115 LEU 115 387 387 LEU LEU A . n 
A 1 116 ILE 116 388 388 ILE ILE A . n 
A 1 117 THR 117 389 389 THR THR A . n 
A 1 118 GLY 118 390 390 GLY GLY A . n 
A 1 119 GLU 119 391 391 GLU GLU A . n 
A 1 120 GLU 120 392 392 GLU GLU A . n 
A 1 121 GLU 121 393 393 GLU GLU A . n 
A 1 122 LYS 122 394 394 LYS LYS A . n 
A 1 123 ASN 123 395 395 ASN ASN A . n 
A 1 124 TYR 124 396 396 TYR TYR A . n 
A 1 125 TRP 125 397 397 TRP TRP A . n 
A 1 126 ARG 126 398 398 ARG ARG A . n 
A 1 127 MSE 127 399 399 MSE MSE A . n 
A 1 128 LEU 128 400 400 LEU LEU A . n 
A 1 129 LYS 129 401 401 LYS LYS A . n 
A 1 130 LYS 130 402 402 LYS LYS A . n 
# 
loop_
_pdbx_nonpoly_scheme.asym_id 
_pdbx_nonpoly_scheme.entity_id 
_pdbx_nonpoly_scheme.mon_id 
_pdbx_nonpoly_scheme.ndb_seq_num 
_pdbx_nonpoly_scheme.pdb_seq_num 
_pdbx_nonpoly_scheme.auth_seq_num 
_pdbx_nonpoly_scheme.pdb_mon_id 
_pdbx_nonpoly_scheme.auth_mon_id 
_pdbx_nonpoly_scheme.pdb_strand_id 
_pdbx_nonpoly_scheme.pdb_ins_code 
B 2 NO3 1   501 1   NO3 NO3 A . 
C 3 HOH 1   601 165 HOH HOH A . 
C 3 HOH 2   602 32  HOH HOH A . 
C 3 HOH 3   603 65  HOH HOH A . 
C 3 HOH 4   604 74  HOH HOH A . 
C 3 HOH 5   605 128 HOH HOH A . 
C 3 HOH 6   606 86  HOH HOH A . 
C 3 HOH 7   607 79  HOH HOH A . 
C 3 HOH 8   608 153 HOH HOH A . 
C 3 HOH 9   609 68  HOH HOH A . 
C 3 HOH 10  610 61  HOH HOH A . 
C 3 HOH 11  611 56  HOH HOH A . 
C 3 HOH 12  612 44  HOH HOH A . 
C 3 HOH 13  613 111 HOH HOH A . 
C 3 HOH 14  614 106 HOH HOH A . 
C 3 HOH 15  615 105 HOH HOH A . 
C 3 HOH 16  616 122 HOH HOH A . 
C 3 HOH 17  617 83  HOH HOH A . 
C 3 HOH 18  618 73  HOH HOH A . 
C 3 HOH 19  619 70  HOH HOH A . 
C 3 HOH 20  620 57  HOH HOH A . 
C 3 HOH 21  621 107 HOH HOH A . 
C 3 HOH 22  622 91  HOH HOH A . 
C 3 HOH 23  623 58  HOH HOH A . 
C 3 HOH 24  624 151 HOH HOH A . 
C 3 HOH 25  625 92  HOH HOH A . 
C 3 HOH 26  626 77  HOH HOH A . 
C 3 HOH 27  627 123 HOH HOH A . 
C 3 HOH 28  628 62  HOH HOH A . 
C 3 HOH 29  629 69  HOH HOH A . 
C 3 HOH 30  630 178 HOH HOH A . 
C 3 HOH 31  631 138 HOH HOH A . 
C 3 HOH 32  632 34  HOH HOH A . 
C 3 HOH 33  633 137 HOH HOH A . 
C 3 HOH 34  634 156 HOH HOH A . 
C 3 HOH 35  635 72  HOH HOH A . 
C 3 HOH 36  636 1   HOH HOH A . 
C 3 HOH 37  637 159 HOH HOH A . 
C 3 HOH 38  638 55  HOH HOH A . 
C 3 HOH 39  639 131 HOH HOH A . 
C 3 HOH 40  640 35  HOH HOH A . 
C 3 HOH 41  641 8   HOH HOH A . 
C 3 HOH 42  642 15  HOH HOH A . 
C 3 HOH 43  643 9   HOH HOH A . 
C 3 HOH 44  644 149 HOH HOH A . 
C 3 HOH 45  645 42  HOH HOH A . 
C 3 HOH 46  646 75  HOH HOH A . 
C 3 HOH 47  647 36  HOH HOH A . 
C 3 HOH 48  648 148 HOH HOH A . 
C 3 HOH 49  649 38  HOH HOH A . 
C 3 HOH 50  650 27  HOH HOH A . 
C 3 HOH 51  651 116 HOH HOH A . 
C 3 HOH 52  652 157 HOH HOH A . 
C 3 HOH 53  653 118 HOH HOH A . 
C 3 HOH 54  654 113 HOH HOH A . 
C 3 HOH 55  655 18  HOH HOH A . 
C 3 HOH 56  656 3   HOH HOH A . 
C 3 HOH 57  657 17  HOH HOH A . 
C 3 HOH 58  658 78  HOH HOH A . 
C 3 HOH 59  659 10  HOH HOH A . 
C 3 HOH 60  660 54  HOH HOH A . 
C 3 HOH 61  661 7   HOH HOH A . 
C 3 HOH 62  662 40  HOH HOH A . 
C 3 HOH 63  663 46  HOH HOH A . 
C 3 HOH 64  664 182 HOH HOH A . 
C 3 HOH 65  665 16  HOH HOH A . 
C 3 HOH 66  666 12  HOH HOH A . 
C 3 HOH 67  667 152 HOH HOH A . 
C 3 HOH 68  668 64  HOH HOH A . 
C 3 HOH 69  669 53  HOH HOH A . 
C 3 HOH 70  670 109 HOH HOH A . 
C 3 HOH 71  671 47  HOH HOH A . 
C 3 HOH 72  672 135 HOH HOH A . 
C 3 HOH 73  673 28  HOH HOH A . 
C 3 HOH 74  674 60  HOH HOH A . 
C 3 HOH 75  675 52  HOH HOH A . 
C 3 HOH 76  676 30  HOH HOH A . 
C 3 HOH 77  677 82  HOH HOH A . 
C 3 HOH 78  678 21  HOH HOH A . 
C 3 HOH 79  679 71  HOH HOH A . 
C 3 HOH 80  680 85  HOH HOH A . 
C 3 HOH 81  681 158 HOH HOH A . 
C 3 HOH 82  682 20  HOH HOH A . 
C 3 HOH 83  683 29  HOH HOH A . 
C 3 HOH 84  684 88  HOH HOH A . 
C 3 HOH 85  685 110 HOH HOH A . 
C 3 HOH 86  686 48  HOH HOH A . 
C 3 HOH 87  687 66  HOH HOH A . 
C 3 HOH 88  688 99  HOH HOH A . 
C 3 HOH 89  689 43  HOH HOH A . 
C 3 HOH 90  690 108 HOH HOH A . 
C 3 HOH 91  691 23  HOH HOH A . 
C 3 HOH 92  692 81  HOH HOH A . 
C 3 HOH 93  693 100 HOH HOH A . 
C 3 HOH 94  694 180 HOH HOH A . 
C 3 HOH 95  695 87  HOH HOH A . 
C 3 HOH 96  696 84  HOH HOH A . 
C 3 HOH 97  697 130 HOH HOH A . 
C 3 HOH 98  698 119 HOH HOH A . 
C 3 HOH 99  699 45  HOH HOH A . 
C 3 HOH 100 700 95  HOH HOH A . 
C 3 HOH 101 701 14  HOH HOH A . 
C 3 HOH 102 702 39  HOH HOH A . 
C 3 HOH 103 703 31  HOH HOH A . 
C 3 HOH 104 704 134 HOH HOH A . 
C 3 HOH 105 705 2   HOH HOH A . 
C 3 HOH 106 706 33  HOH HOH A . 
C 3 HOH 107 707 133 HOH HOH A . 
C 3 HOH 108 708 90  HOH HOH A . 
C 3 HOH 109 709 161 HOH HOH A . 
C 3 HOH 110 710 11  HOH HOH A . 
C 3 HOH 111 711 37  HOH HOH A . 
C 3 HOH 112 712 103 HOH HOH A . 
C 3 HOH 113 713 49  HOH HOH A . 
C 3 HOH 114 714 50  HOH HOH A . 
C 3 HOH 115 715 22  HOH HOH A . 
C 3 HOH 116 716 59  HOH HOH A . 
C 3 HOH 117 717 13  HOH HOH A . 
C 3 HOH 118 718 96  HOH HOH A . 
C 3 HOH 119 719 179 HOH HOH A . 
C 3 HOH 120 720 117 HOH HOH A . 
C 3 HOH 121 721 4   HOH HOH A . 
C 3 HOH 122 722 25  HOH HOH A . 
C 3 HOH 123 723 5   HOH HOH A . 
C 3 HOH 124 724 150 HOH HOH A . 
C 3 HOH 125 725 26  HOH HOH A . 
C 3 HOH 126 726 142 HOH HOH A . 
C 3 HOH 127 727 163 HOH HOH A . 
C 3 HOH 128 728 41  HOH HOH A . 
C 3 HOH 129 729 6   HOH HOH A . 
C 3 HOH 130 730 24  HOH HOH A . 
C 3 HOH 131 731 112 HOH HOH A . 
C 3 HOH 132 732 51  HOH HOH A . 
C 3 HOH 133 733 155 HOH HOH A . 
C 3 HOH 134 734 166 HOH HOH A . 
C 3 HOH 135 735 125 HOH HOH A . 
C 3 HOH 136 736 184 HOH HOH A . 
C 3 HOH 137 737 127 HOH HOH A . 
C 3 HOH 138 738 80  HOH HOH A . 
C 3 HOH 139 739 175 HOH HOH A . 
C 3 HOH 140 740 19  HOH HOH A . 
C 3 HOH 141 741 185 HOH HOH A . 
C 3 HOH 142 742 98  HOH HOH A . 
C 3 HOH 143 743 139 HOH HOH A . 
C 3 HOH 144 744 136 HOH HOH A . 
C 3 HOH 145 745 114 HOH HOH A . 
C 3 HOH 146 746 94  HOH HOH A . 
C 3 HOH 147 747 115 HOH HOH A . 
C 3 HOH 148 748 124 HOH HOH A . 
C 3 HOH 149 749 89  HOH HOH A . 
C 3 HOH 150 750 76  HOH HOH A . 
C 3 HOH 151 751 145 HOH HOH A . 
C 3 HOH 152 752 132 HOH HOH A . 
C 3 HOH 153 753 121 HOH HOH A . 
C 3 HOH 154 754 101 HOH HOH A . 
C 3 HOH 155 755 177 HOH HOH A . 
C 3 HOH 156 756 93  HOH HOH A . 
C 3 HOH 157 757 144 HOH HOH A . 
C 3 HOH 158 758 97  HOH HOH A . 
C 3 HOH 159 759 146 HOH HOH A . 
C 3 HOH 160 760 172 HOH HOH A . 
C 3 HOH 161 761 67  HOH HOH A . 
C 3 HOH 162 762 170 HOH HOH A . 
C 3 HOH 163 763 129 HOH HOH A . 
C 3 HOH 164 764 143 HOH HOH A . 
C 3 HOH 165 765 141 HOH HOH A . 
C 3 HOH 166 766 63  HOH HOH A . 
C 3 HOH 167 767 176 HOH HOH A . 
C 3 HOH 168 768 104 HOH HOH A . 
C 3 HOH 169 769 174 HOH HOH A . 
C 3 HOH 170 770 120 HOH HOH A . 
# 
loop_
_software.citation_id 
_software.classification 
_software.compiler_name 
_software.compiler_version 
_software.contact_author 
_software.contact_author_email 
_software.date 
_software.description 
_software.dependencies 
_software.hardware 
_software.language 
_software.location 
_software.mods 
_software.name 
_software.os 
_software.os_version 
_software.type 
_software.version 
_software.pdbx_ordinal 
? 'data scaling'    ? ? ? ? ? ? ? ? ? ? ? HKL-2000    ? ? ? .        1 
? refinement        ? ? ? ? ? ? ? ? ? ? ? REFMAC      ? ? ? 5.8.0238 2 
? 'data extraction' ? ? ? ? ? ? ? ? ? ? ? PDB_EXTRACT ? ? ? 3.25     3 
? 'data reduction'  ? ? ? ? ? ? ? ? ? ? ? HKL-2000    ? ? ? .        4 
? phasing           ? ? ? ? ? ? ? ? ? ? ? SHELXDE     ? ? ? .        5 
# 
_cell.angle_alpha                  90.000 
_cell.angle_alpha_esd              ? 
_cell.angle_beta                   90.000 
_cell.angle_beta_esd               ? 
_cell.angle_gamma                  120.000 
_cell.angle_gamma_esd              ? 
_cell.entry_id                     6U7V 
_cell.details                      ? 
_cell.formula_units_Z              ? 
_cell.length_a                     57.672 
_cell.length_a_esd                 ? 
_cell.length_b                     57.672 
_cell.length_b_esd                 ? 
_cell.length_c                     71.014 
_cell.length_c_esd                 ? 
_cell.volume                       ? 
_cell.volume_esd                   ? 
_cell.Z_PDB                        6 
_cell.reciprocal_angle_alpha       ? 
_cell.reciprocal_angle_beta        ? 
_cell.reciprocal_angle_gamma       ? 
_cell.reciprocal_angle_alpha_esd   ? 
_cell.reciprocal_angle_beta_esd    ? 
_cell.reciprocal_angle_gamma_esd   ? 
_cell.reciprocal_length_a          ? 
_cell.reciprocal_length_b          ? 
_cell.reciprocal_length_c          ? 
_cell.reciprocal_length_a_esd      ? 
_cell.reciprocal_length_b_esd      ? 
_cell.reciprocal_length_c_esd      ? 
_cell.pdbx_unique_axis             ? 
# 
_symmetry.entry_id                         6U7V 
_symmetry.cell_setting                     ? 
_symmetry.Int_Tables_number                152 
_symmetry.space_group_name_Hall            ? 
_symmetry.space_group_name_H-M             'P 31 2 1' 
_symmetry.pdbx_full_space_group_name_H-M   ? 
# 
_exptl.absorpt_coefficient_mu     ? 
_exptl.absorpt_correction_T_max   ? 
_exptl.absorpt_correction_T_min   ? 
_exptl.absorpt_correction_type    ? 
_exptl.absorpt_process_details    ? 
_exptl.entry_id                   6U7V 
_exptl.crystals_number            1 
_exptl.details                    ? 
_exptl.method                     'X-RAY DIFFRACTION' 
_exptl.method_details             ? 
# 
_exptl_crystal.colour                      ? 
_exptl_crystal.density_diffrn              ? 
_exptl_crystal.density_Matthews            2.21 
_exptl_crystal.density_method              ? 
_exptl_crystal.density_percent_sol         44.46 
_exptl_crystal.description                 ? 
_exptl_crystal.F_000                       ? 
_exptl_crystal.id                          1 
_exptl_crystal.preparation                 ? 
_exptl_crystal.size_max                    ? 
_exptl_crystal.size_mid                    ? 
_exptl_crystal.size_min                    ? 
_exptl_crystal.size_rad                    ? 
_exptl_crystal.colour_lustre               ? 
_exptl_crystal.colour_modifier             ? 
_exptl_crystal.colour_primary              ? 
_exptl_crystal.density_meas                ? 
_exptl_crystal.density_meas_esd            ? 
_exptl_crystal.density_meas_gt             ? 
_exptl_crystal.density_meas_lt             ? 
_exptl_crystal.density_meas_temp           ? 
_exptl_crystal.density_meas_temp_esd       ? 
_exptl_crystal.density_meas_temp_gt        ? 
_exptl_crystal.density_meas_temp_lt        ? 
_exptl_crystal.pdbx_crystal_image_url      ? 
_exptl_crystal.pdbx_crystal_image_format   ? 
_exptl_crystal.pdbx_mosaicity              ? 
_exptl_crystal.pdbx_mosaicity_esd          ? 
# 
_exptl_crystal_grow.apparatus       ? 
_exptl_crystal_grow.atmosphere      ? 
_exptl_crystal_grow.crystal_id      1 
_exptl_crystal_grow.details         ? 
_exptl_crystal_grow.method          'VAPOR DIFFUSION, HANGING DROP' 
_exptl_crystal_grow.method_ref      ? 
_exptl_crystal_grow.pH              ? 
_exptl_crystal_grow.pressure        ? 
_exptl_crystal_grow.pressure_esd    ? 
_exptl_crystal_grow.seeding         ? 
_exptl_crystal_grow.seeding_ref     ? 
_exptl_crystal_grow.temp            290 
_exptl_crystal_grow.temp_details    ? 
_exptl_crystal_grow.temp_esd        ? 
_exptl_crystal_grow.time            ? 
_exptl_crystal_grow.pdbx_details    '19-21.5% PEG3350, 50 mM Hepes pH 7.5, 90-110 mM Na Nitrate for Se-Met' 
_exptl_crystal_grow.pdbx_pH_range   ? 
# 
_diffrn.ambient_environment              ? 
_diffrn.ambient_temp                     100 
_diffrn.ambient_temp_details             ? 
_diffrn.ambient_temp_esd                 ? 
_diffrn.crystal_id                       1 
_diffrn.crystal_support                  ? 
_diffrn.crystal_treatment                ? 
_diffrn.details                          ? 
_diffrn.id                               1 
_diffrn.ambient_pressure                 ? 
_diffrn.ambient_pressure_esd             ? 
_diffrn.ambient_pressure_gt              ? 
_diffrn.ambient_pressure_lt              ? 
_diffrn.ambient_temp_gt                  ? 
_diffrn.ambient_temp_lt                  ? 
_diffrn.pdbx_serial_crystal_experiment   N 
# 
_diffrn_detector.details                      ? 
_diffrn_detector.detector                     CCD 
_diffrn_detector.diffrn_id                    1 
_diffrn_detector.type                         'ADSC QUANTUM 315' 
_diffrn_detector.area_resol_mean              ? 
_diffrn_detector.dtime                        ? 
_diffrn_detector.pdbx_frames_total            ? 
_diffrn_detector.pdbx_collection_time_total   ? 
_diffrn_detector.pdbx_collection_date         2014-05-01 
_diffrn_detector.pdbx_frequency               ? 
# 
_diffrn_radiation.collimation                      ? 
_diffrn_radiation.diffrn_id                        1 
_diffrn_radiation.filter_edge                      ? 
_diffrn_radiation.inhomogeneity                    ? 
_diffrn_radiation.monochromator                    ? 
_diffrn_radiation.polarisn_norm                    ? 
_diffrn_radiation.polarisn_ratio                   ? 
_diffrn_radiation.probe                            ? 
_diffrn_radiation.type                             ? 
_diffrn_radiation.xray_symbol                      ? 
_diffrn_radiation.wavelength_id                    1 
_diffrn_radiation.pdbx_monochromatic_or_laue_m_l   M 
_diffrn_radiation.pdbx_wavelength_list             ? 
_diffrn_radiation.pdbx_wavelength                  ? 
_diffrn_radiation.pdbx_diffrn_protocol             MAD 
_diffrn_radiation.pdbx_analyzer                    ? 
_diffrn_radiation.pdbx_scattering_type             x-ray 
# 
loop_
_diffrn_radiation_wavelength.id 
_diffrn_radiation_wavelength.wavelength 
_diffrn_radiation_wavelength.wt 
1 0.97932 1.0 
2 0.97600 1.0 
3 1.37755 1.0 
# 
_diffrn_source.current                     ? 
_diffrn_source.details                     ? 
_diffrn_source.diffrn_id                   1 
_diffrn_source.power                       ? 
_diffrn_source.size                        ? 
_diffrn_source.source                      SYNCHROTRON 
_diffrn_source.target                      ? 
_diffrn_source.type                        'SSRL BEAMLINE BL7-1' 
_diffrn_source.voltage                     ? 
_diffrn_source.take-off_angle              ? 
_diffrn_source.pdbx_wavelength_list        '0.97932, 0.97600, 1.37755' 
_diffrn_source.pdbx_wavelength             ? 
_diffrn_source.pdbx_synchrotron_beamline   BL7-1 
_diffrn_source.pdbx_synchrotron_site       SSRL 
# 
_reflns.B_iso_Wilson_estimate            ? 
_reflns.entry_id                         6U7V 
_reflns.data_reduction_details           ? 
_reflns.data_reduction_method            ? 
_reflns.d_resolution_high                1.400 
_reflns.d_resolution_low                 50.000 
_reflns.details                          ? 
_reflns.limit_h_max                      ? 
_reflns.limit_h_min                      ? 
_reflns.limit_k_max                      ? 
_reflns.limit_k_min                      ? 
_reflns.limit_l_max                      ? 
_reflns.limit_l_min                      ? 
_reflns.number_all                       ? 
_reflns.number_obs                       27356 
_reflns.observed_criterion               ? 
_reflns.observed_criterion_F_max         ? 
_reflns.observed_criterion_F_min         ? 
_reflns.observed_criterion_I_max         ? 
_reflns.observed_criterion_I_min         ? 
_reflns.observed_criterion_sigma_F       ? 
_reflns.observed_criterion_sigma_I       ? 
_reflns.percent_possible_obs             99.700 
_reflns.R_free_details                   ? 
_reflns.Rmerge_F_all                     ? 
_reflns.Rmerge_F_obs                     ? 
_reflns.Friedel_coverage                 ? 
_reflns.number_gt                        ? 
_reflns.threshold_expression             ? 
_reflns.pdbx_redundancy                  8.700 
_reflns.pdbx_Rmerge_I_obs                0.041 
_reflns.pdbx_Rmerge_I_all                ? 
_reflns.pdbx_Rsym_value                  ? 
_reflns.pdbx_netI_over_av_sigmaI         ? 
_reflns.pdbx_netI_over_sigmaI            23.400 
_reflns.pdbx_res_netI_over_av_sigmaI_2   ? 
_reflns.pdbx_res_netI_over_sigmaI_2      ? 
_reflns.pdbx_chi_squared                 1.843 
_reflns.pdbx_scaling_rejects             ? 
_reflns.pdbx_d_res_high_opt              ? 
_reflns.pdbx_d_res_low_opt               ? 
_reflns.pdbx_d_res_opt_method            ? 
_reflns.phase_calculation_details        ? 
_reflns.pdbx_Rrim_I_all                  0.043 
_reflns.pdbx_Rpim_I_all                  0.015 
_reflns.pdbx_d_opt                       ? 
_reflns.pdbx_number_measured_all         237237 
_reflns.pdbx_diffrn_id                   1 
_reflns.pdbx_ordinal                     1 
_reflns.pdbx_CC_half                     ? 
_reflns.pdbx_R_split                     ? 
# 
loop_
_reflns_shell.d_res_high 
_reflns_shell.d_res_low 
_reflns_shell.meanI_over_sigI_all 
_reflns_shell.meanI_over_sigI_obs 
_reflns_shell.number_measured_all 
_reflns_shell.number_measured_obs 
_reflns_shell.number_possible 
_reflns_shell.number_unique_all 
_reflns_shell.number_unique_obs 
_reflns_shell.percent_possible_all 
_reflns_shell.percent_possible_obs 
_reflns_shell.Rmerge_F_all 
_reflns_shell.Rmerge_F_obs 
_reflns_shell.Rmerge_I_all 
_reflns_shell.Rmerge_I_obs 
_reflns_shell.meanI_over_sigI_gt 
_reflns_shell.meanI_over_uI_all 
_reflns_shell.meanI_over_uI_gt 
_reflns_shell.number_measured_gt 
_reflns_shell.number_unique_gt 
_reflns_shell.percent_possible_gt 
_reflns_shell.Rmerge_F_gt 
_reflns_shell.Rmerge_I_gt 
_reflns_shell.pdbx_redundancy 
_reflns_shell.pdbx_Rsym_value 
_reflns_shell.pdbx_chi_squared 
_reflns_shell.pdbx_netI_over_sigmaI_all 
_reflns_shell.pdbx_netI_over_sigmaI_obs 
_reflns_shell.pdbx_Rrim_I_all 
_reflns_shell.pdbx_Rpim_I_all 
_reflns_shell.pdbx_rejects 
_reflns_shell.pdbx_ordinal 
_reflns_shell.pdbx_diffrn_id 
_reflns_shell.pdbx_CC_half 
_reflns_shell.pdbx_R_split 
1.400 1.420  ? ? ? ? ? ? 1353 100.000 ? ? ? ? 0.432 ? ? ? ? ? ? ? ? 8.600 ? 1.428 ? ? 0.459 0.156 ? 1  1 0.926 ? 
1.420 1.450  ? ? ? ? ? ? 1341 100.000 ? ? ? ? 0.360 ? ? ? ? ? ? ? ? 8.700 ? 1.410 ? ? 0.382 0.128 ? 2  1 0.954 ? 
1.450 1.480  ? ? ? ? ? ? 1351 100.000 ? ? ? ? 0.309 ? ? ? ? ? ? ? ? 8.700 ? 1.430 ? ? 0.328 0.110 ? 3  1 0.967 ? 
1.480 1.510  ? ? ? ? ? ? 1338 100.000 ? ? ? ? 0.246 ? ? ? ? ? ? ? ? 8.800 ? 1.485 ? ? 0.262 0.088 ? 4  1 0.978 ? 
1.510 1.540  ? ? ? ? ? ? 1349 100.000 ? ? ? ? 0.207 ? ? ? ? ? ? ? ? 8.800 ? 1.451 ? ? 0.220 0.074 ? 5  1 0.984 ? 
1.540 1.580  ? ? ? ? ? ? 1373 100.000 ? ? ? ? 0.174 ? ? ? ? ? ? ? ? 8.800 ? 1.456 ? ? 0.185 0.062 ? 6  1 0.988 ? 
1.580 1.620  ? ? ? ? ? ? 1355 100.000 ? ? ? ? 0.143 ? ? ? ? ? ? ? ? 8.800 ? 1.525 ? ? 0.152 0.051 ? 7  1 0.993 ? 
1.620 1.660  ? ? ? ? ? ? 1348 100.000 ? ? ? ? 0.128 ? ? ? ? ? ? ? ? 8.800 ? 1.503 ? ? 0.136 0.045 ? 8  1 0.994 ? 
1.660 1.710  ? ? ? ? ? ? 1356 100.000 ? ? ? ? 0.108 ? ? ? ? ? ? ? ? 8.800 ? 1.515 ? ? 0.115 0.038 ? 9  1 0.995 ? 
1.710 1.760  ? ? ? ? ? ? 1359 100.000 ? ? ? ? 0.087 ? ? ? ? ? ? ? ? 8.900 ? 1.507 ? ? 0.093 0.031 ? 10 1 0.997 ? 
1.760 1.830  ? ? ? ? ? ? 1380 100.000 ? ? ? ? 0.070 ? ? ? ? ? ? ? ? 8.800 ? 1.531 ? ? 0.074 0.025 ? 11 1 0.999 ? 
1.830 1.900  ? ? ? ? ? ? 1343 100.000 ? ? ? ? 0.059 ? ? ? ? ? ? ? ? 8.800 ? 1.639 ? ? 0.063 0.021 ? 12 1 0.998 ? 
1.900 1.990  ? ? ? ? ? ? 1385 100.000 ? ? ? ? 0.049 ? ? ? ? ? ? ? ? 8.800 ? 1.675 ? ? 0.052 0.017 ? 13 1 0.999 ? 
1.990 2.090  ? ? ? ? ? ? 1363 99.900  ? ? ? ? 0.039 ? ? ? ? ? ? ? ? 8.800 ? 1.627 ? ? 0.042 0.014 ? 14 1 0.999 ? 
2.090 2.220  ? ? ? ? ? ? 1389 100.000 ? ? ? ? 0.035 ? ? ? ? ? ? ? ? 8.800 ? 1.631 ? ? 0.037 0.012 ? 15 1 0.999 ? 
2.220 2.390  ? ? ? ? ? ? 1364 100.000 ? ? ? ? 0.035 ? ? ? ? ? ? ? ? 8.700 ? 2.062 ? ? 0.037 0.012 ? 16 1 0.999 ? 
2.390 2.630  ? ? ? ? ? ? 1400 100.000 ? ? ? ? 0.042 ? ? ? ? ? ? ? ? 8.600 ? 3.074 ? ? 0.044 0.015 ? 17 1 0.999 ? 
2.630 3.020  ? ? ? ? ? ? 1387 99.900  ? ? ? ? 0.035 ? ? ? ? ? ? ? ? 8.500 ? 3.063 ? ? 0.038 0.013 ? 18 1 0.999 ? 
3.020 3.800  ? ? ? ? ? ? 1414 99.700  ? ? ? ? 0.023 ? ? ? ? ? ? ? ? 8.100 ? 2.077 ? ? 0.025 0.009 ? 19 1 1.000 ? 
3.800 50.000 ? ? ? ? ? ? 1408 94.000  ? ? ? ? 0.028 ? ? ? ? ? ? ? ? 7.900 ? 3.955 ? ? 0.030 0.011 ? 20 1 0.999 ? 
# 
_refine.aniso_B[1][1]                            0.0100 
_refine.aniso_B[1][2]                            0.0000 
_refine.aniso_B[1][3]                            0.0000 
_refine.aniso_B[2][2]                            0.0100 
_refine.aniso_B[2][3]                            -0.0000 
_refine.aniso_B[3][3]                            -0.0200 
_refine.B_iso_max                                79.180 
_refine.B_iso_mean                               18.9030 
_refine.B_iso_min                                7.070 
_refine.correlation_coeff_Fo_to_Fc               0.9660 
_refine.correlation_coeff_Fo_to_Fc_free          0.9560 
_refine.details                                  
'HYDROGENS HAVE BEEN ADDED IN THE RIDING POSITIONS U VALUES      : REFINED INDIVIDUALLY' 
_refine.diff_density_max                         ? 
_refine.diff_density_max_esd                     ? 
_refine.diff_density_min                         ? 
_refine.diff_density_min_esd                     ? 
_refine.diff_density_rms                         ? 
_refine.diff_density_rms_esd                     ? 
_refine.entry_id                                 6U7V 
_refine.pdbx_refine_id                           'X-RAY DIFFRACTION' 
_refine.ls_abs_structure_details                 ? 
_refine.ls_abs_structure_Flack                   ? 
_refine.ls_abs_structure_Flack_esd               ? 
_refine.ls_abs_structure_Rogers                  ? 
_refine.ls_abs_structure_Rogers_esd              ? 
_refine.ls_d_res_high                            1.4200 
_refine.ls_d_res_low                             40.8900 
_refine.ls_extinction_coef                       ? 
_refine.ls_extinction_coef_esd                   ? 
_refine.ls_extinction_expression                 ? 
_refine.ls_extinction_method                     ? 
_refine.ls_goodness_of_fit_all                   ? 
_refine.ls_goodness_of_fit_all_esd               ? 
_refine.ls_goodness_of_fit_obs                   ? 
_refine.ls_goodness_of_fit_obs_esd               ? 
_refine.ls_hydrogen_treatment                    ? 
_refine.ls_matrix_type                           ? 
_refine.ls_number_constraints                    ? 
_refine.ls_number_parameters                     ? 
_refine.ls_number_reflns_all                     ? 
_refine.ls_number_reflns_obs                     24895 
_refine.ls_number_reflns_R_free                  1331 
_refine.ls_number_reflns_R_work                  ? 
_refine.ls_number_restraints                     ? 
_refine.ls_percent_reflns_obs                    99.6400 
_refine.ls_percent_reflns_R_free                 5.1000 
_refine.ls_R_factor_all                          ? 
_refine.ls_R_factor_obs                          0.1709 
_refine.ls_R_factor_R_free                       0.1906 
_refine.ls_R_factor_R_free_error                 ? 
_refine.ls_R_factor_R_free_error_details         ? 
_refine.ls_R_factor_R_work                       0.1699 
_refine.ls_R_Fsqd_factor_obs                     ? 
_refine.ls_R_I_factor_obs                        ? 
_refine.ls_redundancy_reflns_all                 ? 
_refine.ls_redundancy_reflns_obs                 ? 
_refine.ls_restrained_S_all                      ? 
_refine.ls_restrained_S_obs                      ? 
_refine.ls_shift_over_esd_max                    ? 
_refine.ls_shift_over_esd_mean                   ? 
_refine.ls_structure_factor_coef                 ? 
_refine.ls_weighting_details                     ? 
_refine.ls_weighting_scheme                      ? 
_refine.ls_wR_factor_all                         ? 
_refine.ls_wR_factor_obs                         ? 
_refine.ls_wR_factor_R_free                      ? 
_refine.ls_wR_factor_R_work                      ? 
_refine.occupancy_max                            ? 
_refine.occupancy_min                            ? 
_refine.solvent_model_details                    ? 
_refine.solvent_model_param_bsol                 ? 
_refine.solvent_model_param_ksol                 ? 
_refine.ls_R_factor_gt                           ? 
_refine.ls_goodness_of_fit_gt                    ? 
_refine.ls_goodness_of_fit_ref                   ? 
_refine.ls_shift_over_su_max                     ? 
_refine.ls_shift_over_su_max_lt                  ? 
_refine.ls_shift_over_su_mean                    ? 
_refine.ls_shift_over_su_mean_lt                 ? 
_refine.pdbx_ls_sigma_I                          ? 
_refine.pdbx_ls_sigma_F                          0.000 
_refine.pdbx_ls_sigma_Fsqd                       ? 
_refine.pdbx_data_cutoff_high_absF               ? 
_refine.pdbx_data_cutoff_high_rms_absF           ? 
_refine.pdbx_data_cutoff_low_absF                ? 
_refine.pdbx_isotropic_thermal_model             ? 
_refine.pdbx_ls_cross_valid_method               THROUGHOUT 
_refine.pdbx_method_to_determine_struct          MAD 
_refine.pdbx_starting_model                      ? 
_refine.pdbx_stereochemistry_target_values       ? 
_refine.pdbx_R_Free_selection_details            RANDOM 
_refine.pdbx_stereochem_target_val_spec_case     ? 
_refine.pdbx_overall_ESU_R                       0.0610 
_refine.pdbx_overall_ESU_R_Free                  0.0610 
_refine.pdbx_solvent_vdw_probe_radii             1.2000 
_refine.pdbx_solvent_ion_probe_radii             0.8000 
_refine.pdbx_solvent_shrinkage_radii             0.8000 
_refine.pdbx_real_space_R                        ? 
_refine.pdbx_density_correlation                 ? 
_refine.pdbx_pd_number_of_powder_patterns        ? 
_refine.pdbx_pd_number_of_points                 ? 
_refine.pdbx_pd_meas_number_of_points            ? 
_refine.pdbx_pd_proc_ls_prof_R_factor            ? 
_refine.pdbx_pd_proc_ls_prof_wR_factor           ? 
_refine.pdbx_pd_Marquardt_correlation_coeff      ? 
_refine.pdbx_pd_Fsqrd_R_factor                   ? 
_refine.pdbx_pd_ls_matrix_band_width             ? 
_refine.pdbx_overall_phase_error                 ? 
_refine.pdbx_overall_SU_R_free_Cruickshank_DPI   ? 
_refine.pdbx_overall_SU_R_free_Blow_DPI          ? 
_refine.pdbx_overall_SU_R_Blow_DPI               ? 
_refine.pdbx_TLS_residual_ADP_flag               ? 
_refine.pdbx_diffrn_id                           1 
_refine.overall_SU_B                             0.8920 
_refine.overall_SU_ML                            0.0360 
_refine.overall_SU_R_Cruickshank_DPI             ? 
_refine.overall_SU_R_free                        ? 
_refine.overall_FOM_free_R_set                   ? 
_refine.overall_FOM_work_R_set                   ? 
_refine.pdbx_average_fsc_overall                 ? 
_refine.pdbx_average_fsc_work                    ? 
_refine.pdbx_average_fsc_free                    ? 
# 
_refine_hist.pdbx_refine_id                   'X-RAY DIFFRACTION' 
_refine_hist.cycle_id                         final 
_refine_hist.details                          ? 
_refine_hist.d_res_high                       1.4200 
_refine_hist.d_res_low                        40.8900 
_refine_hist.number_atoms_solvent             180 
_refine_hist.number_atoms_total               1158 
_refine_hist.number_reflns_all                ? 
_refine_hist.number_reflns_obs                ? 
_refine_hist.number_reflns_R_free             ? 
_refine_hist.number_reflns_R_work             ? 
_refine_hist.R_factor_all                     ? 
_refine_hist.R_factor_obs                     ? 
_refine_hist.R_factor_R_free                  ? 
_refine_hist.R_factor_R_work                  ? 
_refine_hist.pdbx_number_residues_total       116 
_refine_hist.pdbx_B_iso_mean_ligand           11.28 
_refine_hist.pdbx_B_iso_mean_solvent          31.94 
_refine_hist.pdbx_number_atoms_protein        974 
_refine_hist.pdbx_number_atoms_nucleic_acid   0 
_refine_hist.pdbx_number_atoms_ligand         4 
_refine_hist.pdbx_number_atoms_lipid          ? 
_refine_hist.pdbx_number_atoms_carb           ? 
_refine_hist.pdbx_pseudo_atom_details         ? 
# 
loop_
_refine_ls_restr.pdbx_refine_id 
_refine_ls_restr.criterion 
_refine_ls_restr.dev_ideal 
_refine_ls_restr.dev_ideal_target 
_refine_ls_restr.number 
_refine_ls_restr.rejects 
_refine_ls_restr.type 
_refine_ls_restr.weight 
_refine_ls_restr.pdbx_restraint_function 
'X-RAY DIFFRACTION' ? 0.018  0.013  1078 ? r_bond_refined_d       ? ? 
'X-RAY DIFFRACTION' ? 0.001  0.017  1004 ? r_bond_other_d         ? ? 
'X-RAY DIFFRACTION' ? 2.049  1.666  1464 ? r_angle_refined_deg    ? ? 
'X-RAY DIFFRACTION' ? 1.453  1.583  2339 ? r_angle_other_deg      ? ? 
'X-RAY DIFFRACTION' ? 6.389  5.000  132  ? r_dihedral_angle_1_deg ? ? 
'X-RAY DIFFRACTION' ? 27.349 20.923 65   ? r_dihedral_angle_2_deg ? ? 
'X-RAY DIFFRACTION' ? 14.416 15.000 205  ? r_dihedral_angle_3_deg ? ? 
'X-RAY DIFFRACTION' ? 25.073 15.000 11   ? r_dihedral_angle_4_deg ? ? 
'X-RAY DIFFRACTION' ? 0.114  0.200  145  ? r_chiral_restr         ? ? 
'X-RAY DIFFRACTION' ? 0.012  0.020  1229 ? r_gen_planes_refined   ? ? 
'X-RAY DIFFRACTION' ? 0.002  0.020  240  ? r_gen_planes_other     ? ? 
# 
_refine_ls_shell.pdbx_refine_id                   'X-RAY DIFFRACTION' 
_refine_ls_shell.d_res_high                       1.4200 
_refine_ls_shell.d_res_low                        1.4570 
_refine_ls_shell.number_reflns_all                1925 
_refine_ls_shell.number_reflns_obs                ? 
_refine_ls_shell.number_reflns_R_free             99 
_refine_ls_shell.number_reflns_R_work             1826 
_refine_ls_shell.percent_reflns_obs               99.9500 
_refine_ls_shell.percent_reflns_R_free            ? 
_refine_ls_shell.R_factor_all                     ? 
_refine_ls_shell.R_factor_obs                     ? 
_refine_ls_shell.R_factor_R_free                  0.2440 
_refine_ls_shell.R_factor_R_free_error            0.0000 
_refine_ls_shell.R_factor_R_work                  0.2110 
_refine_ls_shell.redundancy_reflns_all            ? 
_refine_ls_shell.redundancy_reflns_obs            ? 
_refine_ls_shell.wR_factor_all                    ? 
_refine_ls_shell.wR_factor_obs                    ? 
_refine_ls_shell.wR_factor_R_free                 ? 
_refine_ls_shell.wR_factor_R_work                 ? 
_refine_ls_shell.pdbx_total_number_of_bins_used   20 
_refine_ls_shell.pdbx_phase_error                 ? 
_refine_ls_shell.pdbx_fsc_work                    ? 
_refine_ls_shell.pdbx_fsc_free                    ? 
# 
_struct.entry_id                     6U7V 
_struct.title                        'xRRM structure of spPof8' 
_struct.pdbx_model_details           ? 
_struct.pdbx_formula_weight          ? 
_struct.pdbx_formula_weight_method   ? 
_struct.pdbx_model_type_details      ? 
_struct.pdbx_CASP_flag               N 
# 
_struct_keywords.entry_id        6U7V 
_struct_keywords.text            'Telomere, Telomerase, RNA binding, GENE REGULATION, TER1, xRRM' 
_struct_keywords.pdbx_keywords   'GENE REGULATION' 
# 
loop_
_struct_asym.id 
_struct_asym.pdbx_blank_PDB_chainid_flag 
_struct_asym.pdbx_modified 
_struct_asym.entity_id 
_struct_asym.details 
A N N 1 ? 
B N N 2 ? 
C N N 3 ? 
# 
_struct_ref.id                         1 
_struct_ref.db_name                    UNP 
_struct_ref.db_code                    POF8_SCHPO 
_struct_ref.pdbx_db_accession          O13795 
_struct_ref.pdbx_db_isoform            ? 
_struct_ref.entity_id                  1 
_struct_ref.pdbx_seq_one_letter_code   
;SVSKTSQTDKDEDNLDFTKNLLTRIKNLHPLTNKSTIHSLLSYVFSRQTQNIACEPMYIDYRKDETEAIIRWKTPLHAET
CINAFRTQERKQNSHDDIRAHRKKGSSRPFLIAELITGEEEKNYWRMLKK
;
_struct_ref.pdbx_align_begin           273 
# 
_struct_ref_seq.align_id                      1 
_struct_ref_seq.ref_id                        1 
_struct_ref_seq.pdbx_PDB_id_code              6U7V 
_struct_ref_seq.pdbx_strand_id                A 
_struct_ref_seq.seq_align_beg                 1 
_struct_ref_seq.pdbx_seq_align_beg_ins_code   ? 
_struct_ref_seq.seq_align_end                 130 
_struct_ref_seq.pdbx_seq_align_end_ins_code   ? 
_struct_ref_seq.pdbx_db_accession             O13795 
_struct_ref_seq.db_align_beg                  273 
_struct_ref_seq.pdbx_db_align_beg_ins_code    ? 
_struct_ref_seq.db_align_end                  402 
_struct_ref_seq.pdbx_db_align_end_ins_code    ? 
_struct_ref_seq.pdbx_auth_seq_align_beg       273 
_struct_ref_seq.pdbx_auth_seq_align_end       402 
# 
_pdbx_struct_assembly.id                   1 
_pdbx_struct_assembly.details              author_and_software_defined_assembly 
_pdbx_struct_assembly.method_details       PISA 
_pdbx_struct_assembly.oligomeric_details   monomeric 
_pdbx_struct_assembly.oligomeric_count     1 
# 
_pdbx_struct_assembly_gen.assembly_id       1 
_pdbx_struct_assembly_gen.oper_expression   1 
_pdbx_struct_assembly_gen.asym_id_list      A,B,C 
# 
_pdbx_struct_assembly_auth_evidence.id                     1 
_pdbx_struct_assembly_auth_evidence.assembly_id            1 
_pdbx_struct_assembly_auth_evidence.experimental_support   'gel filtration' 
_pdbx_struct_assembly_auth_evidence.details                ? 
# 
_pdbx_struct_oper_list.id                   1 
_pdbx_struct_oper_list.type                 'identity operation' 
_pdbx_struct_oper_list.name                 1_555 
_pdbx_struct_oper_list.symmetry_operation   x,y,z 
_pdbx_struct_oper_list.matrix[1][1]         1.0000000000 
_pdbx_struct_oper_list.matrix[1][2]         0.0000000000 
_pdbx_struct_oper_list.matrix[1][3]         0.0000000000 
_pdbx_struct_oper_list.vector[1]            0.0000000000 
_pdbx_struct_oper_list.matrix[2][1]         0.0000000000 
_pdbx_struct_oper_list.matrix[2][2]         1.0000000000 
_pdbx_struct_oper_list.matrix[2][3]         0.0000000000 
_pdbx_struct_oper_list.vector[2]            0.0000000000 
_pdbx_struct_oper_list.matrix[3][1]         0.0000000000 
_pdbx_struct_oper_list.matrix[3][2]         0.0000000000 
_pdbx_struct_oper_list.matrix[3][3]         1.0000000000 
_pdbx_struct_oper_list.vector[3]            0.0000000000 
# 
loop_
_struct_conf.conf_type_id 
_struct_conf.id 
_struct_conf.pdbx_PDB_helix_id 
_struct_conf.beg_label_comp_id 
_struct_conf.beg_label_asym_id 
_struct_conf.beg_label_seq_id 
_struct_conf.pdbx_beg_PDB_ins_code 
_struct_conf.end_label_comp_id 
_struct_conf.end_label_asym_id 
_struct_conf.end_label_seq_id 
_struct_conf.pdbx_end_PDB_ins_code 
_struct_conf.beg_auth_comp_id 
_struct_conf.beg_auth_asym_id 
_struct_conf.beg_auth_seq_id 
_struct_conf.end_auth_comp_id 
_struct_conf.end_auth_asym_id 
_struct_conf.end_auth_seq_id 
_struct_conf.pdbx_PDB_helix_class 
_struct_conf.details 
_struct_conf.pdbx_PDB_helix_length 
HELX_P HELX_P1 AA1 ASN A 33  ? THR A 49  ? ASN A 305 THR A 321 1 ? 17 
HELX_P HELX_P2 AA2 THR A 74  ? GLN A 88  ? THR A 346 GLN A 360 1 ? 15 
HELX_P HELX_P3 AA3 THR A 117 ? LYS A 129 ? THR A 389 LYS A 401 1 ? 13 
# 
_struct_conf_type.id          HELX_P 
_struct_conf_type.criteria    ? 
_struct_conf_type.reference   ? 
# 
loop_
_struct_conn.id 
_struct_conn.conn_type_id 
_struct_conn.pdbx_leaving_atom_flag 
_struct_conn.pdbx_PDB_id 
_struct_conn.ptnr1_label_asym_id 
_struct_conn.ptnr1_label_comp_id 
_struct_conn.ptnr1_label_seq_id 
_struct_conn.ptnr1_label_atom_id 
_struct_conn.pdbx_ptnr1_label_alt_id 
_struct_conn.pdbx_ptnr1_PDB_ins_code 
_struct_conn.pdbx_ptnr1_standard_comp_id 
_struct_conn.ptnr1_symmetry 
_struct_conn.ptnr2_label_asym_id 
_struct_conn.ptnr2_label_comp_id 
_struct_conn.ptnr2_label_seq_id 
_struct_conn.ptnr2_label_atom_id 
_struct_conn.pdbx_ptnr2_label_alt_id 
_struct_conn.pdbx_ptnr2_PDB_ins_code 
_struct_conn.ptnr1_auth_asym_id 
_struct_conn.ptnr1_auth_comp_id 
_struct_conn.ptnr1_auth_seq_id 
_struct_conn.ptnr2_auth_asym_id 
_struct_conn.ptnr2_auth_comp_id 
_struct_conn.ptnr2_auth_seq_id 
_struct_conn.ptnr2_symmetry 
_struct_conn.pdbx_ptnr3_label_atom_id 
_struct_conn.pdbx_ptnr3_label_seq_id 
_struct_conn.pdbx_ptnr3_label_comp_id 
_struct_conn.pdbx_ptnr3_label_asym_id 
_struct_conn.pdbx_ptnr3_label_alt_id 
_struct_conn.pdbx_ptnr3_PDB_ins_code 
_struct_conn.details 
_struct_conn.pdbx_dist_value 
_struct_conn.pdbx_value_order 
_struct_conn.pdbx_role 
covale1 covale both ? A PRO 56  C ? ? ? 1_555 A MSE 57  N ? ? A PRO 328 A MSE 329 1_555 ? ? ? ? ? ? ? 1.314 ? ? 
covale2 covale both ? A MSE 57  C ? ? ? 1_555 A TYR 58  N ? ? A MSE 329 A TYR 330 1_555 ? ? ? ? ? ? ? 1.338 ? ? 
covale3 covale both ? A ARG 126 C ? ? ? 1_555 A MSE 127 N ? ? A ARG 398 A MSE 399 1_555 ? ? ? ? ? ? ? 1.343 ? ? 
covale4 covale both ? A MSE 127 C ? ? ? 1_555 A LEU 128 N ? ? A MSE 399 A LEU 400 1_555 ? ? ? ? ? ? ? 1.338 ? ? 
# 
_struct_conn_type.id          covale 
_struct_conn_type.criteria    ? 
_struct_conn_type.reference   ? 
# 
loop_
_pdbx_modification_feature.ordinal 
_pdbx_modification_feature.label_comp_id 
_pdbx_modification_feature.label_asym_id 
_pdbx_modification_feature.label_seq_id 
_pdbx_modification_feature.label_alt_id 
_pdbx_modification_feature.modified_residue_label_comp_id 
_pdbx_modification_feature.modified_residue_label_asym_id 
_pdbx_modification_feature.modified_residue_label_seq_id 
_pdbx_modification_feature.modified_residue_label_alt_id 
_pdbx_modification_feature.auth_comp_id 
_pdbx_modification_feature.auth_asym_id 
_pdbx_modification_feature.auth_seq_id 
_pdbx_modification_feature.PDB_ins_code 
_pdbx_modification_feature.symmetry 
_pdbx_modification_feature.modified_residue_auth_comp_id 
_pdbx_modification_feature.modified_residue_auth_asym_id 
_pdbx_modification_feature.modified_residue_auth_seq_id 
_pdbx_modification_feature.modified_residue_PDB_ins_code 
_pdbx_modification_feature.modified_residue_symmetry 
_pdbx_modification_feature.comp_id_linking_atom 
_pdbx_modification_feature.modified_residue_id_linking_atom 
_pdbx_modification_feature.modified_residue_id 
_pdbx_modification_feature.ref_pcm_id 
_pdbx_modification_feature.ref_comp_id 
_pdbx_modification_feature.type 
_pdbx_modification_feature.category 
1 MSE A 57  ? . . . . MSE A 329 ? 1_555 . . . . . . . MET 1 MSE Selenomethionine 'Named protein modification' 
2 MSE A 127 ? . . . . MSE A 399 ? 1_555 . . . . . . . MET 1 MSE Selenomethionine 'Named protein modification' 
# 
_struct_sheet.id               AA1 
_struct_sheet.type             ? 
_struct_sheet.number_strands   4 
_struct_sheet.details          ? 
# 
loop_
_struct_sheet_order.sheet_id 
_struct_sheet_order.range_id_1 
_struct_sheet_order.range_id_2 
_struct_sheet_order.offset 
_struct_sheet_order.sense 
AA1 1 2 ? anti-parallel 
AA1 2 3 ? anti-parallel 
AA1 3 4 ? anti-parallel 
# 
loop_
_struct_sheet_range.sheet_id 
_struct_sheet_range.id 
_struct_sheet_range.beg_label_comp_id 
_struct_sheet_range.beg_label_asym_id 
_struct_sheet_range.beg_label_seq_id 
_struct_sheet_range.pdbx_beg_PDB_ins_code 
_struct_sheet_range.end_label_comp_id 
_struct_sheet_range.end_label_asym_id 
_struct_sheet_range.end_label_seq_id 
_struct_sheet_range.pdbx_end_PDB_ins_code 
_struct_sheet_range.beg_auth_comp_id 
_struct_sheet_range.beg_auth_asym_id 
_struct_sheet_range.beg_auth_seq_id 
_struct_sheet_range.end_auth_comp_id 
_struct_sheet_range.end_auth_asym_id 
_struct_sheet_range.end_auth_seq_id 
AA1 1 TYR A 58  ? ASP A 60  ? TYR A 330 ASP A 332 
AA1 2 GLU A 67  ? ARG A 71  ? GLU A 339 ARG A 343 
AA1 3 LEU A 22  ? LYS A 26  ? LEU A 294 LYS A 298 
AA1 4 ILE A 112 ? LEU A 115 ? ILE A 384 LEU A 387 
# 
loop_
_pdbx_struct_sheet_hbond.sheet_id 
_pdbx_struct_sheet_hbond.range_id_1 
_pdbx_struct_sheet_hbond.range_id_2 
_pdbx_struct_sheet_hbond.range_1_label_atom_id 
_pdbx_struct_sheet_hbond.range_1_label_comp_id 
_pdbx_struct_sheet_hbond.range_1_label_asym_id 
_pdbx_struct_sheet_hbond.range_1_label_seq_id 
_pdbx_struct_sheet_hbond.range_1_PDB_ins_code 
_pdbx_struct_sheet_hbond.range_1_auth_atom_id 
_pdbx_struct_sheet_hbond.range_1_auth_comp_id 
_pdbx_struct_sheet_hbond.range_1_auth_asym_id 
_pdbx_struct_sheet_hbond.range_1_auth_seq_id 
_pdbx_struct_sheet_hbond.range_2_label_atom_id 
_pdbx_struct_sheet_hbond.range_2_label_comp_id 
_pdbx_struct_sheet_hbond.range_2_label_asym_id 
_pdbx_struct_sheet_hbond.range_2_label_seq_id 
_pdbx_struct_sheet_hbond.range_2_PDB_ins_code 
_pdbx_struct_sheet_hbond.range_2_auth_atom_id 
_pdbx_struct_sheet_hbond.range_2_auth_comp_id 
_pdbx_struct_sheet_hbond.range_2_auth_asym_id 
_pdbx_struct_sheet_hbond.range_2_auth_seq_id 
AA1 1 2 N ASP A 60 ? N ASP A 332 O ILE A 69  ? O ILE A 341 
AA1 2 3 O ALA A 68 ? O ALA A 340 N ILE A 25  ? N ILE A 297 
AA1 3 4 N ARG A 24 ? N ARG A 296 O GLU A 114 ? O GLU A 386 
# 
_struct_site.id                   AC1 
_struct_site.pdbx_evidence_code   Software 
_struct_site.pdbx_auth_asym_id    A 
_struct_site.pdbx_auth_comp_id    NO3 
_struct_site.pdbx_auth_seq_id     501 
_struct_site.pdbx_auth_ins_code   ? 
_struct_site.pdbx_num_residues    7 
_struct_site.details              'binding site for residue NO3 A 501' 
# 
loop_
_struct_site_gen.id 
_struct_site_gen.site_id 
_struct_site_gen.pdbx_num_res 
_struct_site_gen.label_comp_id 
_struct_site_gen.label_asym_id 
_struct_site_gen.label_seq_id 
_struct_site_gen.pdbx_auth_ins_code 
_struct_site_gen.auth_comp_id 
_struct_site_gen.auth_asym_id 
_struct_site_gen.auth_seq_id 
_struct_site_gen.label_atom_id 
_struct_site_gen.label_alt_id 
_struct_site_gen.symmetry 
_struct_site_gen.details 
1 AC1 7 TYR A 58  ? TYR A 330 . ? 4_565 ? 
2 AC1 7 ARG A 71  ? ARG A 343 . ? 4_565 ? 
3 AC1 7 ASP A 96  ? ASP A 368 . ? 1_555 ? 
4 AC1 7 ASP A 97  ? ASP A 369 . ? 1_555 ? 
5 AC1 7 ILE A 98  ? ILE A 370 . ? 1_555 ? 
6 AC1 7 ARG A 99  ? ARG A 371 . ? 1_555 ? 
7 AC1 7 TRP A 125 ? TRP A 397 . ? 4_565 ? 
# 
_pdbx_entry_details.entry_id                   6U7V 
_pdbx_entry_details.has_ligand_of_interest     N 
_pdbx_entry_details.compound_details           ? 
_pdbx_entry_details.source_details             ? 
_pdbx_entry_details.nonpolymer_details         ? 
_pdbx_entry_details.sequence_details           ? 
_pdbx_entry_details.has_protein_modification   Y 
# 
loop_
_pdbx_validate_rmsd_angle.id 
_pdbx_validate_rmsd_angle.PDB_model_num 
_pdbx_validate_rmsd_angle.auth_atom_id_1 
_pdbx_validate_rmsd_angle.auth_asym_id_1 
_pdbx_validate_rmsd_angle.auth_comp_id_1 
_pdbx_validate_rmsd_angle.auth_seq_id_1 
_pdbx_validate_rmsd_angle.PDB_ins_code_1 
_pdbx_validate_rmsd_angle.label_alt_id_1 
_pdbx_validate_rmsd_angle.auth_atom_id_2 
_pdbx_validate_rmsd_angle.auth_asym_id_2 
_pdbx_validate_rmsd_angle.auth_comp_id_2 
_pdbx_validate_rmsd_angle.auth_seq_id_2 
_pdbx_validate_rmsd_angle.PDB_ins_code_2 
_pdbx_validate_rmsd_angle.label_alt_id_2 
_pdbx_validate_rmsd_angle.auth_atom_id_3 
_pdbx_validate_rmsd_angle.auth_asym_id_3 
_pdbx_validate_rmsd_angle.auth_comp_id_3 
_pdbx_validate_rmsd_angle.auth_seq_id_3 
_pdbx_validate_rmsd_angle.PDB_ins_code_3 
_pdbx_validate_rmsd_angle.label_alt_id_3 
_pdbx_validate_rmsd_angle.angle_value 
_pdbx_validate_rmsd_angle.angle_target_value 
_pdbx_validate_rmsd_angle.angle_deviation 
_pdbx_validate_rmsd_angle.angle_standard_deviation 
_pdbx_validate_rmsd_angle.linker_flag 
1 1 NE A ARG 343 ? ? CZ A ARG 343 ? ? NH1 A ARG 343 ? ? 124.83 120.30 4.53  0.50 N 
2 1 NE A ARG 343 ? ? CZ A ARG 343 ? ? NH2 A ARG 343 ? ? 116.15 120.30 -4.15 0.50 N 
# 
loop_
_pdbx_validate_torsion.id 
_pdbx_validate_torsion.PDB_model_num 
_pdbx_validate_torsion.auth_comp_id 
_pdbx_validate_torsion.auth_asym_id 
_pdbx_validate_torsion.auth_seq_id 
_pdbx_validate_torsion.PDB_ins_code 
_pdbx_validate_torsion.label_alt_id 
_pdbx_validate_torsion.phi 
_pdbx_validate_torsion.psi 
1 1 ASN A 292 ? ? 70.22 32.80 
2 1 ASN A 299 ? ? 73.84 30.48 
# 
loop_
_pdbx_struct_mod_residue.id 
_pdbx_struct_mod_residue.label_asym_id 
_pdbx_struct_mod_residue.label_comp_id 
_pdbx_struct_mod_residue.label_seq_id 
_pdbx_struct_mod_residue.auth_asym_id 
_pdbx_struct_mod_residue.auth_comp_id 
_pdbx_struct_mod_residue.auth_seq_id 
_pdbx_struct_mod_residue.PDB_ins_code 
_pdbx_struct_mod_residue.parent_comp_id 
_pdbx_struct_mod_residue.details 
1 A MSE 57  A MSE 329 ? MET 'modified residue' 
2 A MSE 127 A MSE 399 ? MET 'modified residue' 
# 
loop_
_pdbx_unobs_or_zero_occ_residues.id 
_pdbx_unobs_or_zero_occ_residues.PDB_model_num 
_pdbx_unobs_or_zero_occ_residues.polymer_flag 
_pdbx_unobs_or_zero_occ_residues.occupancy_flag 
_pdbx_unobs_or_zero_occ_residues.auth_asym_id 
_pdbx_unobs_or_zero_occ_residues.auth_comp_id 
_pdbx_unobs_or_zero_occ_residues.auth_seq_id 
_pdbx_unobs_or_zero_occ_residues.PDB_ins_code 
_pdbx_unobs_or_zero_occ_residues.label_asym_id 
_pdbx_unobs_or_zero_occ_residues.label_comp_id 
_pdbx_unobs_or_zero_occ_residues.label_seq_id 
1  1 Y 1 A SER 273 ? A SER 1  
2  1 Y 1 A VAL 274 ? A VAL 2  
3  1 Y 1 A SER 275 ? A SER 3  
4  1 Y 1 A LYS 276 ? A LYS 4  
5  1 Y 1 A THR 277 ? A THR 5  
6  1 Y 1 A SER 278 ? A SER 6  
7  1 Y 1 A GLN 279 ? A GLN 7  
8  1 Y 1 A THR 280 ? A THR 8  
9  1 Y 1 A ASP 281 ? A ASP 9  
10 1 Y 1 A LYS 282 ? A LYS 10 
11 1 Y 1 A ASP 283 ? A ASP 11 
12 1 Y 1 A GLU 284 ? A GLU 12 
13 1 Y 1 A ASP 285 ? A ASP 13 
14 1 Y 1 A ASN 286 ? A ASN 14 
# 
loop_
_chem_comp_atom.comp_id 
_chem_comp_atom.atom_id 
_chem_comp_atom.type_symbol 
_chem_comp_atom.pdbx_aromatic_flag 
_chem_comp_atom.pdbx_stereo_config 
_chem_comp_atom.pdbx_ordinal 
ALA N    N  N N 1   
ALA CA   C  N S 2   
ALA C    C  N N 3   
ALA O    O  N N 4   
ALA CB   C  N N 5   
ALA OXT  O  N N 6   
ALA H    H  N N 7   
ALA H2   H  N N 8   
ALA HA   H  N N 9   
ALA HB1  H  N N 10  
ALA HB2  H  N N 11  
ALA HB3  H  N N 12  
ALA HXT  H  N N 13  
ARG N    N  N N 14  
ARG CA   C  N S 15  
ARG C    C  N N 16  
ARG O    O  N N 17  
ARG CB   C  N N 18  
ARG CG   C  N N 19  
ARG CD   C  N N 20  
ARG NE   N  N N 21  
ARG CZ   C  N N 22  
ARG NH1  N  N N 23  
ARG NH2  N  N N 24  
ARG OXT  O  N N 25  
ARG H    H  N N 26  
ARG H2   H  N N 27  
ARG HA   H  N N 28  
ARG HB2  H  N N 29  
ARG HB3  H  N N 30  
ARG HG2  H  N N 31  
ARG HG3  H  N N 32  
ARG HD2  H  N N 33  
ARG HD3  H  N N 34  
ARG HE   H  N N 35  
ARG HH11 H  N N 36  
ARG HH12 H  N N 37  
ARG HH21 H  N N 38  
ARG HH22 H  N N 39  
ARG HXT  H  N N 40  
ASN N    N  N N 41  
ASN CA   C  N S 42  
ASN C    C  N N 43  
ASN O    O  N N 44  
ASN CB   C  N N 45  
ASN CG   C  N N 46  
ASN OD1  O  N N 47  
ASN ND2  N  N N 48  
ASN OXT  O  N N 49  
ASN H    H  N N 50  
ASN H2   H  N N 51  
ASN HA   H  N N 52  
ASN HB2  H  N N 53  
ASN HB3  H  N N 54  
ASN HD21 H  N N 55  
ASN HD22 H  N N 56  
ASN HXT  H  N N 57  
ASP N    N  N N 58  
ASP CA   C  N S 59  
ASP C    C  N N 60  
ASP O    O  N N 61  
ASP CB   C  N N 62  
ASP CG   C  N N 63  
ASP OD1  O  N N 64  
ASP OD2  O  N N 65  
ASP OXT  O  N N 66  
ASP H    H  N N 67  
ASP H2   H  N N 68  
ASP HA   H  N N 69  
ASP HB2  H  N N 70  
ASP HB3  H  N N 71  
ASP HD2  H  N N 72  
ASP HXT  H  N N 73  
CYS N    N  N N 74  
CYS CA   C  N R 75  
CYS C    C  N N 76  
CYS O    O  N N 77  
CYS CB   C  N N 78  
CYS SG   S  N N 79  
CYS OXT  O  N N 80  
CYS H    H  N N 81  
CYS H2   H  N N 82  
CYS HA   H  N N 83  
CYS HB2  H  N N 84  
CYS HB3  H  N N 85  
CYS HG   H  N N 86  
CYS HXT  H  N N 87  
GLN N    N  N N 88  
GLN CA   C  N S 89  
GLN C    C  N N 90  
GLN O    O  N N 91  
GLN CB   C  N N 92  
GLN CG   C  N N 93  
GLN CD   C  N N 94  
GLN OE1  O  N N 95  
GLN NE2  N  N N 96  
GLN OXT  O  N N 97  
GLN H    H  N N 98  
GLN H2   H  N N 99  
GLN HA   H  N N 100 
GLN HB2  H  N N 101 
GLN HB3  H  N N 102 
GLN HG2  H  N N 103 
GLN HG3  H  N N 104 
GLN HE21 H  N N 105 
GLN HE22 H  N N 106 
GLN HXT  H  N N 107 
GLU N    N  N N 108 
GLU CA   C  N S 109 
GLU C    C  N N 110 
GLU O    O  N N 111 
GLU CB   C  N N 112 
GLU CG   C  N N 113 
GLU CD   C  N N 114 
GLU OE1  O  N N 115 
GLU OE2  O  N N 116 
GLU OXT  O  N N 117 
GLU H    H  N N 118 
GLU H2   H  N N 119 
GLU HA   H  N N 120 
GLU HB2  H  N N 121 
GLU HB3  H  N N 122 
GLU HG2  H  N N 123 
GLU HG3  H  N N 124 
GLU HE2  H  N N 125 
GLU HXT  H  N N 126 
GLY N    N  N N 127 
GLY CA   C  N N 128 
GLY C    C  N N 129 
GLY O    O  N N 130 
GLY OXT  O  N N 131 
GLY H    H  N N 132 
GLY H2   H  N N 133 
GLY HA2  H  N N 134 
GLY HA3  H  N N 135 
GLY HXT  H  N N 136 
HIS N    N  N N 137 
HIS CA   C  N S 138 
HIS C    C  N N 139 
HIS O    O  N N 140 
HIS CB   C  N N 141 
HIS CG   C  Y N 142 
HIS ND1  N  Y N 143 
HIS CD2  C  Y N 144 
HIS CE1  C  Y N 145 
HIS NE2  N  Y N 146 
HIS OXT  O  N N 147 
HIS H    H  N N 148 
HIS H2   H  N N 149 
HIS HA   H  N N 150 
HIS HB2  H  N N 151 
HIS HB3  H  N N 152 
HIS HD1  H  N N 153 
HIS HD2  H  N N 154 
HIS HE1  H  N N 155 
HIS HE2  H  N N 156 
HIS HXT  H  N N 157 
HOH O    O  N N 158 
HOH H1   H  N N 159 
HOH H2   H  N N 160 
ILE N    N  N N 161 
ILE CA   C  N S 162 
ILE C    C  N N 163 
ILE O    O  N N 164 
ILE CB   C  N S 165 
ILE CG1  C  N N 166 
ILE CG2  C  N N 167 
ILE CD1  C  N N 168 
ILE OXT  O  N N 169 
ILE H    H  N N 170 
ILE H2   H  N N 171 
ILE HA   H  N N 172 
ILE HB   H  N N 173 
ILE HG12 H  N N 174 
ILE HG13 H  N N 175 
ILE HG21 H  N N 176 
ILE HG22 H  N N 177 
ILE HG23 H  N N 178 
ILE HD11 H  N N 179 
ILE HD12 H  N N 180 
ILE HD13 H  N N 181 
ILE HXT  H  N N 182 
LEU N    N  N N 183 
LEU CA   C  N S 184 
LEU C    C  N N 185 
LEU O    O  N N 186 
LEU CB   C  N N 187 
LEU CG   C  N N 188 
LEU CD1  C  N N 189 
LEU CD2  C  N N 190 
LEU OXT  O  N N 191 
LEU H    H  N N 192 
LEU H2   H  N N 193 
LEU HA   H  N N 194 
LEU HB2  H  N N 195 
LEU HB3  H  N N 196 
LEU HG   H  N N 197 
LEU HD11 H  N N 198 
LEU HD12 H  N N 199 
LEU HD13 H  N N 200 
LEU HD21 H  N N 201 
LEU HD22 H  N N 202 
LEU HD23 H  N N 203 
LEU HXT  H  N N 204 
LYS N    N  N N 205 
LYS CA   C  N S 206 
LYS C    C  N N 207 
LYS O    O  N N 208 
LYS CB   C  N N 209 
LYS CG   C  N N 210 
LYS CD   C  N N 211 
LYS CE   C  N N 212 
LYS NZ   N  N N 213 
LYS OXT  O  N N 214 
LYS H    H  N N 215 
LYS H2   H  N N 216 
LYS HA   H  N N 217 
LYS HB2  H  N N 218 
LYS HB3  H  N N 219 
LYS HG2  H  N N 220 
LYS HG3  H  N N 221 
LYS HD2  H  N N 222 
LYS HD3  H  N N 223 
LYS HE2  H  N N 224 
LYS HE3  H  N N 225 
LYS HZ1  H  N N 226 
LYS HZ2  H  N N 227 
LYS HZ3  H  N N 228 
LYS HXT  H  N N 229 
MSE N    N  N N 230 
MSE CA   C  N S 231 
MSE C    C  N N 232 
MSE O    O  N N 233 
MSE OXT  O  N N 234 
MSE CB   C  N N 235 
MSE CG   C  N N 236 
MSE SE   SE N N 237 
MSE CE   C  N N 238 
MSE H    H  N N 239 
MSE H2   H  N N 240 
MSE HA   H  N N 241 
MSE HXT  H  N N 242 
MSE HB2  H  N N 243 
MSE HB3  H  N N 244 
MSE HG2  H  N N 245 
MSE HG3  H  N N 246 
MSE HE1  H  N N 247 
MSE HE2  H  N N 248 
MSE HE3  H  N N 249 
NO3 N    N  N N 250 
NO3 O1   O  N N 251 
NO3 O2   O  N N 252 
NO3 O3   O  N N 253 
PHE N    N  N N 254 
PHE CA   C  N S 255 
PHE C    C  N N 256 
PHE O    O  N N 257 
PHE CB   C  N N 258 
PHE CG   C  Y N 259 
PHE CD1  C  Y N 260 
PHE CD2  C  Y N 261 
PHE CE1  C  Y N 262 
PHE CE2  C  Y N 263 
PHE CZ   C  Y N 264 
PHE OXT  O  N N 265 
PHE H    H  N N 266 
PHE H2   H  N N 267 
PHE HA   H  N N 268 
PHE HB2  H  N N 269 
PHE HB3  H  N N 270 
PHE HD1  H  N N 271 
PHE HD2  H  N N 272 
PHE HE1  H  N N 273 
PHE HE2  H  N N 274 
PHE HZ   H  N N 275 
PHE HXT  H  N N 276 
PRO N    N  N N 277 
PRO CA   C  N S 278 
PRO C    C  N N 279 
PRO O    O  N N 280 
PRO CB   C  N N 281 
PRO CG   C  N N 282 
PRO CD   C  N N 283 
PRO OXT  O  N N 284 
PRO H    H  N N 285 
PRO HA   H  N N 286 
PRO HB2  H  N N 287 
PRO HB3  H  N N 288 
PRO HG2  H  N N 289 
PRO HG3  H  N N 290 
PRO HD2  H  N N 291 
PRO HD3  H  N N 292 
PRO HXT  H  N N 293 
SER N    N  N N 294 
SER CA   C  N S 295 
SER C    C  N N 296 
SER O    O  N N 297 
SER CB   C  N N 298 
SER OG   O  N N 299 
SER OXT  O  N N 300 
SER H    H  N N 301 
SER H2   H  N N 302 
SER HA   H  N N 303 
SER HB2  H  N N 304 
SER HB3  H  N N 305 
SER HG   H  N N 306 
SER HXT  H  N N 307 
THR N    N  N N 308 
THR CA   C  N S 309 
THR C    C  N N 310 
THR O    O  N N 311 
THR CB   C  N R 312 
THR OG1  O  N N 313 
THR CG2  C  N N 314 
THR OXT  O  N N 315 
THR H    H  N N 316 
THR H2   H  N N 317 
THR HA   H  N N 318 
THR HB   H  N N 319 
THR HG1  H  N N 320 
THR HG21 H  N N 321 
THR HG22 H  N N 322 
THR HG23 H  N N 323 
THR HXT  H  N N 324 
TRP N    N  N N 325 
TRP CA   C  N S 326 
TRP C    C  N N 327 
TRP O    O  N N 328 
TRP CB   C  N N 329 
TRP CG   C  Y N 330 
TRP CD1  C  Y N 331 
TRP CD2  C  Y N 332 
TRP NE1  N  Y N 333 
TRP CE2  C  Y N 334 
TRP CE3  C  Y N 335 
TRP CZ2  C  Y N 336 
TRP CZ3  C  Y N 337 
TRP CH2  C  Y N 338 
TRP OXT  O  N N 339 
TRP H    H  N N 340 
TRP H2   H  N N 341 
TRP HA   H  N N 342 
TRP HB2  H  N N 343 
TRP HB3  H  N N 344 
TRP HD1  H  N N 345 
TRP HE1  H  N N 346 
TRP HE3  H  N N 347 
TRP HZ2  H  N N 348 
TRP HZ3  H  N N 349 
TRP HH2  H  N N 350 
TRP HXT  H  N N 351 
TYR N    N  N N 352 
TYR CA   C  N S 353 
TYR C    C  N N 354 
TYR O    O  N N 355 
TYR CB   C  N N 356 
TYR CG   C  Y N 357 
TYR CD1  C  Y N 358 
TYR CD2  C  Y N 359 
TYR CE1  C  Y N 360 
TYR CE2  C  Y N 361 
TYR CZ   C  Y N 362 
TYR OH   O  N N 363 
TYR OXT  O  N N 364 
TYR H    H  N N 365 
TYR H2   H  N N 366 
TYR HA   H  N N 367 
TYR HB2  H  N N 368 
TYR HB3  H  N N 369 
TYR HD1  H  N N 370 
TYR HD2  H  N N 371 
TYR HE1  H  N N 372 
TYR HE2  H  N N 373 
TYR HH   H  N N 374 
TYR HXT  H  N N 375 
VAL N    N  N N 376 
VAL CA   C  N S 377 
VAL C    C  N N 378 
VAL O    O  N N 379 
VAL CB   C  N N 380 
VAL CG1  C  N N 381 
VAL CG2  C  N N 382 
VAL OXT  O  N N 383 
VAL H    H  N N 384 
VAL H2   H  N N 385 
VAL HA   H  N N 386 
VAL HB   H  N N 387 
VAL HG11 H  N N 388 
VAL HG12 H  N N 389 
VAL HG13 H  N N 390 
VAL HG21 H  N N 391 
VAL HG22 H  N N 392 
VAL HG23 H  N N 393 
VAL HXT  H  N N 394 
# 
loop_
_chem_comp_bond.comp_id 
_chem_comp_bond.atom_id_1 
_chem_comp_bond.atom_id_2 
_chem_comp_bond.value_order 
_chem_comp_bond.pdbx_aromatic_flag 
_chem_comp_bond.pdbx_stereo_config 
_chem_comp_bond.pdbx_ordinal 
ALA N   CA   sing N N 1   
ALA N   H    sing N N 2   
ALA N   H2   sing N N 3   
ALA CA  C    sing N N 4   
ALA CA  CB   sing N N 5   
ALA CA  HA   sing N N 6   
ALA C   O    doub N N 7   
ALA C   OXT  sing N N 8   
ALA CB  HB1  sing N N 9   
ALA CB  HB2  sing N N 10  
ALA CB  HB3  sing N N 11  
ALA OXT HXT  sing N N 12  
ARG N   CA   sing N N 13  
ARG N   H    sing N N 14  
ARG N   H2   sing N N 15  
ARG CA  C    sing N N 16  
ARG CA  CB   sing N N 17  
ARG CA  HA   sing N N 18  
ARG C   O    doub N N 19  
ARG C   OXT  sing N N 20  
ARG CB  CG   sing N N 21  
ARG CB  HB2  sing N N 22  
ARG CB  HB3  sing N N 23  
ARG CG  CD   sing N N 24  
ARG CG  HG2  sing N N 25  
ARG CG  HG3  sing N N 26  
ARG CD  NE   sing N N 27  
ARG CD  HD2  sing N N 28  
ARG CD  HD3  sing N N 29  
ARG NE  CZ   sing N N 30  
ARG NE  HE   sing N N 31  
ARG CZ  NH1  sing N N 32  
ARG CZ  NH2  doub N N 33  
ARG NH1 HH11 sing N N 34  
ARG NH1 HH12 sing N N 35  
ARG NH2 HH21 sing N N 36  
ARG NH2 HH22 sing N N 37  
ARG OXT HXT  sing N N 38  
ASN N   CA   sing N N 39  
ASN N   H    sing N N 40  
ASN N   H2   sing N N 41  
ASN CA  C    sing N N 42  
ASN CA  CB   sing N N 43  
ASN CA  HA   sing N N 44  
ASN C   O    doub N N 45  
ASN C   OXT  sing N N 46  
ASN CB  CG   sing N N 47  
ASN CB  HB2  sing N N 48  
ASN CB  HB3  sing N N 49  
ASN CG  OD1  doub N N 50  
ASN CG  ND2  sing N N 51  
ASN ND2 HD21 sing N N 52  
ASN ND2 HD22 sing N N 53  
ASN OXT HXT  sing N N 54  
ASP N   CA   sing N N 55  
ASP N   H    sing N N 56  
ASP N   H2   sing N N 57  
ASP CA  C    sing N N 58  
ASP CA  CB   sing N N 59  
ASP CA  HA   sing N N 60  
ASP C   O    doub N N 61  
ASP C   OXT  sing N N 62  
ASP CB  CG   sing N N 63  
ASP CB  HB2  sing N N 64  
ASP CB  HB3  sing N N 65  
ASP CG  OD1  doub N N 66  
ASP CG  OD2  sing N N 67  
ASP OD2 HD2  sing N N 68  
ASP OXT HXT  sing N N 69  
CYS N   CA   sing N N 70  
CYS N   H    sing N N 71  
CYS N   H2   sing N N 72  
CYS CA  C    sing N N 73  
CYS CA  CB   sing N N 74  
CYS CA  HA   sing N N 75  
CYS C   O    doub N N 76  
CYS C   OXT  sing N N 77  
CYS CB  SG   sing N N 78  
CYS CB  HB2  sing N N 79  
CYS CB  HB3  sing N N 80  
CYS SG  HG   sing N N 81  
CYS OXT HXT  sing N N 82  
GLN N   CA   sing N N 83  
GLN N   H    sing N N 84  
GLN N   H2   sing N N 85  
GLN CA  C    sing N N 86  
GLN CA  CB   sing N N 87  
GLN CA  HA   sing N N 88  
GLN C   O    doub N N 89  
GLN C   OXT  sing N N 90  
GLN CB  CG   sing N N 91  
GLN CB  HB2  sing N N 92  
GLN CB  HB3  sing N N 93  
GLN CG  CD   sing N N 94  
GLN CG  HG2  sing N N 95  
GLN CG  HG3  sing N N 96  
GLN CD  OE1  doub N N 97  
GLN CD  NE2  sing N N 98  
GLN NE2 HE21 sing N N 99  
GLN NE2 HE22 sing N N 100 
GLN OXT HXT  sing N N 101 
GLU N   CA   sing N N 102 
GLU N   H    sing N N 103 
GLU N   H2   sing N N 104 
GLU CA  C    sing N N 105 
GLU CA  CB   sing N N 106 
GLU CA  HA   sing N N 107 
GLU C   O    doub N N 108 
GLU C   OXT  sing N N 109 
GLU CB  CG   sing N N 110 
GLU CB  HB2  sing N N 111 
GLU CB  HB3  sing N N 112 
GLU CG  CD   sing N N 113 
GLU CG  HG2  sing N N 114 
GLU CG  HG3  sing N N 115 
GLU CD  OE1  doub N N 116 
GLU CD  OE2  sing N N 117 
GLU OE2 HE2  sing N N 118 
GLU OXT HXT  sing N N 119 
GLY N   CA   sing N N 120 
GLY N   H    sing N N 121 
GLY N   H2   sing N N 122 
GLY CA  C    sing N N 123 
GLY CA  HA2  sing N N 124 
GLY CA  HA3  sing N N 125 
GLY C   O    doub N N 126 
GLY C   OXT  sing N N 127 
GLY OXT HXT  sing N N 128 
HIS N   CA   sing N N 129 
HIS N   H    sing N N 130 
HIS N   H2   sing N N 131 
HIS CA  C    sing N N 132 
HIS CA  CB   sing N N 133 
HIS CA  HA   sing N N 134 
HIS C   O    doub N N 135 
HIS C   OXT  sing N N 136 
HIS CB  CG   sing N N 137 
HIS CB  HB2  sing N N 138 
HIS CB  HB3  sing N N 139 
HIS CG  ND1  sing Y N 140 
HIS CG  CD2  doub Y N 141 
HIS ND1 CE1  doub Y N 142 
HIS ND1 HD1  sing N N 143 
HIS CD2 NE2  sing Y N 144 
HIS CD2 HD2  sing N N 145 
HIS CE1 NE2  sing Y N 146 
HIS CE1 HE1  sing N N 147 
HIS NE2 HE2  sing N N 148 
HIS OXT HXT  sing N N 149 
HOH O   H1   sing N N 150 
HOH O   H2   sing N N 151 
ILE N   CA   sing N N 152 
ILE N   H    sing N N 153 
ILE N   H2   sing N N 154 
ILE CA  C    sing N N 155 
ILE CA  CB   sing N N 156 
ILE CA  HA   sing N N 157 
ILE C   O    doub N N 158 
ILE C   OXT  sing N N 159 
ILE CB  CG1  sing N N 160 
ILE CB  CG2  sing N N 161 
ILE CB  HB   sing N N 162 
ILE CG1 CD1  sing N N 163 
ILE CG1 HG12 sing N N 164 
ILE CG1 HG13 sing N N 165 
ILE CG2 HG21 sing N N 166 
ILE CG2 HG22 sing N N 167 
ILE CG2 HG23 sing N N 168 
ILE CD1 HD11 sing N N 169 
ILE CD1 HD12 sing N N 170 
ILE CD1 HD13 sing N N 171 
ILE OXT HXT  sing N N 172 
LEU N   CA   sing N N 173 
LEU N   H    sing N N 174 
LEU N   H2   sing N N 175 
LEU CA  C    sing N N 176 
LEU CA  CB   sing N N 177 
LEU CA  HA   sing N N 178 
LEU C   O    doub N N 179 
LEU C   OXT  sing N N 180 
LEU CB  CG   sing N N 181 
LEU CB  HB2  sing N N 182 
LEU CB  HB3  sing N N 183 
LEU CG  CD1  sing N N 184 
LEU CG  CD2  sing N N 185 
LEU CG  HG   sing N N 186 
LEU CD1 HD11 sing N N 187 
LEU CD1 HD12 sing N N 188 
LEU CD1 HD13 sing N N 189 
LEU CD2 HD21 sing N N 190 
LEU CD2 HD22 sing N N 191 
LEU CD2 HD23 sing N N 192 
LEU OXT HXT  sing N N 193 
LYS N   CA   sing N N 194 
LYS N   H    sing N N 195 
LYS N   H2   sing N N 196 
LYS CA  C    sing N N 197 
LYS CA  CB   sing N N 198 
LYS CA  HA   sing N N 199 
LYS C   O    doub N N 200 
LYS C   OXT  sing N N 201 
LYS CB  CG   sing N N 202 
LYS CB  HB2  sing N N 203 
LYS CB  HB3  sing N N 204 
LYS CG  CD   sing N N 205 
LYS CG  HG2  sing N N 206 
LYS CG  HG3  sing N N 207 
LYS CD  CE   sing N N 208 
LYS CD  HD2  sing N N 209 
LYS CD  HD3  sing N N 210 
LYS CE  NZ   sing N N 211 
LYS CE  HE2  sing N N 212 
LYS CE  HE3  sing N N 213 
LYS NZ  HZ1  sing N N 214 
LYS NZ  HZ2  sing N N 215 
LYS NZ  HZ3  sing N N 216 
LYS OXT HXT  sing N N 217 
MSE N   CA   sing N N 218 
MSE N   H    sing N N 219 
MSE N   H2   sing N N 220 
MSE CA  C    sing N N 221 
MSE CA  CB   sing N N 222 
MSE CA  HA   sing N N 223 
MSE C   O    doub N N 224 
MSE C   OXT  sing N N 225 
MSE OXT HXT  sing N N 226 
MSE CB  CG   sing N N 227 
MSE CB  HB2  sing N N 228 
MSE CB  HB3  sing N N 229 
MSE CG  SE   sing N N 230 
MSE CG  HG2  sing N N 231 
MSE CG  HG3  sing N N 232 
MSE SE  CE   sing N N 233 
MSE CE  HE1  sing N N 234 
MSE CE  HE2  sing N N 235 
MSE CE  HE3  sing N N 236 
NO3 N   O1   doub N N 237 
NO3 N   O2   sing N N 238 
NO3 N   O3   sing N N 239 
PHE N   CA   sing N N 240 
PHE N   H    sing N N 241 
PHE N   H2   sing N N 242 
PHE CA  C    sing N N 243 
PHE CA  CB   sing N N 244 
PHE CA  HA   sing N N 245 
PHE C   O    doub N N 246 
PHE C   OXT  sing N N 247 
PHE CB  CG   sing N N 248 
PHE CB  HB2  sing N N 249 
PHE CB  HB3  sing N N 250 
PHE CG  CD1  doub Y N 251 
PHE CG  CD2  sing Y N 252 
PHE CD1 CE1  sing Y N 253 
PHE CD1 HD1  sing N N 254 
PHE CD2 CE2  doub Y N 255 
PHE CD2 HD2  sing N N 256 
PHE CE1 CZ   doub Y N 257 
PHE CE1 HE1  sing N N 258 
PHE CE2 CZ   sing Y N 259 
PHE CE2 HE2  sing N N 260 
PHE CZ  HZ   sing N N 261 
PHE OXT HXT  sing N N 262 
PRO N   CA   sing N N 263 
PRO N   CD   sing N N 264 
PRO N   H    sing N N 265 
PRO CA  C    sing N N 266 
PRO CA  CB   sing N N 267 
PRO CA  HA   sing N N 268 
PRO C   O    doub N N 269 
PRO C   OXT  sing N N 270 
PRO CB  CG   sing N N 271 
PRO CB  HB2  sing N N 272 
PRO CB  HB3  sing N N 273 
PRO CG  CD   sing N N 274 
PRO CG  HG2  sing N N 275 
PRO CG  HG3  sing N N 276 
PRO CD  HD2  sing N N 277 
PRO CD  HD3  sing N N 278 
PRO OXT HXT  sing N N 279 
SER N   CA   sing N N 280 
SER N   H    sing N N 281 
SER N   H2   sing N N 282 
SER CA  C    sing N N 283 
SER CA  CB   sing N N 284 
SER CA  HA   sing N N 285 
SER C   O    doub N N 286 
SER C   OXT  sing N N 287 
SER CB  OG   sing N N 288 
SER CB  HB2  sing N N 289 
SER CB  HB3  sing N N 290 
SER OG  HG   sing N N 291 
SER OXT HXT  sing N N 292 
THR N   CA   sing N N 293 
THR N   H    sing N N 294 
THR N   H2   sing N N 295 
THR CA  C    sing N N 296 
THR CA  CB   sing N N 297 
THR CA  HA   sing N N 298 
THR C   O    doub N N 299 
THR C   OXT  sing N N 300 
THR CB  OG1  sing N N 301 
THR CB  CG2  sing N N 302 
THR CB  HB   sing N N 303 
THR OG1 HG1  sing N N 304 
THR CG2 HG21 sing N N 305 
THR CG2 HG22 sing N N 306 
THR CG2 HG23 sing N N 307 
THR OXT HXT  sing N N 308 
TRP N   CA   sing N N 309 
TRP N   H    sing N N 310 
TRP N   H2   sing N N 311 
TRP CA  C    sing N N 312 
TRP CA  CB   sing N N 313 
TRP CA  HA   sing N N 314 
TRP C   O    doub N N 315 
TRP C   OXT  sing N N 316 
TRP CB  CG   sing N N 317 
TRP CB  HB2  sing N N 318 
TRP CB  HB3  sing N N 319 
TRP CG  CD1  doub Y N 320 
TRP CG  CD2  sing Y N 321 
TRP CD1 NE1  sing Y N 322 
TRP CD1 HD1  sing N N 323 
TRP CD2 CE2  doub Y N 324 
TRP CD2 CE3  sing Y N 325 
TRP NE1 CE2  sing Y N 326 
TRP NE1 HE1  sing N N 327 
TRP CE2 CZ2  sing Y N 328 
TRP CE3 CZ3  doub Y N 329 
TRP CE3 HE3  sing N N 330 
TRP CZ2 CH2  doub Y N 331 
TRP CZ2 HZ2  sing N N 332 
TRP CZ3 CH2  sing Y N 333 
TRP CZ3 HZ3  sing N N 334 
TRP CH2 HH2  sing N N 335 
TRP OXT HXT  sing N N 336 
TYR N   CA   sing N N 337 
TYR N   H    sing N N 338 
TYR N   H2   sing N N 339 
TYR CA  C    sing N N 340 
TYR CA  CB   sing N N 341 
TYR CA  HA   sing N N 342 
TYR C   O    doub N N 343 
TYR C   OXT  sing N N 344 
TYR CB  CG   sing N N 345 
TYR CB  HB2  sing N N 346 
TYR CB  HB3  sing N N 347 
TYR CG  CD1  doub Y N 348 
TYR CG  CD2  sing Y N 349 
TYR CD1 CE1  sing Y N 350 
TYR CD1 HD1  sing N N 351 
TYR CD2 CE2  doub Y N 352 
TYR CD2 HD2  sing N N 353 
TYR CE1 CZ   doub Y N 354 
TYR CE1 HE1  sing N N 355 
TYR CE2 CZ   sing Y N 356 
TYR CE2 HE2  sing N N 357 
TYR CZ  OH   sing N N 358 
TYR OH  HH   sing N N 359 
TYR OXT HXT  sing N N 360 
VAL N   CA   sing N N 361 
VAL N   H    sing N N 362 
VAL N   H2   sing N N 363 
VAL CA  C    sing N N 364 
VAL CA  CB   sing N N 365 
VAL CA  HA   sing N N 366 
VAL C   O    doub N N 367 
VAL C   OXT  sing N N 368 
VAL CB  CG1  sing N N 369 
VAL CB  CG2  sing N N 370 
VAL CB  HB   sing N N 371 
VAL CG1 HG11 sing N N 372 
VAL CG1 HG12 sing N N 373 
VAL CG1 HG13 sing N N 374 
VAL CG2 HG21 sing N N 375 
VAL CG2 HG22 sing N N 376 
VAL CG2 HG23 sing N N 377 
VAL OXT HXT  sing N N 378 
# 
_pdbx_audit_support.funding_organization   
'National Institutes of Health/National Institute of General Medical Sciences (NIH/NIGMS)' 
_pdbx_audit_support.country                'United States' 
_pdbx_audit_support.grant_number           R01GM098943 
_pdbx_audit_support.ordinal                1 
# 
_atom_sites.entry_id                    6U7V 
_atom_sites.Cartn_transf_matrix[1][1]   ? 
_atom_sites.Cartn_transf_matrix[1][2]   ? 
_atom_sites.Cartn_transf_matrix[1][3]   ? 
_atom_sites.Cartn_transf_matrix[2][1]   ? 
_atom_sites.Cartn_transf_matrix[2][2]   ? 
_atom_sites.Cartn_transf_matrix[2][3]   ? 
_atom_sites.Cartn_transf_matrix[3][1]   ? 
_atom_sites.Cartn_transf_matrix[3][2]   ? 
_atom_sites.Cartn_transf_matrix[3][3]   ? 
_atom_sites.Cartn_transf_vector[1]      ? 
_atom_sites.Cartn_transf_vector[2]      ? 
_atom_sites.Cartn_transf_vector[3]      ? 
_atom_sites.fract_transf_matrix[1][1]   0.01394239 
_atom_sites.fract_transf_matrix[1][2]   0.01436373 
_atom_sites.fract_transf_matrix[1][3]   -0.00039264 
_atom_sites.fract_transf_matrix[2][1]   0.00093367 
_atom_sites.fract_transf_matrix[2][2]   0.01345288 
_atom_sites.fract_transf_matrix[2][3]   0.01479962 
_atom_sites.fract_transf_matrix[3][1]   0.00883710 
_atom_sites.fract_transf_matrix[3][2]   -0.00838478 
_atom_sites.fract_transf_matrix[3][3]   0.00706427 
_atom_sites.fract_transf_vector[1]      0.104820 
_atom_sites.fract_transf_vector[2]      0.471829 
_atom_sites.fract_transf_vector[3]      -0.043486 
_atom_sites.solution_primary            ? 
_atom_sites.solution_secondary          ? 
_atom_sites.solution_hydrogens          ? 
_atom_sites.special_details             ? 
# 
loop_
_atom_type.symbol 
C  
N  
O  
S  
SE 
# 
loop_
_atom_site.group_PDB 
_atom_site.id 
_atom_site.type_symbol 
_atom_site.label_atom_id 
_atom_site.label_alt_id 
_atom_site.label_comp_id 
_atom_site.label_asym_id 
_atom_site.label_entity_id 
_atom_site.label_seq_id 
_atom_site.pdbx_PDB_ins_code 
_atom_site.Cartn_x 
_atom_site.Cartn_y 
_atom_site.Cartn_z 
_atom_site.occupancy 
_atom_site.B_iso_or_equiv 
_atom_site.pdbx_formal_charge 
_atom_site.auth_seq_id 
_atom_site.auth_comp_id 
_atom_site.auth_asym_id 
_atom_site.auth_atom_id 
_atom_site.pdbx_PDB_model_num 
ATOM   1    N  N   . LEU A 1 15  ? -6.171  -19.162 -14.254 1.00 73.63 ? 287 LEU A N   1 
ATOM   2    C  CA  . LEU A 1 15  ? -7.479  -19.464 -13.592 1.00 68.66 ? 287 LEU A CA  1 
ATOM   3    C  C   . LEU A 1 15  ? -8.202  -18.133 -13.306 1.00 60.31 ? 287 LEU A C   1 
ATOM   4    O  O   . LEU A 1 15  ? -7.999  -17.195 -14.101 1.00 63.84 ? 287 LEU A O   1 
ATOM   5    C  CB  . LEU A 1 15  ? -7.208  -20.308 -12.337 1.00 74.15 ? 287 LEU A CB  1 
ATOM   6    C  CG  . LEU A 1 15  ? -8.029  -21.591 -12.196 1.00 76.04 ? 287 LEU A CG  1 
ATOM   7    C  CD1 . LEU A 1 15  ? -9.527  -21.306 -12.216 1.00 79.18 ? 287 LEU A CD1 1 
ATOM   8    C  CD2 . LEU A 1 15  ? -7.660  -22.599 -13.279 1.00 76.83 ? 287 LEU A CD2 1 
ATOM   9    N  N   . ASP A 1 16  ? -9.011  -18.032 -12.241 1.00 50.02 ? 288 ASP A N   1 
ATOM   10   C  CA  . ASP A 1 16  ? -10.014 -16.941 -12.080 1.00 43.62 ? 288 ASP A CA  1 
ATOM   11   C  C   . ASP A 1 16  ? -9.751  -16.062 -10.853 1.00 32.80 ? 288 ASP A C   1 
ATOM   12   O  O   . ASP A 1 16  ? -9.599  -16.589 -9.750  1.00 32.88 ? 288 ASP A O   1 
ATOM   13   C  CB  . ASP A 1 16  ? -11.430 -17.501 -11.968 1.00 45.89 ? 288 ASP A CB  1 
ATOM   14   C  CG  . ASP A 1 16  ? -12.480 -16.456 -12.287 1.00 52.53 ? 288 ASP A CG  1 
ATOM   15   O  OD1 . ASP A 1 16  ? -12.183 -15.568 -13.119 1.00 60.83 ? 288 ASP A OD1 1 
ATOM   16   O  OD2 . ASP A 1 16  ? -13.576 -16.526 -11.695 1.00 59.27 ? 288 ASP A OD2 1 
ATOM   17   N  N   . PHE A 1 17  ? -9.841  -14.745 -11.031 1.00 29.14 ? 289 PHE A N   1 
ATOM   18   C  CA  . PHE A 1 17  ? -9.704  -13.757 -9.936  1.00 25.38 ? 289 PHE A CA  1 
ATOM   19   C  C   . PHE A 1 17  ? -10.402 -12.444 -10.293 1.00 23.10 ? 289 PHE A C   1 
ATOM   20   O  O   . PHE A 1 17  ? -10.714 -12.196 -11.484 1.00 23.28 ? 289 PHE A O   1 
ATOM   21   C  CB  . PHE A 1 17  ? -8.222  -13.530 -9.660  1.00 23.40 ? 289 PHE A CB  1 
ATOM   22   C  CG  . PHE A 1 17  ? -7.432  -13.036 -10.833 1.00 24.70 ? 289 PHE A CG  1 
ATOM   23   C  CD1 . PHE A 1 17  ? -7.305  -11.683 -11.092 1.00 23.14 ? 289 PHE A CD1 1 
ATOM   24   C  CD2 . PHE A 1 17  ? -6.731  -13.926 -11.622 1.00 21.36 ? 289 PHE A CD2 1 
ATOM   25   C  CE1 . PHE A 1 17  ? -6.562  -11.237 -12.175 1.00 23.72 ? 289 PHE A CE1 1 
ATOM   26   C  CE2 . PHE A 1 17  ? -5.949  -13.479 -12.673 1.00 24.03 ? 289 PHE A CE2 1 
ATOM   27   C  CZ  . PHE A 1 17  ? -5.836  -12.126 -12.935 1.00 24.58 ? 289 PHE A CZ  1 
ATOM   28   N  N   . THR A 1 18  ? -10.685 -11.608 -9.292  1.00 20.61 ? 290 THR A N   1 
ATOM   29   C  CA  . THR A 1 18  ? -11.188 -10.237 -9.467  1.00 19.23 ? 290 THR A CA  1 
ATOM   30   C  C   . THR A 1 18  ? -9.996  -9.377  -9.884  1.00 20.12 ? 290 THR A C   1 
ATOM   31   O  O   . THR A 1 18  ? -9.009  -9.304  -9.156  1.00 19.09 ? 290 THR A O   1 
ATOM   32   C  CB  . THR A 1 18  ? -11.900 -9.703  -8.216  1.00 18.54 ? 290 THR A CB  1 
ATOM   33   O  OG1 . THR A 1 18  ? -13.007 -10.582 -7.931  1.00 19.72 ? 290 THR A OG1 1 
ATOM   34   C  CG2 . THR A 1 18  ? -12.450 -8.303  -8.361  1.00 20.10 ? 290 THR A CG2 1 
ATOM   35   N  N   . LYS A 1 19  ? -10.099 -8.721  -11.023 1.00 19.28 ? 291 LYS A N   1 
ATOM   36   C  CA  . LYS A 1 19  ? -9.002  -7.887  -11.542 1.00 18.43 ? 291 LYS A CA  1 
ATOM   37   C  C   . LYS A 1 19  ? -8.909  -6.596  -10.714 1.00 15.08 ? 291 LYS A C   1 
ATOM   38   O  O   . LYS A 1 19  ? -9.907  -6.076  -10.198 1.00 16.77 ? 291 LYS A O   1 
ATOM   39   C  CB  . LYS A 1 19  ? -9.267  -7.509  -12.997 1.00 22.32 ? 291 LYS A CB  1 
ATOM   40   C  CG  . LYS A 1 19  ? -9.673  -8.668  -13.896 1.00 29.99 ? 291 LYS A CG  1 
ATOM   41   C  CD  . LYS A 1 19  ? -8.615  -9.697  -14.101 1.00 36.95 ? 291 LYS A CD  1 
ATOM   42   C  CE  . LYS A 1 19  ? -9.024  -10.785 -15.093 1.00 39.27 ? 291 LYS A CE  1 
ATOM   43   N  NZ  . LYS A 1 19  ? -9.661  -11.951 -14.421 1.00 38.94 ? 291 LYS A NZ  1 
ATOM   44   N  N   . ASN A 1 20  ? -7.676  -6.088  -10.688 1.00 15.14 ? 292 ASN A N   1 
ATOM   45   C  CA  . ASN A 1 20  ? -7.367  -4.700  -10.240 1.00 15.54 ? 292 ASN A CA  1 
ATOM   46   C  C   . ASN A 1 20  ? -7.559  -4.522  -8.731  1.00 15.57 ? 292 ASN A C   1 
ATOM   47   O  O   . ASN A 1 20  ? -7.877  -3.403  -8.292  1.00 13.86 ? 292 ASN A O   1 
ATOM   48   C  CB  . ASN A 1 20  ? -8.189  -3.669  -11.035 1.00 16.06 ? 292 ASN A CB  1 
ATOM   49   C  CG  . ASN A 1 20  ? -7.881  -3.777  -12.511 1.00 19.40 ? 292 ASN A CG  1 
ATOM   50   O  OD1 . ASN A 1 20  ? -6.744  -3.989  -12.892 1.00 17.97 ? 292 ASN A OD1 1 
ATOM   51   N  ND2 . ASN A 1 20  ? -8.956  -3.715  -13.297 1.00 21.47 ? 292 ASN A ND2 1 
ATOM   52   N  N   . LEU A 1 21  ? -7.306  -5.560  -7.915  1.00 13.01 ? 293 LEU A N   1 
ATOM   53   C  CA  . LEU A 1 21  ? -7.375  -5.467  -6.436  1.00 12.62 ? 293 LEU A CA  1 
ATOM   54   C  C   . LEU A 1 21  ? -6.028  -5.160  -5.794  1.00 12.15 ? 293 LEU A C   1 
ATOM   55   O  O   . LEU A 1 21  ? -6.040  -4.880  -4.627  1.00 11.89 ? 293 LEU A O   1 
ATOM   56   C  CB  . LEU A 1 21  ? -7.829  -6.833  -5.905  1.00 12.84 ? 293 LEU A CB  1 
ATOM   57   C  CG  . LEU A 1 21  ? -9.271  -7.246  -6.200  1.00 13.45 ? 293 LEU A CG  1 
ATOM   58   C  CD1 . LEU A 1 21  ? -9.532  -8.618  -5.585  1.00 15.42 ? 293 LEU A CD1 1 
ATOM   59   C  CD2 . LEU A 1 21  ? -10.259 -6.246  -5.676  1.00 14.41 ? 293 LEU A CD2 1 
ATOM   60   N  N   . LEU A 1 22  ? -4.945  -5.322  -6.506  1.00 11.35 ? 294 LEU A N   1 
ATOM   61   C  CA  . LEU A 1 22  ? -3.592  -5.408  -5.899  1.00 11.20 ? 294 LEU A CA  1 
ATOM   62   C  C   . LEU A 1 22  ? -2.809  -4.145  -6.087  1.00 11.60 ? 294 LEU A C   1 
ATOM   63   O  O   . LEU A 1 22  ? -2.617  -3.720  -7.202  1.00 12.28 ? 294 LEU A O   1 
ATOM   64   C  CB  . LEU A 1 22  ? -2.814  -6.563  -6.505  1.00 11.18 ? 294 LEU A CB  1 
ATOM   65   C  CG  . LEU A 1 22  ? -3.466  -7.945  -6.529  1.00 12.29 ? 294 LEU A CG  1 
ATOM   66   C  CD1 . LEU A 1 22  ? -2.555  -8.928  -7.216  1.00 14.06 ? 294 LEU A CD1 1 
ATOM   67   C  CD2 . LEU A 1 22  ? -3.823  -8.415  -5.145  1.00 12.95 ? 294 LEU A CD2 1 
ATOM   68   N  N   . THR A 1 23  ? -2.288  -3.618  -4.987  1.00 11.00 ? 295 THR A N   1 
ATOM   69   C  CA  . THR A 1 23  ? -1.310  -2.512  -5.047  1.00 11.35 ? 295 THR A CA  1 
ATOM   70   C  C   . THR A 1 23  ? 0.004   -2.879  -4.416  1.00 10.62 ? 295 THR A C   1 
ATOM   71   O  O   . THR A 1 23  ? -0.021  -3.306  -3.250  1.00 11.64 ? 295 THR A O   1 
ATOM   72   C  CB  . THR A 1 23  ? -1.811  -1.210  -4.428  1.00 11.20 ? 295 THR A CB  1 
ATOM   73   O  OG1 . THR A 1 23  ? -2.064  -1.381  -3.031  1.00 11.71 ? 295 THR A OG1 1 
ATOM   74   C  CG2 . THR A 1 23  ? -3.108  -0.733  -5.042  1.00 11.59 ? 295 THR A CG2 1 
ATOM   75   N  N   . ARG A 1 24  ? 1.114   -2.663  -5.095  1.00 11.74 ? 296 ARG A N   1 
ATOM   76   C  CA  . ARG A 1 24  ? 2.432   -2.760  -4.500  1.00 12.56 ? 296 ARG A CA  1 
ATOM   77   C  C   . ARG A 1 24  ? 2.735   -1.440  -3.817  1.00 12.75 ? 296 ARG A C   1 
ATOM   78   O  O   . ARG A 1 24  ? 2.563   -0.398  -4.448  1.00 14.00 ? 296 ARG A O   1 
ATOM   79   C  CB  . ARG A 1 24  ? 3.441   -3.061  -5.599  1.00 15.07 ? 296 ARG A CB  1 
ATOM   80   C  CG  . ARG A 1 24  ? 4.824   -3.351  -5.045  1.00 17.62 ? 296 ARG A CG  1 
ATOM   81   C  CD  . ARG A 1 24  ? 5.913   -3.560  -6.095  1.00 24.48 ? 296 ARG A CD  1 
ATOM   82   N  NE  . ARG A 1 24  ? 5.382   -4.211  -7.260  1.00 31.46 ? 296 ARG A NE  1 
ATOM   83   C  CZ  . ARG A 1 24  ? 5.292   -5.515  -7.449  1.00 31.86 ? 296 ARG A CZ  1 
ATOM   84   N  NH1 . ARG A 1 24  ? 5.742   -6.382  -6.553  1.00 34.22 ? 296 ARG A NH1 1 
ATOM   85   N  NH2 . ARG A 1 24  ? 4.772   -5.950  -8.583  1.00 39.64 ? 296 ARG A NH2 1 
ATOM   86   N  N   . ILE A 1 25  ? 3.150   -1.481  -2.589  1.00 11.59 ? 297 ILE A N   1 
ATOM   87   C  CA  . ILE A 1 25  ? 3.624   -0.307  -1.830  1.00 11.29 ? 297 ILE A CA  1 
ATOM   88   C  C   . ILE A 1 25  ? 5.114   -0.408  -1.722  1.00 11.74 ? 297 ILE A C   1 
ATOM   89   O  O   . ILE A 1 25  ? 5.627   -1.448  -1.288  1.00 14.00 ? 297 ILE A O   1 
ATOM   90   C  CB  . ILE A 1 25  ? 2.989   -0.232  -0.445  1.00 11.31 ? 297 ILE A CB  1 
ATOM   91   C  CG1 . ILE A 1 25  ? 1.468   -0.423  -0.441  1.00 11.60 ? 297 ILE A CG1 1 
ATOM   92   C  CG2 . ILE A 1 25  ? 3.426   1.082   0.236   1.00 12.74 ? 297 ILE A CG2 1 
ATOM   93   C  CD1 . ILE A 1 25  ? 0.728   0.569   -1.244  1.00 11.89 ? 297 ILE A CD1 1 
ATOM   94   N  N   . LYS A 1 26  ? 5.831   0.602   -2.158  1.00 11.49 ? 298 LYS A N   1 
ATOM   95   C  CA  . LYS A 1 26  ? 7.296   0.617   -2.191  1.00 11.56 ? 298 LYS A CA  1 
ATOM   96   C  C   . LYS A 1 26  ? 7.819   1.710   -1.272  1.00 10.36 ? 298 LYS A C   1 
ATOM   97   O  O   . LYS A 1 26  ? 7.151   2.746   -1.070  1.00 10.76 ? 298 LYS A O   1 
ATOM   98   C  CB  . LYS A 1 26  ? 7.834   0.867   -3.595  1.00 13.47 ? 298 LYS A CB  1 
ATOM   99   C  CG  . LYS A 1 26  ? 7.415   -0.179  -4.631  1.00 15.90 ? 298 LYS A CG  1 
ATOM   100  C  CD  . LYS A 1 26  ? 8.297   -0.114  -5.887  1.00 21.05 ? 298 LYS A CD  1 
ATOM   101  C  CE  . LYS A 1 26  ? 8.080   1.102   -6.726  1.00 28.51 ? 298 LYS A CE  1 
ATOM   102  N  NZ  . LYS A 1 26  ? 9.081   1.137   -7.831  1.00 35.20 ? 298 LYS A NZ  1 
ATOM   103  N  N   . ASN A 1 27  ? 9.008   1.499   -0.767  1.00 10.85 ? 299 ASN A N   1 
ATOM   104  C  CA  . ASN A 1 27  ? 9.764   2.436   0.075   1.00 10.48 ? 299 ASN A CA  1 
ATOM   105  C  C   . ASN A 1 27  ? 9.207   2.530   1.495   1.00 10.48 ? 299 ASN A C   1 
ATOM   106  O  O   . ASN A 1 27  ? 9.454   3.519   2.186   1.00 11.41 ? 299 ASN A O   1 
ATOM   107  C  CB  . ASN A 1 27  ? 9.908   3.806   -0.571  1.00 10.86 ? 299 ASN A CB  1 
ATOM   108  C  CG  . ASN A 1 27  ? 10.517  3.716   -1.946  1.00 12.31 ? 299 ASN A CG  1 
ATOM   109  O  OD1 . ASN A 1 27  ? 10.008  4.352   -2.887  1.00 17.74 ? 299 ASN A OD1 1 
ATOM   110  N  ND2 . ASN A 1 27  ? 11.566  2.960   -2.052  1.00 11.92 ? 299 ASN A ND2 1 
ATOM   111  N  N   . LEU A 1 28  ? 8.628   1.431   1.971   1.00 9.83  ? 300 LEU A N   1 
ATOM   112  C  CA  . LEU A 1 28  ? 8.317   1.280   3.400   1.00 9.62  ? 300 LEU A CA  1 
ATOM   113  C  C   . LEU A 1 28  ? 9.597   1.232   4.208   1.00 9.14  ? 300 LEU A C   1 
ATOM   114  O  O   . LEU A 1 28  ? 10.644  0.750   3.741   1.00 11.00 ? 300 LEU A O   1 
ATOM   115  C  CB  . LEU A 1 28  ? 7.512   -0.005  3.618   1.00 9.94  ? 300 LEU A CB  1 
ATOM   116  C  CG  . LEU A 1 28  ? 6.088   0.049   3.060   1.00 10.96 ? 300 LEU A CG  1 
ATOM   117  C  CD1 . LEU A 1 28  ? 5.503   -1.364  2.951   1.00 13.43 ? 300 LEU A CD1 1 
ATOM   118  C  CD2 . LEU A 1 28  ? 5.218   0.914   3.902   1.00 11.44 ? 300 LEU A CD2 1 
ATOM   119  N  N   . HIS A 1 29  ? 9.550   1.641   5.436   1.00 8.83  ? 301 HIS A N   1 
ATOM   120  C  CA  . HIS A 1 29  ? 10.690  1.490   6.344   1.00 9.69  ? 301 HIS A CA  1 
ATOM   121  C  C   . HIS A 1 29  ? 10.956  -0.008  6.484   1.00 10.28 ? 301 HIS A C   1 
ATOM   122  O  O   . HIS A 1 29  ? 10.017  -0.795  6.735   1.00 10.87 ? 301 HIS A O   1 
ATOM   123  C  CB  . HIS A 1 29  ? 10.432  2.196   7.650   1.00 9.99  ? 301 HIS A CB  1 
ATOM   124  C  CG  . HIS A 1 29  ? 11.625  2.216   8.507   1.00 10.27 ? 301 HIS A CG  1 
ATOM   125  N  ND1 . HIS A 1 29  ? 12.120  1.082   9.127   1.00 11.67 ? 301 HIS A ND1 1 
ATOM   126  C  CD2 . HIS A 1 29  ? 12.480  3.230   8.738   1.00 11.20 ? 301 HIS A CD2 1 
ATOM   127  C  CE1 . HIS A 1 29  ? 13.245  1.450   9.751   1.00 11.35 ? 301 HIS A CE1 1 
ATOM   128  N  NE2 . HIS A 1 29  ? 13.460  2.705   9.545   1.00 11.91 ? 301 HIS A NE2 1 
ATOM   129  N  N   . PRO A 1 30  ? 12.210  -0.512  6.349   1.00 10.92 ? 302 PRO A N   1 
ATOM   130  C  CA  . PRO A 1 30  ? 12.434  -1.955  6.283   1.00 11.60 ? 302 PRO A CA  1 
ATOM   131  C  C   . PRO A 1 30  ? 12.109  -2.674  7.582   1.00 12.20 ? 302 PRO A C   1 
ATOM   132  O  O   . PRO A 1 30  ? 11.950  -3.915  7.522   1.00 13.17 ? 302 PRO A O   1 
ATOM   133  C  CB  . PRO A 1 30  ? 13.952  -2.059  5.995   1.00 12.91 ? 302 PRO A CB  1 
ATOM   134  C  CG  . PRO A 1 30  ? 14.514  -0.736  6.459   1.00 12.25 ? 302 PRO A CG  1 
ATOM   135  C  CD  . PRO A 1 30  ? 13.424  0.270   6.141   1.00 10.95 ? 302 PRO A CD  1 
ATOM   136  N  N   . LEU A 1 31  ? 12.007  -1.972  8.705   1.00 11.30 ? 303 LEU A N   1 
ATOM   137  C  CA  . LEU A 1 31  ? 11.761  -2.647  10.002  1.00 12.15 ? 303 LEU A CA  1 
ATOM   138  C  C   . LEU A 1 31  ? 10.341  -2.443  10.510  1.00 11.21 ? 303 LEU A C   1 
ATOM   139  O  O   . LEU A 1 31  ? 10.038  -2.707  11.649  1.00 11.10 ? 303 LEU A O   1 
ATOM   140  C  CB  . LEU A 1 31  ? 12.865  -2.251  10.961  1.00 15.67 ? 303 LEU A CB  1 
ATOM   141  C  CG  . LEU A 1 31  ? 14.232  -2.835  10.533  1.00 17.57 ? 303 LEU A CG  1 
ATOM   142  C  CD1 . LEU A 1 31  ? 15.353  -2.148  11.228  1.00 20.27 ? 303 LEU A CD1 1 
ATOM   143  C  CD2 . LEU A 1 31  ? 14.258  -4.327  10.762  1.00 20.31 ? 303 LEU A CD2 1 
ATOM   144  N  N   . THR A 1 32  ? 9.443   -2.061  9.588   1.00 10.25 ? 304 THR A N   1 
ATOM   145  C  CA  . THR A 1 32  ? 8.000   -1.909  9.919   1.00 9.56  ? 304 THR A CA  1 
ATOM   146  C  C   . THR A 1 32  ? 7.285   -3.272  10.066  1.00 10.15 ? 304 THR A C   1 
ATOM   147  O  O   . THR A 1 32  ? 7.960   -4.321  10.017  1.00 10.77 ? 304 THR A O   1 
ATOM   148  C  CB  . THR A 1 32  ? 7.356   -0.946  8.910   1.00 8.80  ? 304 THR A CB  1 
ATOM   149  O  OG1 . THR A 1 32  ? 6.162   -0.383  9.509   1.00 9.71  ? 304 THR A OG1 1 
ATOM   150  C  CG2 . THR A 1 32  ? 6.976   -1.559  7.584   1.00 9.58  ? 304 THR A CG2 1 
ATOM   151  N  N   . ASN A 1 33  ? 5.981   -3.203  10.244  1.00 10.03 ? 305 ASN A N   1 
ATOM   152  C  CA  . ASN A 1 33  ? 5.167   -4.425  10.417  1.00 9.91  ? 305 ASN A CA  1 
ATOM   153  C  C   . ASN A 1 33  ? 3.824   -4.210  9.792   1.00 11.12 ? 305 ASN A C   1 
ATOM   154  O  O   . ASN A 1 33  ? 3.482   -3.097  9.399   1.00 10.81 ? 305 ASN A O   1 
ATOM   155  C  CB  . ASN A 1 33  ? 5.127   -4.851  11.870  1.00 11.06 ? 305 ASN A CB  1 
ATOM   156  C  CG  . ASN A 1 33  ? 4.478   -3.904  12.806  1.00 13.93 ? 305 ASN A CG  1 
ATOM   157  O  OD1 . ASN A 1 33  ? 3.830   -2.966  12.373  1.00 14.89 ? 305 ASN A OD1 1 
ATOM   158  N  ND2 . ASN A 1 33  ? 4.545   -4.128  14.117  1.00 17.51 ? 305 ASN A ND2 1 
ATOM   159  N  N   . LYS A 1 34  ? 3.041   -5.275  9.728   1.00 10.68 ? 306 LYS A N   1 
ATOM   160  C  CA  . LYS A 1 34  ? 1.741   -5.229  9.065   1.00 10.53 ? 306 LYS A CA  1 
ATOM   161  C  C   . LYS A 1 34  ? 0.787   -4.286  9.780   1.00 11.18 ? 306 LYS A C   1 
ATOM   162  O  O   . LYS A 1 34  ? -0.002  -3.581  9.104   1.00 11.32 ? 306 LYS A O   1 
ATOM   163  C  CB  . LYS A 1 34  ? 1.133   -6.631  8.981   1.00 12.15 ? 306 LYS A CB  1 
ATOM   164  C  CG  . LYS A 1 34  ? 1.742   -7.502  7.940   1.00 15.63 ? 306 LYS A CG  1 
ATOM   165  C  CD  . LYS A 1 34  ? 1.082   -8.890  7.843   1.00 17.41 ? 306 LYS A CD  1 
ATOM   166  C  CE  . LYS A 1 34  ? 1.827   -9.818  6.928   1.00 20.15 ? 306 LYS A CE  1 
ATOM   167  N  NZ  . LYS A 1 34  ? 1.011   -11.036 6.696   1.00 25.88 ? 306 LYS A NZ  1 
ATOM   168  N  N   A SER A 1 35  ? 0.847   -4.231  11.104  0.50 10.58 ? 307 SER A N   1 
ATOM   169  N  N   B SER A 1 35  ? 0.771   -4.228  11.103  0.50 11.82 ? 307 SER A N   1 
ATOM   170  C  CA  A SER A 1 35  ? -0.015  -3.348  11.901  0.50 10.99 ? 307 SER A CA  1 
ATOM   171  C  CA  B SER A 1 35  ? -0.166  -3.323  11.785  0.50 13.39 ? 307 SER A CA  1 
ATOM   172  C  C   A SER A 1 35  ? 0.215   -1.876  11.500  0.50 10.50 ? 307 SER A C   1 
ATOM   173  C  C   B SER A 1 35  ? 0.201   -1.877  11.394  0.50 11.30 ? 307 SER A C   1 
ATOM   174  O  O   A SER A 1 35  ? -0.748  -1.078  11.397  0.50 10.60 ? 307 SER A O   1 
ATOM   175  O  O   B SER A 1 35  ? -0.693  -1.131  11.040  0.50 10.91 ? 307 SER A O   1 
ATOM   176  C  CB  A SER A 1 35  ? 0.197   -3.496  13.415  0.50 10.66 ? 307 SER A CB  1 
ATOM   177  C  CB  B SER A 1 35  ? -0.209  -3.534  13.294  0.50 15.21 ? 307 SER A CB  1 
ATOM   178  O  OG  A SER A 1 35  ? -0.691  -2.591  14.047  0.50 12.24 ? 307 SER A OG  1 
ATOM   179  O  OG  B SER A 1 35  ? -0.451  -4.908  13.598  0.50 23.20 ? 307 SER A OG  1 
ATOM   180  N  N   . THR A 1 36  ? 1.487   -1.501  11.412  1.00 10.85 ? 308 THR A N   1 
ATOM   181  C  CA  . THR A 1 36  ? 1.874   -0.127  11.063  1.00 10.65 ? 308 THR A CA  1 
ATOM   182  C  C   . THR A 1 36  ? 1.459   0.157   9.611   1.00 9.83  ? 308 THR A C   1 
ATOM   183  O  O   . THR A 1 36  ? 0.928   1.230   9.326   1.00 9.27  ? 308 THR A O   1 
ATOM   184  C  CB  . THR A 1 36  ? 3.360   0.102   11.281  1.00 10.96 ? 308 THR A CB  1 
ATOM   185  O  OG1 . THR A 1 36  ? 3.747   -0.236  12.624  1.00 12.56 ? 308 THR A OG1 1 
ATOM   186  C  CG2 . THR A 1 36  ? 3.716   1.537   10.998  1.00 10.81 ? 308 THR A CG2 1 
ATOM   187  N  N   . ILE A 1 37  ? 1.690   -0.777  8.704   1.00 9.35  ? 309 ILE A N   1 
ATOM   188  C  CA  . ILE A 1 37  ? 1.292   -0.600  7.296   1.00 9.36  ? 309 ILE A CA  1 
ATOM   189  C  C   . ILE A 1 37  ? -0.206  -0.374  7.214   1.00 9.60  ? 309 ILE A C   1 
ATOM   190  O  O   . ILE A 1 37  ? -0.690  0.538   6.525   1.00 9.53  ? 309 ILE A O   1 
ATOM   191  C  CB  . ILE A 1 37  ? 1.751   -1.779  6.459   1.00 9.27  ? 309 ILE A CB  1 
ATOM   192  C  CG1 . ILE A 1 37  ? 3.265   -1.855  6.400   1.00 10.11 ? 309 ILE A CG1 1 
ATOM   193  C  CG2 . ILE A 1 37  ? 1.171   -1.668  5.066   1.00 10.15 ? 309 ILE A CG2 1 
ATOM   194  C  CD1 . ILE A 1 37  ? 3.806   -3.191  5.908   1.00 11.09 ? 309 ILE A CD1 1 
ATOM   195  N  N   . HIS A 1 38  ? -0.990  -1.176  7.928   1.00 9.84  ? 310 HIS A N   1 
ATOM   196  C  CA  . HIS A 1 38  ? -2.461  -1.012  7.939   1.00 11.04 ? 310 HIS A CA  1 
ATOM   197  C  C   . HIS A 1 38  ? -2.802  0.417   8.401   1.00 10.00 ? 310 HIS A C   1 
ATOM   198  O  O   . HIS A 1 38  ? -3.649  1.083   7.756   1.00 10.50 ? 310 HIS A O   1 
ATOM   199  C  CB  . HIS A 1 38  ? -3.128  -2.068  8.850   1.00 11.66 ? 310 HIS A CB  1 
ATOM   200  C  CG  . HIS A 1 38  ? -4.613  -2.036  8.784   1.00 14.15 ? 310 HIS A CG  1 
ATOM   201  N  ND1 . HIS A 1 38  ? -5.363  -3.099  8.315   1.00 22.15 ? 310 HIS A ND1 1 
ATOM   202  C  CD2 . HIS A 1 38  ? -5.501  -1.070  9.055   1.00 22.69 ? 310 HIS A CD2 1 
ATOM   203  C  CE1 . HIS A 1 38  ? -6.637  -2.758  8.364   1.00 18.44 ? 310 HIS A CE1 1 
ATOM   204  N  NE2 . HIS A 1 38  ? -6.750  -1.556  8.751   1.00 21.52 ? 310 HIS A NE2 1 
ATOM   205  N  N   . SER A 1 39  ? -2.235  0.863   9.491   1.00 9.93  ? 311 SER A N   1 
ATOM   206  C  CA  . SER A 1 39  ? -2.540  2.188   10.060  1.00 10.22 ? 311 SER A CA  1 
ATOM   207  C  C   . SER A 1 39  ? -2.116  3.295   9.099   1.00 9.75  ? 311 SER A C   1 
ATOM   208  O  O   . SER A 1 39  ? -2.859  4.256   8.900   1.00 10.64 ? 311 SER A O   1 
ATOM   209  C  CB  . SER A 1 39  ? -1.870  2.360   11.367  1.00 11.76 ? 311 SER A CB  1 
ATOM   210  O  OG  . SER A 1 39  ? -2.440  1.449   12.347  1.00 14.95 ? 311 SER A OG  1 
ATOM   211  N  N   A LEU A 1 40  ? -0.975  3.139   8.469   0.50 9.12  ? 312 LEU A N   1 
ATOM   212  N  N   B LEU A 1 40  ? -0.956  3.152   8.475   0.50 10.75 ? 312 LEU A N   1 
ATOM   213  C  CA  A LEU A 1 40  ? -0.482  4.167   7.541   0.50 8.71  ? 312 LEU A CA  1 
ATOM   214  C  CA  B LEU A 1 40  ? -0.404  4.117   7.493   0.50 11.39 ? 312 LEU A CA  1 
ATOM   215  C  C   A LEU A 1 40  ? -1.432  4.224   6.346   0.50 9.40  ? 312 LEU A C   1 
ATOM   216  C  C   B LEU A 1 40  ? -1.378  4.214   6.312   0.50 10.99 ? 312 LEU A C   1 
ATOM   217  O  O   A LEU A 1 40  ? -1.834  5.309   5.924   0.50 9.39  ? 312 LEU A O   1 
ATOM   218  O  O   B LEU A 1 40  ? -1.771  5.308   5.878   0.50 10.40 ? 312 LEU A O   1 
ATOM   219  C  CB  A LEU A 1 40  ? 0.940   3.804   7.126   0.50 7.66  ? 312 LEU A CB  1 
ATOM   220  C  CB  B LEU A 1 40  ? 0.979   3.606   7.078   0.50 12.45 ? 312 LEU A CB  1 
ATOM   221  C  CG  A LEU A 1 40  ? 1.668   4.824   6.232   0.50 7.63  ? 312 LEU A CG  1 
ATOM   222  C  CG  B LEU A 1 40  ? 1.808   4.391   6.046   0.50 15.51 ? 312 LEU A CG  1 
ATOM   223  C  CD1 A LEU A 1 40  ? 3.179   4.786   6.448   0.50 7.30  ? 312 LEU A CD1 1 
ATOM   224  C  CD1 B LEU A 1 40  ? 1.672   5.880   6.185   0.50 17.58 ? 312 LEU A CD1 1 
ATOM   225  C  CD2 A LEU A 1 40  ? 1.299   4.534   4.787   0.50 7.07  ? 312 LEU A CD2 1 
ATOM   226  C  CD2 B LEU A 1 40  ? 3.289   4.050   6.213   0.50 16.85 ? 312 LEU A CD2 1 
ATOM   227  N  N   . LEU A 1 41  ? -1.779  3.064   5.771   1.00 9.76  ? 313 LEU A N   1 
ATOM   228  C  CA  . LEU A 1 41  ? -2.685  3.068   4.601   1.00 10.91 ? 313 LEU A CA  1 
ATOM   229  C  C   . LEU A 1 41  ? -3.988  3.728   5.000   1.00 11.34 ? 313 LEU A C   1 
ATOM   230  O  O   . LEU A 1 41  ? -4.502  4.552   4.193   1.00 12.78 ? 313 LEU A O   1 
ATOM   231  C  CB  . LEU A 1 41  ? -2.959  1.619   4.202   1.00 12.30 ? 313 LEU A CB  1 
ATOM   232  C  CG  . LEU A 1 41  ? -1.818  0.934   3.508   1.00 12.36 ? 313 LEU A CG  1 
ATOM   233  C  CD1 . LEU A 1 41  ? -2.197  -0.530  3.266   1.00 13.13 ? 313 LEU A CD1 1 
ATOM   234  C  CD2 . LEU A 1 41  ? -1.402  1.589   2.195   1.00 14.26 ? 313 LEU A CD2 1 
ATOM   235  N  N   A SER A 1 42  ? -4.566  3.442   6.167   0.50 11.76 ? 314 SER A N   1 
ATOM   236  N  N   B SER A 1 42  ? -4.570  3.401   6.142   0.50 11.67 ? 314 SER A N   1 
ATOM   237  C  CA  A SER A 1 42  ? -5.861  3.998   6.637   0.50 13.24 ? 314 SER A CA  1 
ATOM   238  C  CA  B SER A 1 42  ? -5.849  4.001   6.562   0.50 13.01 ? 314 SER A CA  1 
ATOM   239  C  C   A SER A 1 42  ? -5.735  5.514   6.860   0.50 12.30 ? 314 SER A C   1 
ATOM   240  C  C   B SER A 1 42  ? -5.644  5.517   6.670   0.50 11.64 ? 314 SER A C   1 
ATOM   241  O  O   A SER A 1 42  ? -6.717  6.281   6.646   0.50 12.02 ? 314 SER A O   1 
ATOM   242  O  O   B SER A 1 42  ? -6.470  6.251   6.117   0.50 12.19 ? 314 SER A O   1 
ATOM   243  C  CB  A SER A 1 42  ? -6.322  3.295   7.881   0.50 15.29 ? 314 SER A CB  1 
ATOM   244  C  CB  B SER A 1 42  ? -6.377  3.412   7.833   0.50 15.02 ? 314 SER A CB  1 
ATOM   245  O  OG  A SER A 1 42  ? -6.506  1.918   7.613   0.50 16.98 ? 314 SER A OG  1 
ATOM   246  O  OG  B SER A 1 42  ? -7.734  3.786   8.020   0.50 17.59 ? 314 SER A OG  1 
ATOM   247  N  N   . TYR A 1 43  ? -4.590  5.956   7.368   1.00 11.35 ? 315 TYR A N   1 
ATOM   248  C  CA  . TYR A 1 43  ? -4.342  7.393   7.644   1.00 11.22 ? 315 TYR A CA  1 
ATOM   249  C  C   . TYR A 1 43  ? -4.292  8.138   6.311   1.00 11.74 ? 315 TYR A C   1 
ATOM   250  O  O   . TYR A 1 43  ? -4.952  9.208   6.107   1.00 11.44 ? 315 TYR A O   1 
ATOM   251  C  CB  . TYR A 1 43  ? -3.011  7.505   8.365   1.00 12.14 ? 315 TYR A CB  1 
ATOM   252  C  CG  . TYR A 1 43  ? -2.713  8.932   8.745   1.00 11.77 ? 315 TYR A CG  1 
ATOM   253  C  CD1 . TYR A 1 43  ? -2.124  9.819   7.854   1.00 10.94 ? 315 TYR A CD1 1 
ATOM   254  C  CD2 . TYR A 1 43  ? -3.075  9.416   9.999   1.00 12.42 ? 315 TYR A CD2 1 
ATOM   255  C  CE1 . TYR A 1 43  ? -1.890  11.131  8.200   1.00 11.04 ? 315 TYR A CE1 1 
ATOM   256  C  CE2 . TYR A 1 43  ? -2.791  10.713  10.387  1.00 12.39 ? 315 TYR A CE2 1 
ATOM   257  C  CZ  . TYR A 1 43  ? -2.225  11.567  9.468   1.00 10.80 ? 315 TYR A CZ  1 
ATOM   258  O  OH  . TYR A 1 43  ? -1.960  12.866  9.828   1.00 13.23 ? 315 TYR A OH  1 
ATOM   259  N  N   . VAL A 1 44  ? -3.571  7.646   5.331   1.00 10.99 ? 316 VAL A N   1 
ATOM   260  C  CA  . VAL A 1 44  ? -3.419  8.223   3.989   1.00 11.43 ? 316 VAL A CA  1 
ATOM   261  C  C   . VAL A 1 44  ? -4.730  8.168   3.215   1.00 13.92 ? 316 VAL A C   1 
ATOM   262  O  O   . VAL A 1 44  ? -5.212  9.194   2.649   1.00 13.66 ? 316 VAL A O   1 
ATOM   263  C  CB  . VAL A 1 44  ? -2.220  7.601   3.251   1.00 12.85 ? 316 VAL A CB  1 
ATOM   264  C  CG1 . VAL A 1 44  ? -2.145  8.029   1.791   1.00 15.90 ? 316 VAL A CG1 1 
ATOM   265  C  CG2 . VAL A 1 44  ? -0.943  7.901   3.962   1.00 12.68 ? 316 VAL A CG2 1 
ATOM   266  N  N   . PHE A 1 45  ? -5.410  7.044   3.264   1.00 14.96 ? 317 PHE A N   1 
ATOM   267  C  CA  . PHE A 1 45  ? -6.683  6.815   2.535   1.00 16.10 ? 317 PHE A CA  1 
ATOM   268  C  C   . PHE A 1 45  ? -7.697  7.792   3.063   1.00 15.54 ? 317 PHE A C   1 
ATOM   269  O  O   . PHE A 1 45  ? -8.433  8.353   2.142   1.00 16.28 ? 317 PHE A O   1 
ATOM   270  C  CB  . PHE A 1 45  ? -7.147  5.363   2.772   1.00 16.98 ? 317 PHE A CB  1 
ATOM   271  C  CG  . PHE A 1 45  ? -8.174  4.776   1.849   1.00 16.52 ? 317 PHE A CG  1 
ATOM   272  C  CD1 . PHE A 1 45  ? -9.501  5.124   2.017   1.00 17.76 ? 317 PHE A CD1 1 
ATOM   273  C  CD2 . PHE A 1 45  ? -7.839  3.910   0.819   1.00 18.44 ? 317 PHE A CD2 1 
ATOM   274  C  CE1 . PHE A 1 45  ? -10.500 4.576   1.220   1.00 19.07 ? 317 PHE A CE1 1 
ATOM   275  C  CE2 . PHE A 1 45  ? -8.831  3.349   0.064   1.00 17.14 ? 317 PHE A CE2 1 
ATOM   276  C  CZ  . PHE A 1 45  ? -10.137 3.736   0.207   1.00 18.79 ? 317 PHE A CZ  1 
ATOM   277  N  N   . SER A 1 46  ? -7.765  8.088   4.359   1.00 16.53 ? 318 SER A N   1 
ATOM   278  C  CA  . SER A 1 46  ? -8.710  9.014   5.027   1.00 18.94 ? 318 SER A CA  1 
ATOM   279  C  C   . SER A 1 46  ? -8.602  10.386  4.372   1.00 19.10 ? 318 SER A C   1 
ATOM   280  O  O   . SER A 1 46  ? -9.622  11.120  4.362   1.00 20.90 ? 318 SER A O   1 
ATOM   281  C  CB  . SER A 1 46  ? -8.448  9.126   6.509   1.00 21.61 ? 318 SER A CB  1 
ATOM   282  O  OG  . SER A 1 46  ? -9.051  8.000   7.176   1.00 31.62 ? 318 SER A OG  1 
ATOM   283  N  N   . ARG A 1 47  ? -7.401  10.783  3.956   1.00 16.04 ? 319 ARG A N   1 
ATOM   284  C  CA  . ARG A 1 47  ? -7.141  12.160  3.434   1.00 17.44 ? 319 ARG A CA  1 
ATOM   285  C  C   . ARG A 1 47  ? -7.451  12.211  1.950   1.00 19.29 ? 319 ARG A C   1 
ATOM   286  O  O   . ARG A 1 47  ? -7.633  13.342  1.432   1.00 23.11 ? 319 ARG A O   1 
ATOM   287  C  CB  . ARG A 1 47  ? -5.702  12.574  3.680   1.00 17.41 ? 319 ARG A CB  1 
ATOM   288  C  CG  . ARG A 1 47  ? -5.463  13.259  4.999   1.00 19.53 ? 319 ARG A CG  1 
ATOM   289  C  CD  . ARG A 1 47  ? -4.717  12.514  6.026   1.00 20.63 ? 319 ARG A CD  1 
ATOM   290  N  NE  . ARG A 1 47  ? -4.889  13.106  7.335   1.00 17.22 ? 319 ARG A NE  1 
ATOM   291  C  CZ  . ARG A 1 47  ? -5.275  12.455  8.367   1.00 17.10 ? 319 ARG A CZ  1 
ATOM   292  N  NH1 . ARG A 1 47  ? -5.490  11.148  8.303   1.00 16.41 ? 319 ARG A NH1 1 
ATOM   293  N  NH2 . ARG A 1 47  ? -5.430  13.063  9.506   1.00 16.85 ? 319 ARG A NH2 1 
ATOM   294  N  N   . GLN A 1 48  ? -7.658  11.100  1.279   1.00 16.99 ? 320 GLN A N   1 
ATOM   295  C  CA  . GLN A 1 48  ? -8.066  11.031  -0.137  1.00 18.71 ? 320 GLN A CA  1 
ATOM   296  C  C   . GLN A 1 48  ? -9.587  10.961  -0.230  1.00 19.87 ? 320 GLN A C   1 
ATOM   297  O  O   . GLN A 1 48  ? -10.153 11.559  -1.199  1.00 22.28 ? 320 GLN A O   1 
ATOM   298  C  CB  . GLN A 1 48  ? -7.444  9.802   -0.807  1.00 18.80 ? 320 GLN A CB  1 
ATOM   299  C  CG  . GLN A 1 48  ? -7.489  9.898   -2.330  1.00 24.08 ? 320 GLN A CG  1 
ATOM   300  C  CD  . GLN A 1 48  ? -6.580  11.008  -2.795  1.00 21.26 ? 320 GLN A CD  1 
ATOM   301  O  OE1 . GLN A 1 48  ? -5.663  11.465  -2.073  1.00 27.55 ? 320 GLN A OE1 1 
ATOM   302  N  NE2 . GLN A 1 48  ? -6.765  11.415  -4.012  1.00 31.07 ? 320 GLN A NE2 1 
ATOM   303  N  N   . THR A 1 49  ? -10.268 10.291  0.684   1.00 20.61 ? 321 THR A N   1 
ATOM   304  C  CA  . THR A 1 49  ? -11.757 10.212  0.621   1.00 21.21 ? 321 THR A CA  1 
ATOM   305  C  C   . THR A 1 49  ? -12.355 9.905   1.985   1.00 24.69 ? 321 THR A C   1 
ATOM   306  O  O   . THR A 1 49  ? -11.783 9.148   2.760   1.00 22.84 ? 321 THR A O   1 
ATOM   307  C  CB  . THR A 1 49  ? -12.229 9.176   -0.404  1.00 24.22 ? 321 THR A CB  1 
ATOM   308  O  OG1 . THR A 1 49  ? -13.660 9.201   -0.489  1.00 28.89 ? 321 THR A OG1 1 
ATOM   309  C  CG2 . THR A 1 49  ? -11.893 7.754   -0.046  1.00 24.06 ? 321 THR A CG2 1 
ATOM   310  N  N   . GLN A 1 50  ? -13.585 10.381  2.183   1.00 26.10 ? 322 GLN A N   1 
ATOM   311  C  CA  . GLN A 1 50  ? -14.433 10.006  3.334   1.00 29.15 ? 322 GLN A CA  1 
ATOM   312  C  C   . GLN A 1 50  ? -15.616 9.179   2.826   1.00 29.68 ? 322 GLN A C   1 
ATOM   313  O  O   . GLN A 1 50  ? -16.387 8.709   3.677   1.00 36.16 ? 322 GLN A O   1 
ATOM   314  C  CB  . GLN A 1 50  ? -14.840 11.286  4.072   1.00 30.98 ? 322 GLN A CB  1 
ATOM   315  C  CG  . GLN A 1 50  ? -13.675 11.927  4.814   1.00 33.21 ? 322 GLN A CG  1 
ATOM   316  C  CD  . GLN A 1 50  ? -13.222 11.027  5.942   1.00 41.90 ? 322 GLN A CD  1 
ATOM   317  O  OE1 . GLN A 1 50  ? -14.018 10.614  6.786   1.00 45.53 ? 322 GLN A OE1 1 
ATOM   318  N  NE2 . GLN A 1 50  ? -11.939 10.692  5.950   1.00 39.76 ? 322 GLN A NE2 1 
ATOM   319  N  N   . ASN A 1 51  ? -15.698 8.945   1.521   1.00 31.45 ? 323 ASN A N   1 
ATOM   320  C  CA  . ASN A 1 51  ? -16.889 8.311   0.890   1.00 33.69 ? 323 ASN A CA  1 
ATOM   321  C  C   . ASN A 1 51  ? -16.896 6.812   1.189   1.00 33.32 ? 323 ASN A C   1 
ATOM   322  O  O   . ASN A 1 51  ? -18.002 6.229   1.305   1.00 36.57 ? 323 ASN A O   1 
ATOM   323  C  CB  . ASN A 1 51  ? -16.903 8.483   -0.628  1.00 36.26 ? 323 ASN A CB  1 
ATOM   324  C  CG  . ASN A 1 51  ? -16.992 9.930   -1.063  1.00 42.96 ? 323 ASN A CG  1 
ATOM   325  O  OD1 . ASN A 1 51  ? -16.630 10.261  -2.191  1.00 50.21 ? 323 ASN A OD1 1 
ATOM   326  N  ND2 . ASN A 1 51  ? -17.467 10.793  -0.178  1.00 44.70 ? 323 ASN A ND2 1 
ATOM   327  N  N   . ILE A 1 52  ? -15.716 6.197   1.236   1.00 29.10 ? 324 ILE A N   1 
ATOM   328  C  CA  . ILE A 1 52  ? -15.584 4.730   1.499   1.00 28.84 ? 324 ILE A CA  1 
ATOM   329  C  C   . ILE A 1 52  ? -14.476 4.515   2.527   1.00 24.73 ? 324 ILE A C   1 
ATOM   330  O  O   . ILE A 1 52  ? -13.559 5.319   2.634   1.00 26.68 ? 324 ILE A O   1 
ATOM   331  C  CB  . ILE A 1 52  ? -15.311 3.906   0.227   1.00 30.73 ? 324 ILE A CB  1 
ATOM   332  C  CG1 . ILE A 1 52  ? -14.054 4.380   -0.498  1.00 28.60 ? 324 ILE A CG1 1 
ATOM   333  C  CG2 . ILE A 1 52  ? -16.532 3.871   -0.687  1.00 36.01 ? 324 ILE A CG2 1 
ATOM   334  C  CD1 . ILE A 1 52  ? -13.605 3.460   -1.614  1.00 30.22 ? 324 ILE A CD1 1 
ATOM   335  N  N   . ALA A 1 53  ? -14.624 3.459   3.279   1.00 24.40 ? 325 ALA A N   1 
ATOM   336  C  CA  . ALA A 1 53  ? -13.697 3.084   4.358   1.00 23.80 ? 325 ALA A CA  1 
ATOM   337  C  C   . ALA A 1 53  ? -12.441 2.487   3.718   1.00 20.68 ? 325 ALA A C   1 
ATOM   338  O  O   . ALA A 1 53  ? -12.460 1.917   2.631   1.00 19.71 ? 325 ALA A O   1 
ATOM   339  C  CB  . ALA A 1 53  ? -14.384 2.117   5.273   1.00 24.55 ? 325 ALA A CB  1 
ATOM   340  N  N   . CYS A 1 54  ? -11.337 2.574   4.409   1.00 17.64 ? 326 CYS A N   1 
ATOM   341  C  CA  . CYS A 1 54  ? -10.093 1.908   3.986   1.00 16.31 ? 326 CYS A CA  1 
ATOM   342  C  C   . CYS A 1 54  ? -10.220 0.428   4.302   1.00 15.48 ? 326 CYS A C   1 
ATOM   343  O  O   . CYS A 1 54  ? -10.304 0.085   5.424   1.00 17.46 ? 326 CYS A O   1 
ATOM   344  C  CB  . CYS A 1 54  ? -8.916  2.508   4.715   1.00 16.77 ? 326 CYS A CB  1 
ATOM   345  S  SG  . CYS A 1 54  ? -7.329  1.848   4.189   1.00 16.63 ? 326 CYS A SG  1 
ATOM   346  N  N   A GLU A 1 55  ? -10.215 -0.422  3.283   0.50 16.74 ? 327 GLU A N   1 
ATOM   347  N  N   B GLU A 1 55  ? -10.168 -0.403  3.254   0.50 14.63 ? 327 GLU A N   1 
ATOM   348  C  CA  A GLU A 1 55  ? -10.423 -1.888  3.498   0.50 16.76 ? 327 GLU A CA  1 
ATOM   349  C  CA  B GLU A 1 55  ? -10.416 -1.885  3.348   0.50 13.92 ? 327 GLU A CA  1 
ATOM   350  C  C   A GLU A 1 55  ? -9.333  -2.658  2.780   0.50 16.03 ? 327 GLU A C   1 
ATOM   351  C  C   B GLU A 1 55  ? -9.285  -2.673  2.719   0.50 14.37 ? 327 GLU A C   1 
ATOM   352  O  O   A GLU A 1 55  ? -9.586  -3.258  1.731   0.50 16.68 ? 327 GLU A O   1 
ATOM   353  O  O   B GLU A 1 55  ? -9.438  -3.364  1.699   0.50 13.72 ? 327 GLU A O   1 
ATOM   354  C  CB  A GLU A 1 55  ? -11.866 -2.278  3.138   0.50 18.18 ? 327 GLU A CB  1 
ATOM   355  C  CB  B GLU A 1 55  ? -11.754 -2.306  2.724   0.50 13.56 ? 327 GLU A CB  1 
ATOM   356  C  CG  A GLU A 1 55  ? -12.855 -1.560  4.060   0.50 20.51 ? 327 GLU A CG  1 
ATOM   357  C  CG  B GLU A 1 55  ? -12.952 -1.797  3.501   0.50 15.44 ? 327 GLU A CG  1 
ATOM   358  C  CD  A GLU A 1 55  ? -14.320 -1.968  4.113   0.50 22.94 ? 327 GLU A CD  1 
ATOM   359  C  CD  B GLU A 1 55  ? -13.069 -2.349  4.917   0.50 17.00 ? 327 GLU A CD  1 
ATOM   360  O  OE1 A GLU A 1 55  ? -15.077 -1.568  3.196   0.50 28.87 ? 327 GLU A OE1 1 
ATOM   361  O  OE1 B GLU A 1 55  ? -12.329 -3.292  5.287   0.50 19.77 ? 327 GLU A OE1 1 
ATOM   362  O  OE2 A GLU A 1 55  ? -14.715 -2.625  5.093   0.50 28.33 ? 327 GLU A OE2 1 
ATOM   363  O  OE2 B GLU A 1 55  ? -13.930 -1.811  5.682   0.50 24.48 ? 327 GLU A OE2 1 
ATOM   364  N  N   . PRO A 1 56  ? -8.101  -2.682  3.355   1.00 14.56 ? 328 PRO A N   1 
ATOM   365  C  CA  . PRO A 1 56  ? -6.997  -3.451  2.838   1.00 15.30 ? 328 PRO A CA  1 
ATOM   366  C  C   . PRO A 1 56  ? -7.129  -4.856  3.404   1.00 16.30 ? 328 PRO A C   1 
ATOM   367  O  O   . PRO A 1 56  ? -6.569  -5.152  4.463   1.00 19.17 ? 328 PRO A O   1 
ATOM   368  C  CB  . PRO A 1 56  ? -5.755  -2.779  3.406   1.00 15.48 ? 328 PRO A CB  1 
ATOM   369  C  CG  . PRO A 1 56  ? -6.225  -2.150  4.689   1.00 17.13 ? 328 PRO A CG  1 
ATOM   370  C  CD  . PRO A 1 56  ? -7.723  -1.914  4.555   1.00 13.88 ? 328 PRO A CD  1 
HETATM 371  N  N   . MSE A 1 57  ? -7.840  -5.723  2.718   1.00 13.18 ? 329 MSE A N   1 
HETATM 372  C  CA  . MSE A 1 57  ? -8.271  -6.963  3.312   1.00 14.24 ? 329 MSE A CA  1 
HETATM 373  C  C   . MSE A 1 57  ? -7.063  -7.821  3.677   1.00 13.25 ? 329 MSE A C   1 
HETATM 374  O  O   . MSE A 1 57  ? -7.059  -8.427  4.757   1.00 15.41 ? 329 MSE A O   1 
HETATM 375  C  CB  . MSE A 1 57  ? -9.128  -7.692  2.290   1.00 15.47 ? 329 MSE A CB  1 
HETATM 376  C  CG  . MSE A 1 57  ? -9.675  -9.008  2.873   1.00 14.60 ? 329 MSE A CG  1 
HETATM 377  SE SE  . MSE A 1 57  ? -10.641 -10.059 1.625   1.00 19.48 ? 329 MSE A SE  1 
HETATM 378  C  CE  . MSE A 1 57  ? -11.882 -8.916  1.424   1.00 16.11 ? 329 MSE A CE  1 
ATOM   379  N  N   . TYR A 1 58  ? -6.063  -7.902  2.791   1.00 11.06 ? 330 TYR A N   1 
ATOM   380  C  CA  . TYR A 1 58  ? -4.867  -8.630  3.118   1.00 11.22 ? 330 TYR A CA  1 
ATOM   381  C  C   . TYR A 1 58  ? -3.646  -7.763  2.870   1.00 11.42 ? 330 TYR A C   1 
ATOM   382  O  O   . TYR A 1 58  ? -3.598  -7.062  1.855   1.00 11.99 ? 330 TYR A O   1 
ATOM   383  C  CB  . TYR A 1 58  ? -4.768  -9.994  2.403   1.00 11.75 ? 330 TYR A CB  1 
ATOM   384  C  CG  . TYR A 1 58  ? -5.933  -10.889 2.742   1.00 13.41 ? 330 TYR A CG  1 
ATOM   385  C  CD1 . TYR A 1 58  ? -6.152  -11.289 4.046   1.00 13.85 ? 330 TYR A CD1 1 
ATOM   386  C  CD2 . TYR A 1 58  ? -6.849  -11.246 1.771   1.00 11.49 ? 330 TYR A CD2 1 
ATOM   387  C  CE1 . TYR A 1 58  ? -7.221  -12.111 4.391   1.00 12.70 ? 330 TYR A CE1 1 
ATOM   388  C  CE2 . TYR A 1 58  ? -7.923  -12.049 2.102   1.00 11.61 ? 330 TYR A CE2 1 
ATOM   389  C  CZ  . TYR A 1 58  ? -8.103  -12.469 3.395   1.00 11.83 ? 330 TYR A CZ  1 
ATOM   390  O  OH  . TYR A 1 58  ? -9.117  -13.295 3.808   1.00 11.58 ? 330 TYR A OH  1 
ATOM   391  N  N   . ILE A 1 59  ? -2.680  -7.834  3.755   1.00 11.86 ? 331 ILE A N   1 
ATOM   392  C  CA  . ILE A 1 59  ? -1.377  -7.157  3.608   1.00 12.99 ? 331 ILE A CA  1 
ATOM   393  C  C   . ILE A 1 59  ? -0.324  -8.229  3.553   1.00 11.33 ? 331 ILE A C   1 
ATOM   394  O  O   . ILE A 1 59  ? -0.090  -8.895  4.609   1.00 15.17 ? 331 ILE A O   1 
ATOM   395  C  CB  . ILE A 1 59  ? -1.157  -6.168  4.741   1.00 11.89 ? 331 ILE A CB  1 
ATOM   396  C  CG1 . ILE A 1 59  ? -2.287  -5.135  4.768   1.00 12.69 ? 331 ILE A CG1 1 
ATOM   397  C  CG2 . ILE A 1 59  ? 0.254   -5.571  4.621   1.00 13.37 ? 331 ILE A CG2 1 
ATOM   398  C  CD1 . ILE A 1 59  ? -2.248  -4.171  5.908   1.00 16.57 ? 331 ILE A CD1 1 
ATOM   399  N  N   . ASP A 1 60  ? 0.314   -8.409  2.454   1.00 11.26 ? 332 ASP A N   1 
ATOM   400  C  CA  . ASP A 1 60  ? 1.417   -9.356  2.263   1.00 11.98 ? 332 ASP A CA  1 
ATOM   401  C  C   . ASP A 1 60  ? 2.722   -8.607  2.521   1.00 11.70 ? 332 ASP A C   1 
ATOM   402  O  O   . ASP A 1 60  ? 3.074   -7.761  1.706   1.00 12.28 ? 332 ASP A O   1 
ATOM   403  C  CB  . ASP A 1 60  ? 1.368   -10.028 0.895   1.00 13.84 ? 332 ASP A CB  1 
ATOM   404  C  CG  . ASP A 1 60  ? 0.085   -10.840 0.597   1.00 17.50 ? 332 ASP A CG  1 
ATOM   405  O  OD1 . ASP A 1 60  ? -0.740  -11.159 1.484   1.00 17.20 ? 332 ASP A OD1 1 
ATOM   406  O  OD2 . ASP A 1 60  ? -0.047  -11.118 -0.611  1.00 19.34 ? 332 ASP A OD2 1 
ATOM   407  N  N   . TYR A 1 61  ? 3.406   -8.935  3.580   1.00 11.70 ? 333 TYR A N   1 
ATOM   408  C  CA  . TYR A 1 61  ? 4.628   -8.191  3.986   1.00 11.47 ? 333 TYR A CA  1 
ATOM   409  C  C   . TYR A 1 61  ? 5.550   -9.131  4.769   1.00 12.20 ? 333 TYR A C   1 
ATOM   410  O  O   . TYR A 1 61  ? 5.034   -9.808  5.680   1.00 13.42 ? 333 TYR A O   1 
ATOM   411  C  CB  . TYR A 1 61  ? 4.269   -6.961  4.835   1.00 12.41 ? 333 TYR A CB  1 
ATOM   412  C  CG  . TYR A 1 61  ? 5.510   -6.231  5.303   1.00 11.18 ? 333 TYR A CG  1 
ATOM   413  C  CD1 . TYR A 1 61  ? 6.280   -5.524  4.408   1.00 10.94 ? 333 TYR A CD1 1 
ATOM   414  C  CD2 . TYR A 1 61  ? 5.921   -6.339  6.614   1.00 10.86 ? 333 TYR A CD2 1 
ATOM   415  C  CE1 . TYR A 1 61  ? 7.473   -4.911  4.797   1.00 10.97 ? 333 TYR A CE1 1 
ATOM   416  C  CE2 . TYR A 1 61  ? 7.126   -5.752  7.012   1.00 11.24 ? 333 TYR A CE2 1 
ATOM   417  C  CZ  . TYR A 1 61  ? 7.891   -5.051  6.110   1.00 11.04 ? 333 TYR A CZ  1 
ATOM   418  O  OH  . TYR A 1 61  ? 9.110   -4.509  6.529   1.00 11.44 ? 333 TYR A OH  1 
ATOM   419  N  N   . ARG A 1 62  ? 6.810   -9.124  4.389   1.00 12.81 ? 334 ARG A N   1 
ATOM   420  C  CA  . ARG A 1 62  ? 7.870   -9.924  5.040   1.00 14.87 ? 334 ARG A CA  1 
ATOM   421  C  C   . ARG A 1 62  ? 8.759   -8.918  5.768   1.00 15.70 ? 334 ARG A C   1 
ATOM   422  O  O   . ARG A 1 62  ? 9.277   -7.961  5.145   1.00 13.46 ? 334 ARG A O   1 
ATOM   423  C  CB  . ARG A 1 62  ? 8.591   -10.742 3.971   1.00 17.76 ? 334 ARG A CB  1 
ATOM   424  C  CG  . ARG A 1 62  ? 9.660   -11.633 4.574   1.00 27.10 ? 334 ARG A CG  1 
ATOM   425  C  CD  . ARG A 1 62  ? 10.322  -12.532 3.554   1.00 34.73 ? 334 ARG A CD  1 
ATOM   426  N  NE  . ARG A 1 62  ? 11.251  -13.504 4.121   1.00 42.32 ? 334 ARG A NE  1 
ATOM   427  C  CZ  . ARG A 1 62  ? 11.959  -13.389 5.257   1.00 48.34 ? 334 ARG A CZ  1 
ATOM   428  N  NH1 . ARG A 1 62  ? 12.736  -14.398 5.623   1.00 51.53 ? 334 ARG A NH1 1 
ATOM   429  N  NH2 . ARG A 1 62  ? 11.908  -12.308 6.030   1.00 49.65 ? 334 ARG A NH2 1 
ATOM   430  N  N   . LYS A 1 63  ? 9.005   -9.197  7.036   1.00 17.77 ? 335 LYS A N   1 
ATOM   431  C  CA  . LYS A 1 63  ? 9.942   -8.392  7.823   1.00 19.05 ? 335 LYS A CA  1 
ATOM   432  C  C   . LYS A 1 63  ? 11.273  -8.197  7.072   1.00 15.08 ? 335 LYS A C   1 
ATOM   433  O  O   . LYS A 1 63  ? 11.854  -9.104  6.461   1.00 13.80 ? 335 LYS A O   1 
ATOM   434  C  CB  . LYS A 1 63  ? 10.188  -9.054  9.181   1.00 26.11 ? 335 LYS A CB  1 
ATOM   435  C  CG  . LYS A 1 63  ? 11.032  -8.214  10.123  1.00 28.70 ? 335 LYS A CG  1 
ATOM   436  C  CD  . LYS A 1 63  ? 10.793  -8.440  11.582  1.00 32.68 ? 335 LYS A CD  1 
ATOM   437  C  CE  . LYS A 1 63  ? 12.054  -8.355  12.409  1.00 39.33 ? 335 LYS A CE  1 
ATOM   438  N  NZ  . LYS A 1 63  ? 11.893  -7.423  13.544  1.00 42.68 ? 335 LYS A NZ  1 
ATOM   439  N  N   . ASP A 1 64  ? 11.717  -6.944  7.132   1.00 14.70 ? 336 ASP A N   1 
ATOM   440  C  CA  . ASP A 1 64  ? 13.009  -6.481  6.612   1.00 13.90 ? 336 ASP A CA  1 
ATOM   441  C  C   . ASP A 1 64  ? 12.991  -6.361  5.100   1.00 14.02 ? 336 ASP A C   1 
ATOM   442  O  O   . ASP A 1 64  ? 13.981  -6.258  4.436   1.00 15.78 ? 336 ASP A O   1 
ATOM   443  C  CB  . ASP A 1 64  ? 14.177  -7.353  7.158   1.00 14.25 ? 336 ASP A CB  1 
ATOM   444  C  CG  . ASP A 1 64  ? 15.272  -6.505  7.759   1.00 16.11 ? 336 ASP A CG  1 
ATOM   445  O  OD1 . ASP A 1 64  ? 15.252  -5.229  7.502   1.00 17.00 ? 336 ASP A OD1 1 
ATOM   446  O  OD2 . ASP A 1 64  ? 16.127  -7.097  8.464   1.00 14.07 ? 336 ASP A OD2 1 
ATOM   447  N  N   . GLU A 1 65  ? 11.784  -6.301  4.487   1.00 11.99 ? 337 GLU A N   1 
ATOM   448  C  CA  . GLU A 1 65  ? 11.563  -5.834  3.128   1.00 13.22 ? 337 GLU A CA  1 
ATOM   449  C  C   . GLU A 1 65  ? 11.051  -4.391  3.153   1.00 10.80 ? 337 GLU A C   1 
ATOM   450  O  O   . GLU A 1 65  ? 10.543  -3.940  4.145   1.00 11.19 ? 337 GLU A O   1 
ATOM   451  C  CB  . GLU A 1 65  ? 10.598  -6.794  2.434   1.00 13.20 ? 337 GLU A CB  1 
ATOM   452  C  CG  . GLU A 1 65  ? 11.243  -8.195  2.335   1.00 13.97 ? 337 GLU A CG  1 
ATOM   453  C  CD  . GLU A 1 65  ? 10.649  -9.104  1.297   1.00 18.62 ? 337 GLU A CD  1 
ATOM   454  O  OE1 . GLU A 1 65  ? 9.597   -8.809  0.726   1.00 19.57 ? 337 GLU A OE1 1 
ATOM   455  O  OE2 . GLU A 1 65  ? 11.292  -10.173 1.047   1.00 24.57 ? 337 GLU A OE2 1 
ATOM   456  N  N   . THR A 1 66  ? 11.183  -3.744  2.010   1.00 12.05 ? 338 THR A N   1 
ATOM   457  C  CA  . THR A 1 66  ? 10.738  -2.358  1.813   1.00 10.56 ? 338 THR A CA  1 
ATOM   458  C  C   . THR A 1 66  ? 9.509   -2.253  0.941   1.00 11.40 ? 338 THR A C   1 
ATOM   459  O  O   . THR A 1 66  ? 9.048   -1.145  0.648   1.00 10.86 ? 338 THR A O   1 
ATOM   460  C  CB  . THR A 1 66  ? 11.871  -1.458  1.340   1.00 11.86 ? 338 THR A CB  1 
ATOM   461  O  OG1 . THR A 1 66  ? 12.194  -1.897  0.033   1.00 13.80 ? 338 THR A OG1 1 
ATOM   462  C  CG2 . THR A 1 66  ? 13.034  -1.437  2.305   1.00 13.62 ? 338 THR A CG2 1 
ATOM   463  N  N   A GLU A 1 67  ? 8.898   -3.387  0.589   0.50 11.12 ? 339 GLU A N   1 
ATOM   464  N  N   B GLU A 1 67  ? 8.880   -3.377  0.628   0.50 11.42 ? 339 GLU A N   1 
ATOM   465  C  CA  A GLU A 1 67  ? 7.723   -3.503  -0.286  0.50 11.90 ? 339 GLU A CA  1 
ATOM   466  C  CA  B GLU A 1 67  ? 7.641   -3.369  -0.142  0.50 12.65 ? 339 GLU A CA  1 
ATOM   467  C  C   A GLU A 1 67  ? 6.654   -4.339  0.418   0.50 11.85 ? 339 GLU A C   1 
ATOM   468  C  C   B GLU A 1 67  ? 6.637   -4.331  0.449   0.50 12.08 ? 339 GLU A C   1 
ATOM   469  O  O   A GLU A 1 67  ? 6.995   -5.237  1.215   0.50 12.43 ? 339 GLU A O   1 
ATOM   470  O  O   B GLU A 1 67  ? 7.003   -5.285  1.155   0.50 12.47 ? 339 GLU A O   1 
ATOM   471  C  CB  A GLU A 1 67  ? 8.110   -4.081  -1.638  0.50 13.76 ? 339 GLU A CB  1 
ATOM   472  C  CB  B GLU A 1 67  ? 7.871   -3.640  -1.619  0.50 14.14 ? 339 GLU A CB  1 
ATOM   473  C  CG  A GLU A 1 67  ? 9.114   -3.175  -2.323  0.50 15.74 ? 339 GLU A CG  1 
ATOM   474  C  CG  B GLU A 1 67  ? 7.977   -5.093  -2.012  0.50 18.67 ? 339 GLU A CG  1 
ATOM   475  C  CD  A GLU A 1 67  ? 9.436   -3.376  -3.779  0.50 20.83 ? 339 GLU A CD  1 
ATOM   476  C  CD  B GLU A 1 67  ? 7.870   -5.257  -3.529  0.50 19.53 ? 339 GLU A CD  1 
ATOM   477  O  OE1 A GLU A 1 67  ? 8.773   -4.168  -4.432  0.50 23.11 ? 339 GLU A OE1 1 
ATOM   478  O  OE1 B GLU A 1 67  ? 8.765   -4.679  -4.176  0.50 21.43 ? 339 GLU A OE1 1 
ATOM   479  O  OE2 A GLU A 1 67  ? 10.378  -2.730  -4.206  0.50 25.29 ? 339 GLU A OE2 1 
ATOM   480  O  OE2 B GLU A 1 67  ? 6.916   -5.964  -4.076  0.50 19.94 ? 339 GLU A OE2 1 
ATOM   481  N  N   . ALA A 1 68  ? 5.400   -4.053  0.122   1.00 11.21 ? 340 ALA A N   1 
ATOM   482  C  CA  . ALA A 1 68  ? 4.260   -4.881  0.551   1.00 10.94 ? 340 ALA A CA  1 
ATOM   483  C  C   . ALA A 1 68  ? 3.359   -4.979  -0.650  1.00 11.04 ? 340 ALA A C   1 
ATOM   484  O  O   . ALA A 1 68  ? 3.343   -4.125  -1.514  1.00 12.38 ? 340 ALA A O   1 
ATOM   485  C  CB  . ALA A 1 68  ? 3.518   -4.319  1.731   1.00 10.65 ? 340 ALA A CB  1 
ATOM   486  N  N   . ILE A 1 69  ? 2.542   -6.029  -0.666  1.00 10.78 ? 341 ILE A N   1 
ATOM   487  C  CA  . ILE A 1 69  ? 1.419   -6.151  -1.635  1.00 11.05 ? 341 ILE A CA  1 
ATOM   488  C  C   . ILE A 1 69  ? 0.131   -6.152  -0.880  1.00 10.07 ? 341 ILE A C   1 
ATOM   489  O  O   . ILE A 1 69  ? -0.046  -6.930  0.074   1.00 11.66 ? 341 ILE A O   1 
ATOM   490  C  CB  . ILE A 1 69  ? 1.515   -7.402  -2.528  1.00 12.28 ? 341 ILE A CB  1 
ATOM   491  C  CG1 . ILE A 1 69  ? 2.826   -7.363  -3.304  1.00 15.12 ? 341 ILE A CG1 1 
ATOM   492  C  CG2 . ILE A 1 69  ? 0.301   -7.449  -3.422  1.00 13.40 ? 341 ILE A CG2 1 
ATOM   493  C  CD1 . ILE A 1 69  ? 3.103   -8.606  -4.137  1.00 18.75 ? 341 ILE A CD1 1 
ATOM   494  N  N   . ILE A 1 70  ? -0.751  -5.242  -1.244  1.00 9.89  ? 342 ILE A N   1 
ATOM   495  C  CA  . ILE A 1 70  ? -2.053  -5.101  -0.614  1.00 9.87  ? 342 ILE A CA  1 
ATOM   496  C  C   . ILE A 1 70  ? -3.147  -5.678  -1.510  1.00 10.19 ? 342 ILE A C   1 
ATOM   497  O  O   . ILE A 1 70  ? -3.203  -5.243  -2.680  1.00 11.25 ? 342 ILE A O   1 
ATOM   498  C  CB  . ILE A 1 70  ? -2.400  -3.628  -0.302  1.00 9.93  ? 342 ILE A CB  1 
ATOM   499  C  CG1 . ILE A 1 70  ? -1.202  -2.829  0.239   1.00 10.84 ? 342 ILE A CG1 1 
ATOM   500  C  CG2 . ILE A 1 70  ? -3.589  -3.506  0.609   1.00 10.76 ? 342 ILE A CG2 1 
ATOM   501  C  CD1 . ILE A 1 70  ? -0.539  -3.407  1.489   1.00 11.66 ? 342 ILE A CD1 1 
ATOM   502  N  N   . ARG A 1 71  ? -3.954  -6.550  -0.935  1.00 10.42 ? 343 ARG A N   1 
ATOM   503  C  CA  . ARG A 1 71  ? -5.144  -7.064  -1.640  1.00 10.58 ? 343 ARG A CA  1 
ATOM   504  C  C   . ARG A 1 71  ? -6.301  -6.295  -1.072  1.00 9.88  ? 343 ARG A C   1 
ATOM   505  O  O   . ARG A 1 71  ? -6.716  -6.513  0.096   1.00 10.36 ? 343 ARG A O   1 
ATOM   506  C  CB  . ARG A 1 71  ? -5.244  -8.567  -1.431  1.00 10.27 ? 343 ARG A CB  1 
ATOM   507  C  CG  . ARG A 1 71  ? -6.355  -9.289  -2.201  1.00 10.49 ? 343 ARG A CG  1 
ATOM   508  C  CD  . ARG A 1 71  ? -7.737  -9.060  -1.652  1.00 11.05 ? 343 ARG A CD  1 
ATOM   509  N  NE  . ARG A 1 71  ? -8.665  -10.141 -2.034  1.00 10.97 ? 343 ARG A NE  1 
ATOM   510  C  CZ  . ARG A 1 71  ? -9.958  -9.993  -2.173  1.00 11.84 ? 343 ARG A CZ  1 
ATOM   511  N  NH1 . ARG A 1 71  ? -10.583 -8.834  -2.204  1.00 12.47 ? 343 ARG A NH1 1 
ATOM   512  N  NH2 . ARG A 1 71  ? -10.659 -11.110 -2.398  1.00 12.64 ? 343 ARG A NH2 1 
ATOM   513  N  N   . TRP A 1 72  ? -6.852  -5.367  -1.842  1.00 10.78 ? 344 TRP A N   1 
ATOM   514  C  CA  . TRP A 1 72  ? -7.931  -4.483  -1.390  1.00 11.04 ? 344 TRP A CA  1 
ATOM   515  C  C   . TRP A 1 72  ? -9.272  -5.218  -1.485  1.00 10.50 ? 344 TRP A C   1 
ATOM   516  O  O   . TRP A 1 72  ? -9.377  -6.182  -2.293  1.00 11.90 ? 344 TRP A O   1 
ATOM   517  C  CB  . TRP A 1 72  ? -7.933  -3.173  -2.212  1.00 11.06 ? 344 TRP A CB  1 
ATOM   518  C  CG  . TRP A 1 72  ? -6.737  -2.322  -1.907  1.00 10.16 ? 344 TRP A CG  1 
ATOM   519  C  CD1 . TRP A 1 72  ? -5.541  -2.301  -2.563  1.00 10.41 ? 344 TRP A CD1 1 
ATOM   520  C  CD2 . TRP A 1 72  ? -6.642  -1.415  -0.818  1.00 9.97  ? 344 TRP A CD2 1 
ATOM   521  N  NE1 . TRP A 1 72  ? -4.681  -1.409  -1.934  1.00 11.08 ? 344 TRP A NE1 1 
ATOM   522  C  CE2 . TRP A 1 72  ? -5.337  -0.888  -0.870  1.00 11.06 ? 344 TRP A CE2 1 
ATOM   523  C  CE3 . TRP A 1 72  ? -7.496  -1.044  0.198   1.00 10.75 ? 344 TRP A CE3 1 
ATOM   524  C  CZ2 . TRP A 1 72  ? -4.914  0.060   0.082   1.00 10.71 ? 344 TRP A CZ2 1 
ATOM   525  C  CZ3 . TRP A 1 72  ? -7.068  -0.120  1.131   1.00 11.49 ? 344 TRP A CZ3 1 
ATOM   526  C  CH2 . TRP A 1 72  ? -5.774  0.442   1.062   1.00 11.89 ? 344 TRP A CH2 1 
ATOM   527  N  N   . LYS A 1 73  ? -10.278 -4.756  -0.779  1.00 12.26 ? 345 LYS A N   1 
ATOM   528  C  CA  . LYS A 1 73  ? -11.601 -5.422  -0.818  1.00 12.90 ? 345 LYS A CA  1 
ATOM   529  C  C   . LYS A 1 73  ? -12.153 -5.301  -2.223  1.00 14.08 ? 345 LYS A C   1 
ATOM   530  O  O   . LYS A 1 73  ? -12.790 -6.289  -2.716  1.00 15.15 ? 345 LYS A O   1 
ATOM   531  C  CB  . LYS A 1 73  ? -12.507 -4.793  0.221   1.00 15.00 ? 345 LYS A CB  1 
ATOM   532  C  CG  . LYS A 1 73  ? -13.839 -5.512  0.311   1.00 17.06 ? 345 LYS A CG  1 
ATOM   533  C  CD  . LYS A 1 73  ? -14.586 -5.124  1.539   1.00 20.42 ? 345 LYS A CD  1 
ATOM   534  C  CE  . LYS A 1 73  ? -15.862 -5.929  1.724   1.00 23.59 ? 345 LYS A CE  1 
ATOM   535  N  NZ  . LYS A 1 73  ? -16.592 -5.531  2.950   1.00 30.60 ? 345 LYS A NZ  1 
ATOM   536  N  N   . THR A 1 74  ? -12.016 -4.144  -2.867  1.00 12.84 ? 346 THR A N   1 
ATOM   537  C  CA  . THR A 1 74  ? -12.631 -3.834  -4.166  1.00 13.58 ? 346 THR A CA  1 
ATOM   538  C  C   . THR A 1 74  ? -11.639 -3.089  -5.024  1.00 14.45 ? 346 THR A C   1 
ATOM   539  O  O   . THR A 1 74  ? -10.722 -2.401  -4.524  1.00 13.78 ? 346 THR A O   1 
ATOM   540  C  CB  . THR A 1 74  ? -13.964 -3.063  -4.092  1.00 15.46 ? 346 THR A CB  1 
ATOM   541  O  OG1 . THR A 1 74  ? -13.628 -1.700  -3.758  1.00 16.67 ? 346 THR A OG1 1 
ATOM   542  C  CG2 . THR A 1 74  ? -14.966 -3.610  -3.118  1.00 16.26 ? 346 THR A CG2 1 
ATOM   543  N  N   . PRO A 1 75  ? -11.835 -3.063  -6.344  1.00 14.36 ? 347 PRO A N   1 
ATOM   544  C  CA  . PRO A 1 75  ? -11.003 -2.261  -7.231  1.00 14.55 ? 347 PRO A CA  1 
ATOM   545  C  C   . PRO A 1 75  ? -11.065 -0.764  -6.887  1.00 14.14 ? 347 PRO A C   1 
ATOM   546  O  O   . PRO A 1 75  ? -10.023 -0.085  -7.016  1.00 13.80 ? 347 PRO A O   1 
ATOM   547  C  CB  . PRO A 1 75  ? -11.587 -2.532  -8.608  1.00 16.58 ? 347 PRO A CB  1 
ATOM   548  C  CG  . PRO A 1 75  ? -12.094 -3.970  -8.457  1.00 16.32 ? 347 PRO A CG  1 
ATOM   549  C  CD  . PRO A 1 75  ? -12.710 -4.027  -7.101  1.00 15.36 ? 347 PRO A CD  1 
ATOM   550  N  N   . LEU A 1 76  ? -12.193 -0.244  -6.452  1.00 14.57 ? 348 LEU A N   1 
ATOM   551  C  CA  . LEU A 1 76  ? -12.291 1.207   -6.162  1.00 14.93 ? 348 LEU A CA  1 
ATOM   552  C  C   . LEU A 1 76  ? -11.381 1.502   -4.955  1.00 14.34 ? 348 LEU A C   1 
ATOM   553  O  O   . LEU A 1 76  ? -10.763 2.591   -4.886  1.00 15.43 ? 348 LEU A O   1 
ATOM   554  C  CB  . LEU A 1 76  ? -13.729 1.541   -5.771  1.00 17.75 ? 348 LEU A CB  1 
ATOM   555  C  CG  . LEU A 1 76  ? -13.987 2.974   -5.337  1.00 20.61 ? 348 LEU A CG  1 
ATOM   556  C  CD1 . LEU A 1 76  ? -13.504 3.952   -6.392  1.00 21.29 ? 348 LEU A CD1 1 
ATOM   557  C  CD2 . LEU A 1 76  ? -15.464 3.154   -5.009  1.00 23.20 ? 348 LEU A CD2 1 
ATOM   558  N  N   . HIS A 1 77  ? -11.249 0.576   -4.020  1.00 13.50 ? 349 HIS A N   1 
ATOM   559  C  CA  . HIS A 1 77  ? -10.323 0.817   -2.890  1.00 13.07 ? 349 HIS A CA  1 
ATOM   560  C  C   . HIS A 1 77  ? -8.886  0.887   -3.416  1.00 13.74 ? 349 HIS A C   1 
ATOM   561  O  O   . HIS A 1 77  ? -8.080  1.747   -2.984  1.00 12.60 ? 349 HIS A O   1 
ATOM   562  C  CB  . HIS A 1 77  ? -10.428 -0.271  -1.852  1.00 13.13 ? 349 HIS A CB  1 
ATOM   563  C  CG  . HIS A 1 77  ? -11.641 -0.209  -1.023  1.00 13.87 ? 349 HIS A CG  1 
ATOM   564  N  ND1 . HIS A 1 77  ? -12.698 -1.069  -1.288  1.00 17.80 ? 349 HIS A ND1 1 
ATOM   565  C  CD2 . HIS A 1 77  ? -11.948 0.467   0.089   1.00 16.48 ? 349 HIS A CD2 1 
ATOM   566  C  CE1 . HIS A 1 77  ? -13.643 -0.820  -0.410  1.00 17.45 ? 349 HIS A CE1 1 
ATOM   567  N  NE2 . HIS A 1 77  ? -13.209 0.079   0.451   1.00 18.05 ? 349 HIS A NE2 1 
ATOM   568  N  N   . ALA A 1 78  ? -8.467  -0.007  -4.282  1.00 11.66 ? 350 ALA A N   1 
ATOM   569  C  CA  . ALA A 1 78  ? -7.134  -0.025  -4.878  1.00 11.53 ? 350 ALA A CA  1 
ATOM   570  C  C   . ALA A 1 78  ? -6.863  1.291   -5.610  1.00 12.83 ? 350 ALA A C   1 
ATOM   571  O  O   . ALA A 1 78  ? -5.774  1.862   -5.466  1.00 13.15 ? 350 ALA A O   1 
ATOM   572  C  CB  . ALA A 1 78  ? -6.875  -1.224  -5.749  1.00 12.50 ? 350 ALA A CB  1 
ATOM   573  N  N   . GLU A 1 79  ? -7.834  1.718   -6.420  1.00 14.02 ? 351 GLU A N   1 
ATOM   574  C  CA  . GLU A 1 79  ? -7.665  2.980   -7.190  1.00 14.18 ? 351 GLU A CA  1 
ATOM   575  C  C   . GLU A 1 79  ? -7.499  4.138   -6.196  1.00 12.30 ? 351 GLU A C   1 
ATOM   576  O  O   . GLU A 1 79  ? -6.684  5.011   -6.496  1.00 13.70 ? 351 GLU A O   1 
ATOM   577  C  CB  . GLU A 1 79  ? -8.911  3.163   -8.042  1.00 17.54 ? 351 GLU A CB  1 
ATOM   578  C  CG  . GLU A 1 79  ? -8.852  4.383   -8.974  1.00 20.65 ? 351 GLU A CG  1 
ATOM   579  C  CD  . GLU A 1 79  ? -10.098 4.623   -9.829  1.00 28.21 ? 351 GLU A CD  1 
ATOM   580  O  OE1 . GLU A 1 79  ? -11.099 3.940   -9.616  1.00 34.78 ? 351 GLU A OE1 1 
ATOM   581  O  OE2 . GLU A 1 79  ? -10.035 5.508   -10.698 1.00 35.29 ? 351 GLU A OE2 1 
ATOM   582  N  N   . THR A 1 80  ? -8.269  4.147   -5.142  1.00 13.48 ? 352 THR A N   1 
ATOM   583  C  CA  . THR A 1 80  ? -8.226  5.213   -4.127  1.00 12.66 ? 352 THR A CA  1 
ATOM   584  C  C   . THR A 1 80  ? -6.826  5.256   -3.536  1.00 14.11 ? 352 THR A C   1 
ATOM   585  O  O   . THR A 1 80  ? -6.220  6.337   -3.374  1.00 14.83 ? 352 THR A O   1 
ATOM   586  C  CB  . THR A 1 80  ? -9.317  5.061   -3.085  1.00 15.57 ? 352 THR A CB  1 
ATOM   587  O  OG1 . THR A 1 80  ? -10.600 5.090   -3.713  1.00 17.32 ? 352 THR A OG1 1 
ATOM   588  C  CG2 . THR A 1 80  ? -9.221  6.134   -2.019  1.00 16.87 ? 352 THR A CG2 1 
ATOM   589  N  N   . CYS A 1 81  ? -6.264  4.106   -3.205  1.00 13.77 ? 353 CYS A N   1 
ATOM   590  C  CA  . CYS A 1 81  ? -4.895  4.028   -2.639  1.00 12.92 ? 353 CYS A CA  1 
ATOM   591  C  C   . CYS A 1 81  ? -3.887  4.632   -3.630  1.00 12.50 ? 353 CYS A C   1 
ATOM   592  O  O   . CYS A 1 81  ? -2.998  5.423   -3.239  1.00 12.30 ? 353 CYS A O   1 
ATOM   593  C  CB  . CYS A 1 81  ? -4.580  2.561   -2.355  1.00 11.64 ? 353 CYS A CB  1 
ATOM   594  S  SG  . CYS A 1 81  ? -2.890  2.316   -1.781  1.00 13.88 ? 353 CYS A SG  1 
ATOM   595  N  N   A ILE A 1 82  ? -3.948  4.230   -4.904  0.50 12.34 ? 354 ILE A N   1 
ATOM   596  N  N   B ILE A 1 82  ? -3.937  4.224   -4.896  0.50 13.04 ? 354 ILE A N   1 
ATOM   597  C  CA  A ILE A 1 82  ? -3.012  4.731   -5.943  0.50 12.60 ? 354 ILE A CA  1 
ATOM   598  C  CA  B ILE A 1 82  ? -2.993  4.730   -5.922  0.50 13.87 ? 354 ILE A CA  1 
ATOM   599  C  C   A ILE A 1 82  ? -3.125  6.260   -6.033  0.50 12.98 ? 354 ILE A C   1 
ATOM   600  C  C   B ILE A 1 82  ? -3.131  6.261   -6.017  0.50 13.63 ? 354 ILE A C   1 
ATOM   601  O  O   A ILE A 1 82  ? -2.052  6.894   -6.039  0.50 13.63 ? 354 ILE A O   1 
ATOM   602  O  O   B ILE A 1 82  ? -2.095  6.918   -5.936  0.50 13.98 ? 354 ILE A O   1 
ATOM   603  C  CB  A ILE A 1 82  ? -3.284  4.100   -7.318  0.50 12.68 ? 354 ILE A CB  1 
ATOM   604  C  CB  B ILE A 1 82  ? -3.251  4.021   -7.259  0.50 15.14 ? 354 ILE A CB  1 
ATOM   605  C  CG1 A ILE A 1 82  ? -3.233  2.577   -7.227  0.50 11.86 ? 354 ILE A CG1 1 
ATOM   606  C  CG1 B ILE A 1 82  ? -2.717  2.586   -7.190  0.50 15.72 ? 354 ILE A CG1 1 
ATOM   607  C  CG2 A ILE A 1 82  ? -2.282  4.656   -8.326  0.50 12.33 ? 354 ILE A CG2 1 
ATOM   608  C  CG2 B ILE A 1 82  ? -2.667  4.838   -8.402  0.50 15.02 ? 354 ILE A CG2 1 
ATOM   609  C  CD1 A ILE A 1 82  ? -1.905  2.104   -6.751  0.50 12.24 ? 354 ILE A CD1 1 
ATOM   610  C  CD1 B ILE A 1 82  ? -3.261  1.683   -8.236  0.50 17.40 ? 354 ILE A CD1 1 
ATOM   611  N  N   . ASN A 1 83  ? -4.354  6.767   -6.030  1.00 13.22 ? 355 ASN A N   1 
ATOM   612  C  CA  . ASN A 1 83  ? -4.552  8.244   -6.147  1.00 14.32 ? 355 ASN A CA  1 
ATOM   613  C  C   . ASN A 1 83  ? -3.997  8.914   -4.896  1.00 14.79 ? 355 ASN A C   1 
ATOM   614  O  O   . ASN A 1 83  ? -3.333  9.975   -5.027  1.00 14.99 ? 355 ASN A O   1 
ATOM   615  C  CB  . ASN A 1 83  ? -6.019  8.584   -6.358  1.00 14.39 ? 355 ASN A CB  1 
ATOM   616  C  CG  . ASN A 1 83  ? -6.565  8.193   -7.720  1.00 15.69 ? 355 ASN A CG  1 
ATOM   617  O  OD1 . ASN A 1 83  ? -5.772  7.946   -8.624  1.00 20.26 ? 355 ASN A OD1 1 
ATOM   618  N  ND2 . ASN A 1 83  ? -7.876  8.031   -7.739  1.00 19.90 ? 355 ASN A ND2 1 
ATOM   619  N  N   . ALA A 1 84  ? -4.154  8.330   -3.718  1.00 12.61 ? 356 ALA A N   1 
ATOM   620  C  CA  . ALA A 1 84  ? -3.710  8.944   -2.461  1.00 12.51 ? 356 ALA A CA  1 
ATOM   621  C  C   . ALA A 1 84  ? -2.210  9.116   -2.517  1.00 13.95 ? 356 ALA A C   1 
ATOM   622  O  O   . ALA A 1 84  ? -1.651  10.220  -2.212  1.00 14.19 ? 356 ALA A O   1 
ATOM   623  C  CB  . ALA A 1 84  ? -4.135  8.079   -1.303  1.00 13.55 ? 356 ALA A CB  1 
ATOM   624  N  N   . PHE A 1 85  ? -1.420  8.107   -2.832  1.00 12.62 ? 357 PHE A N   1 
ATOM   625  C  CA  . PHE A 1 85  ? 0.044   8.204   -2.824  1.00 12.96 ? 357 PHE A CA  1 
ATOM   626  C  C   . PHE A 1 85  ? 0.579   9.017   -3.987  1.00 13.78 ? 357 PHE A C   1 
ATOM   627  O  O   . PHE A 1 85  ? 1.669   9.551   -3.869  1.00 17.41 ? 357 PHE A O   1 
ATOM   628  C  CB  . PHE A 1 85  ? 0.695   6.816   -2.747  1.00 13.59 ? 357 PHE A CB  1 
ATOM   629  C  CG  . PHE A 1 85  ? 0.587   6.204   -1.394  1.00 12.74 ? 357 PHE A CG  1 
ATOM   630  C  CD1 . PHE A 1 85  ? 1.466   6.578   -0.379  1.00 14.29 ? 357 PHE A CD1 1 
ATOM   631  C  CD2 . PHE A 1 85  ? -0.415  5.284   -1.106  1.00 13.20 ? 357 PHE A CD2 1 
ATOM   632  C  CE1 . PHE A 1 85  ? 1.333   6.028   0.879   1.00 13.70 ? 357 PHE A CE1 1 
ATOM   633  C  CE2 . PHE A 1 85  ? -0.523  4.736   0.145   1.00 13.40 ? 357 PHE A CE2 1 
ATOM   634  C  CZ  . PHE A 1 85  ? 0.384   5.073   1.127   1.00 14.07 ? 357 PHE A CZ  1 
ATOM   635  N  N   A ARG A 1 86  ? -0.193  9.135   -5.057  0.70 14.93 ? 358 ARG A N   1 
ATOM   636  N  N   B ARG A 1 86  ? -0.110  9.076   -5.112  0.30 14.22 ? 358 ARG A N   1 
ATOM   637  C  CA  A ARG A 1 86  ? 0.182   10.007  -6.195  0.70 17.88 ? 358 ARG A CA  1 
ATOM   638  C  CA  B ARG A 1 86  ? 0.344   9.971   -6.201  0.30 15.01 ? 358 ARG A CA  1 
ATOM   639  C  C   A ARG A 1 86  ? 0.017   11.479  -5.822  0.70 18.03 ? 358 ARG A C   1 
ATOM   640  C  C   B ARG A 1 86  ? 0.243   11.408  -5.670  0.30 15.71 ? 358 ARG A C   1 
ATOM   641  O  O   A ARG A 1 86  ? 0.789   12.257  -6.417  0.70 22.38 ? 358 ARG A O   1 
ATOM   642  O  O   B ARG A 1 86  ? 1.226   12.167  -5.853  0.30 18.48 ? 358 ARG A O   1 
ATOM   643  C  CB  A ARG A 1 86  ? -0.665  9.698   -7.428  0.70 22.92 ? 358 ARG A CB  1 
ATOM   644  C  CB  B ARG A 1 86  ? -0.475  9.678   -7.460  0.30 16.15 ? 358 ARG A CB  1 
ATOM   645  C  CG  A ARG A 1 86  ? 0.107   8.880   -8.445  0.70 28.03 ? 358 ARG A CG  1 
ATOM   646  C  CG  B ARG A 1 86  ? -0.088  10.492  -8.686  0.30 16.36 ? 358 ARG A CG  1 
ATOM   647  C  CD  A ARG A 1 86  ? -0.777  8.329   -9.537  0.70 31.46 ? 358 ARG A CD  1 
ATOM   648  C  CD  B ARG A 1 86  ? -1.042  10.233  -9.831  0.30 18.77 ? 358 ARG A CD  1 
ATOM   649  N  NE  A ARG A 1 86  ? -0.163  7.136   -10.100 0.70 33.08 ? 358 ARG A NE  1 
ATOM   650  N  NE  B ARG A 1 86  ? -2.319  10.849  -9.533  0.30 21.62 ? 358 ARG A NE  1 
ATOM   651  C  CZ  A ARG A 1 86  ? -0.666  6.476   -11.130 0.70 36.54 ? 358 ARG A CZ  1 
ATOM   652  C  CZ  B ARG A 1 86  ? -3.469  10.202  -9.417  0.30 23.21 ? 358 ARG A CZ  1 
ATOM   653  N  NH1 A ARG A 1 86  ? -1.793  6.886   -11.680 0.70 39.00 ? 358 ARG A NH1 1 
ATOM   654  N  NH1 B ARG A 1 86  ? -4.568  10.877  -9.126  0.30 22.86 ? 358 ARG A NH1 1 
ATOM   655  N  NH2 A ARG A 1 86  ? -0.048  5.404   -11.594 0.70 38.37 ? 358 ARG A NH2 1 
ATOM   656  N  NH2 B ARG A 1 86  ? -3.524  8.894   -9.606  0.30 22.86 ? 358 ARG A NH2 1 
ATOM   657  N  N   A THR A 1 87  ? -1.012  11.808  -5.021  0.50 16.15 ? 359 THR A N   1 
ATOM   658  N  N   B THR A 1 87  ? -0.859  11.750  -4.999  0.50 14.96 ? 359 THR A N   1 
ATOM   659  C  CA  A THR A 1 87  ? -1.366  13.195  -4.549  0.50 14.77 ? 359 THR A CA  1 
ATOM   660  C  CA  B THR A 1 87  ? -1.200  13.175  -4.739  0.50 14.83 ? 359 THR A CA  1 
ATOM   661  C  C   A THR A 1 87  ? -0.479  13.622  -3.384  0.50 14.44 ? 359 THR A C   1 
ATOM   662  C  C   B THR A 1 87  ? -0.782  13.600  -3.336  0.50 14.28 ? 359 THR A C   1 
ATOM   663  O  O   A THR A 1 87  ? -0.104  14.818  -3.206  0.50 12.25 ? 359 THR A O   1 
ATOM   664  O  O   B THR A 1 87  ? -0.901  14.818  -3.110  0.50 14.91 ? 359 THR A O   1 
ATOM   665  C  CB  A THR A 1 87  ? -2.815  13.253  -4.053  0.50 14.99 ? 359 THR A CB  1 
ATOM   666  C  CB  B THR A 1 87  ? -2.664  13.398  -5.097  0.50 14.91 ? 359 THR A CB  1 
ATOM   667  O  OG1 A THR A 1 87  ? -3.627  12.901  -5.160  0.50 17.86 ? 359 THR A OG1 1 
ATOM   668  O  OG1 B THR A 1 87  ? -3.488  12.685  -4.180  0.50 15.65 ? 359 THR A OG1 1 
ATOM   669  C  CG2 A THR A 1 87  ? -3.236  14.624  -3.564  0.50 15.56 ? 359 THR A CG2 1 
ATOM   670  C  CG2 B THR A 1 87  ? -2.969  13.028  -6.530  0.50 14.99 ? 359 THR A CG2 1 
ATOM   671  N  N   . GLN A 1 88  ? -0.240  12.707  -2.482  1.00 13.98 ? 360 GLN A N   1 
ATOM   672  C  CA  . GLN A 1 88  ? 0.306   13.028  -1.160  1.00 13.69 ? 360 GLN A CA  1 
ATOM   673  C  C   . GLN A 1 88  ? 1.756   12.575  -1.092  1.00 14.59 ? 360 GLN A C   1 
ATOM   674  O  O   . GLN A 1 88  ? 1.989   11.408  -1.242  1.00 17.85 ? 360 GLN A O   1 
ATOM   675  C  CB  . GLN A 1 88  ? -0.511  12.363  -0.074  1.00 13.05 ? 360 GLN A CB  1 
ATOM   676  C  CG  . GLN A 1 88  ? -1.999  12.655  -0.064  1.00 13.18 ? 360 GLN A CG  1 
ATOM   677  C  CD  . GLN A 1 88  ? -2.697  11.867  1.018   1.00 13.82 ? 360 GLN A CD  1 
ATOM   678  O  OE1 . GLN A 1 88  ? -2.172  11.627  2.093   1.00 15.64 ? 360 GLN A OE1 1 
ATOM   679  N  NE2 . GLN A 1 88  ? -3.917  11.365  0.728   1.00 13.87 ? 360 GLN A NE2 1 
ATOM   680  N  N   . GLU A 1 89  ? 2.672   13.462  -0.807  1.00 14.44 ? 361 GLU A N   1 
ATOM   681  C  CA  . GLU A 1 89  ? 4.073   13.138  -0.481  1.00 16.13 ? 361 GLU A CA  1 
ATOM   682  C  C   . GLU A 1 89  ? 4.127   12.527  0.895   1.00 15.07 ? 361 GLU A C   1 
ATOM   683  O  O   . GLU A 1 89  ? 3.635   13.149  1.889   1.00 18.27 ? 361 GLU A O   1 
ATOM   684  C  CB  . GLU A 1 89  ? 4.930   14.395  -0.377  1.00 19.58 ? 361 GLU A CB  1 
ATOM   685  C  CG  . GLU A 1 89  ? 5.261   14.992  -1.718  1.00 20.34 ? 361 GLU A CG  1 
ATOM   686  C  CD  . GLU A 1 89  ? 6.098   16.252  -1.703  1.00 22.96 ? 361 GLU A CD  1 
ATOM   687  O  OE1 . GLU A 1 89  ? 6.255   16.859  -0.629  1.00 22.65 ? 361 GLU A OE1 1 
ATOM   688  O  OE2 . GLU A 1 89  ? 6.478   16.667  -2.832  1.00 23.42 ? 361 GLU A OE2 1 
ATOM   689  N  N   . ARG A 1 90  ? 4.505   11.273  0.992   1.00 11.47 ? 362 ARG A N   1 
ATOM   690  C  CA  . ARG A 1 90  ? 4.594   10.592  2.308   1.00 12.34 ? 362 ARG A CA  1 
ATOM   691  C  C   . ARG A 1 90  ? 5.955   9.886   2.376   1.00 11.45 ? 362 ARG A C   1 
ATOM   692  O  O   . ARG A 1 90  ? 6.364   9.319   1.351   1.00 11.06 ? 362 ARG A O   1 
ATOM   693  C  CB  . ARG A 1 90  ? 3.433   9.607   2.519   1.00 13.22 ? 362 ARG A CB  1 
ATOM   694  C  CG  . ARG A 1 90  ? 1.999   10.137  2.448   1.00 14.83 ? 362 ARG A CG  1 
ATOM   695  C  CD  . ARG A 1 90  ? 1.605   10.748  3.784   1.00 13.16 ? 362 ARG A CD  1 
ATOM   696  N  NE  . ARG A 1 90  ? 0.322   11.442  3.713   1.00 11.56 ? 362 ARG A NE  1 
ATOM   697  C  CZ  . ARG A 1 90  ? -0.154  12.309  4.612   1.00 11.77 ? 362 ARG A CZ  1 
ATOM   698  N  NH1 . ARG A 1 90  ? 0.501   12.516  5.726   1.00 11.69 ? 362 ARG A NH1 1 
ATOM   699  N  NH2 . ARG A 1 90  ? -1.276  12.949  4.370   1.00 12.48 ? 362 ARG A NH2 1 
ATOM   700  N  N   . LYS A 1 91  ? 6.597   9.872   3.539   1.00 11.08 ? 363 LYS A N   1 
ATOM   701  C  CA  . LYS A 1 91  ? 7.817   9.121   3.788   1.00 12.00 ? 363 LYS A CA  1 
ATOM   702  C  C   . LYS A 1 91  ? 7.716   8.567   5.169   1.00 11.76 ? 363 LYS A C   1 
ATOM   703  O  O   . LYS A 1 91  ? 7.454   9.320   6.100   1.00 13.29 ? 363 LYS A O   1 
ATOM   704  C  CB  . LYS A 1 91  ? 9.034   10.079  3.742   1.00 14.44 ? 363 LYS A CB  1 
ATOM   705  C  CG  . LYS A 1 91  ? 9.282   10.823  2.428   1.00 17.42 ? 363 LYS A CG  1 
ATOM   706  C  CD  . LYS A 1 91  ? 10.625  11.581  2.443   1.00 19.09 ? 363 LYS A CD  1 
ATOM   707  C  CE  . LYS A 1 91  ? 11.054  12.056  1.072   1.00 21.35 ? 363 LYS A CE  1 
ATOM   708  N  NZ  . LYS A 1 91  ? 12.489  12.409  1.111   1.00 25.99 ? 363 LYS A NZ  1 
ATOM   709  N  N   . GLN A 1 92  ? 7.912   7.266   5.291   1.00 13.71 ? 364 GLN A N   1 
ATOM   710  C  CA  . GLN A 1 92  ? 7.814   6.638   6.582   1.00 14.45 ? 364 GLN A CA  1 
ATOM   711  C  C   . GLN A 1 92  ? 9.149   6.835   7.282   1.00 16.00 ? 364 GLN A C   1 
ATOM   712  O  O   . GLN A 1 92  ? 10.142  6.230   6.753   1.00 17.43 ? 364 GLN A O   1 
ATOM   713  C  CB  . GLN A 1 92  ? 7.385   5.186   6.299   1.00 14.49 ? 364 GLN A CB  1 
ATOM   714  C  CG  . GLN A 1 92  ? 6.887   4.594   7.554   1.00 13.87 ? 364 GLN A CG  1 
ATOM   715  C  CD  . GLN A 1 92  ? 6.580   3.141   7.494   1.00 13.10 ? 364 GLN A CD  1 
ATOM   716  O  OE1 . GLN A 1 92  ? 7.100   2.388   6.686   1.00 13.18 ? 364 GLN A OE1 1 
ATOM   717  N  NE2 . GLN A 1 92  ? 5.812   2.744   8.465   1.00 10.50 ? 364 GLN A NE2 1 
ATOM   718  N  N   . ASN A 1 93  ? 9.196   7.594   8.347   1.00 14.53 ? 365 ASN A N   1 
ATOM   719  C  CA  . ASN A 1 93  ? 10.378  8.120   9.068   1.00 17.44 ? 365 ASN A CA  1 
ATOM   720  C  C   . ASN A 1 93  ? 11.017  7.007   9.898   1.00 20.25 ? 365 ASN A C   1 
ATOM   721  O  O   . ASN A 1 93  ? 12.272  6.963   10.004  1.00 24.53 ? 365 ASN A O   1 
ATOM   722  C  CB  . ASN A 1 93  ? 10.069  9.390   9.843   1.00 18.56 ? 365 ASN A CB  1 
ATOM   723  C  CG  . ASN A 1 93  ? 9.635   10.514  8.924   1.00 18.95 ? 365 ASN A CG  1 
ATOM   724  O  OD1 . ASN A 1 93  ? 8.450   10.972  8.939   1.00 19.03 ? 365 ASN A OD1 1 
ATOM   725  N  ND2 . ASN A 1 93  ? 10.583  10.886  8.060   1.00 16.04 ? 365 ASN A ND2 1 
ATOM   726  N  N   . SER A 1 94  ? 10.217  6.102   10.429  1.00 14.29 ? 366 SER A N   1 
ATOM   727  C  CA  . SER A 1 94  ? 10.666  5.136   11.455  1.00 13.84 ? 366 SER A CA  1 
ATOM   728  C  C   . SER A 1 94  ? 9.787   3.932   11.267  1.00 11.97 ? 366 SER A C   1 
ATOM   729  O  O   . SER A 1 94  ? 8.815   3.976   10.528  1.00 12.32 ? 366 SER A O   1 
ATOM   730  C  CB  . SER A 1 94  ? 10.575  5.671   12.812  1.00 14.22 ? 366 SER A CB  1 
ATOM   731  O  OG  . SER A 1 94  ? 9.233   5.834   13.223  1.00 13.87 ? 366 SER A OG  1 
ATOM   732  N  N   . HIS A 1 95  ? 10.126  2.849   11.936  1.00 10.54 ? 367 HIS A N   1 
ATOM   733  C  CA  . HIS A 1 95  ? 9.403   1.587   11.766  1.00 11.49 ? 367 HIS A CA  1 
ATOM   734  C  C   . HIS A 1 95  ? 7.957   1.699   12.193  1.00 11.78 ? 367 HIS A C   1 
ATOM   735  O  O   . HIS A 1 95  ? 7.123   0.895   11.745  1.00 12.47 ? 367 HIS A O   1 
ATOM   736  C  CB  . HIS A 1 95  ? 10.125  0.456   12.502  1.00 12.55 ? 367 HIS A CB  1 
ATOM   737  C  CG  . HIS A 1 95  ? 10.015  0.545   13.959  1.00 13.94 ? 367 HIS A CG  1 
ATOM   738  N  ND1 . HIS A 1 95  ? 8.951   0.054   14.702  1.00 16.79 ? 367 HIS A ND1 1 
ATOM   739  C  CD2 . HIS A 1 95  ? 10.866  1.095   14.852  1.00 17.83 ? 367 HIS A CD2 1 
ATOM   740  C  CE1 . HIS A 1 95  ? 9.104   0.361   15.974  1.00 20.80 ? 367 HIS A CE1 1 
ATOM   741  N  NE2 . HIS A 1 95  ? 10.316  0.928   16.110  1.00 22.26 ? 367 HIS A NE2 1 
ATOM   742  N  N   . ASP A 1 96  ? 7.574   2.573   13.099  1.00 10.38 ? 368 ASP A N   1 
ATOM   743  C  CA  . ASP A 1 96  ? 6.241   2.735   13.667  1.00 10.26 ? 368 ASP A CA  1 
ATOM   744  C  C   . ASP A 1 96  ? 5.578   4.064   13.274  1.00 9.35  ? 368 ASP A C   1 
ATOM   745  O  O   . ASP A 1 96  ? 4.561   4.448   13.835  1.00 10.37 ? 368 ASP A O   1 
ATOM   746  C  CB  . ASP A 1 96  ? 6.234   2.534   15.181  1.00 11.60 ? 368 ASP A CB  1 
ATOM   747  C  CG  . ASP A 1 96  ? 7.139   3.448   15.935  1.00 13.04 ? 368 ASP A CG  1 
ATOM   748  O  OD1 . ASP A 1 96  ? 7.639   4.387   15.387  1.00 11.94 ? 368 ASP A OD1 1 
ATOM   749  O  OD2 . ASP A 1 96  ? 7.349   3.137   17.153  1.00 16.42 ? 368 ASP A OD2 1 
ATOM   750  N  N   . ASP A 1 97  ? 6.115   4.739   12.268  1.00 9.84  ? 369 ASP A N   1 
ATOM   751  C  CA  . ASP A 1 97  ? 5.536   6.011   11.757  1.00 9.62  ? 369 ASP A CA  1 
ATOM   752  C  C   . ASP A 1 97  ? 4.274   5.705   10.937  1.00 9.32  ? 369 ASP A C   1 
ATOM   753  O  O   . ASP A 1 97  ? 4.382   5.013   9.926   1.00 10.43 ? 369 ASP A O   1 
ATOM   754  C  CB  . ASP A 1 97  ? 6.579   6.746   10.936  1.00 10.69 ? 369 ASP A CB  1 
ATOM   755  C  CG  . ASP A 1 97  ? 6.165   8.143   10.472  1.00 10.67 ? 369 ASP A CG  1 
ATOM   756  O  OD1 . ASP A 1 97  ? 5.163   8.667   10.935  1.00 10.70 ? 369 ASP A OD1 1 
ATOM   757  O  OD2 . ASP A 1 97  ? 6.877   8.607   9.563   1.00 12.24 ? 369 ASP A OD2 1 
ATOM   758  N  N   . ILE A 1 98  ? 3.138   6.241   11.344  1.00 10.12 ? 370 ILE A N   1 
ATOM   759  C  CA  . ILE A 1 98  ? 1.857   6.092   10.615  1.00 11.42 ? 370 ILE A CA  1 
ATOM   760  C  C   . ILE A 1 98  ? 1.563   7.312   9.760   1.00 11.27 ? 370 ILE A C   1 
ATOM   761  O  O   . ILE A 1 98  ? 1.058   7.147   8.659   1.00 13.74 ? 370 ILE A O   1 
ATOM   762  C  CB  . ILE A 1 98  ? 0.692   5.687   11.514  1.00 16.63 ? 370 ILE A CB  1 
ATOM   763  C  CG1 . ILE A 1 98  ? 0.117   6.697   12.455  1.00 22.08 ? 370 ILE A CG1 1 
ATOM   764  C  CG2 . ILE A 1 98  ? 1.002   4.430   12.271  1.00 15.43 ? 370 ILE A CG2 1 
ATOM   765  C  CD1 . ILE A 1 98  ? -1.289  6.232   12.896  1.00 24.22 ? 370 ILE A CD1 1 
ATOM   766  N  N   . ARG A 1 99  ? 1.839   8.533   10.171  1.00 10.18 ? 371 ARG A N   1 
ATOM   767  C  CA  . ARG A 1 99  ? 1.418   9.734   9.394   1.00 10.76 ? 371 ARG A CA  1 
ATOM   768  C  C   . ARG A 1 99  ? 2.420   10.021  8.279   1.00 9.71  ? 371 ARG A C   1 
ATOM   769  O  O   . ARG A 1 99  ? 2.036   10.607  7.275   1.00 10.43 ? 371 ARG A O   1 
ATOM   770  C  CB  . ARG A 1 99  ? 1.109   10.937  10.273  1.00 13.12 ? 371 ARG A CB  1 
ATOM   771  C  CG  . ARG A 1 99  ? 2.287   11.626  10.838  1.00 13.48 ? 371 ARG A CG  1 
ATOM   772  C  CD  . ARG A 1 99  ? 1.767   12.625  11.915  1.00 14.27 ? 371 ARG A CD  1 
ATOM   773  N  NE  . ARG A 1 99  ? 1.610   11.958  13.214  1.00 13.42 ? 371 ARG A NE  1 
ATOM   774  C  CZ  . ARG A 1 99  ? 1.379   12.553  14.399  1.00 13.24 ? 371 ARG A CZ  1 
ATOM   775  N  NH1 . ARG A 1 99  ? 1.004   13.829  14.415  1.00 14.31 ? 371 ARG A NH1 1 
ATOM   776  N  NH2 . ARG A 1 99  ? 1.498   11.870  15.522  1.00 12.61 ? 371 ARG A NH2 1 
ATOM   777  N  N   . ALA A 1 100 ? 3.686   9.597   8.418   1.00 9.82  ? 372 ALA A N   1 
ATOM   778  C  CA  . ALA A 1 100 ? 4.679   9.567   7.332   1.00 10.83 ? 372 ALA A CA  1 
ATOM   779  C  C   . ALA A 1 100 ? 4.823   10.945  6.679   1.00 11.05 ? 372 ALA A C   1 
ATOM   780  O  O   . ALA A 1 100 ? 4.831   11.068  5.457   1.00 11.72 ? 372 ALA A O   1 
ATOM   781  C  CB  . ALA A 1 100 ? 4.296   8.495   6.351   1.00 11.08 ? 372 ALA A CB  1 
ATOM   782  N  N   . HIS A 1 101 ? 4.993   11.978  7.491   1.00 11.78 ? 373 HIS A N   1 
ATOM   783  C  CA  . HIS A 1 101 ? 5.344   13.300  6.919   1.00 12.34 ? 373 HIS A CA  1 
ATOM   784  C  C   . HIS A 1 101 ? 6.754   13.344  6.328   1.00 12.85 ? 373 HIS A C   1 
ATOM   785  O  O   . HIS A 1 101 ? 7.698   12.974  7.008   1.00 14.67 ? 373 HIS A O   1 
ATOM   786  C  CB  . HIS A 1 101 ? 5.191   14.384  7.986   1.00 13.50 ? 373 HIS A CB  1 
ATOM   787  C  CG  . HIS A 1 101 ? 3.788   14.586  8.404   1.00 14.03 ? 373 HIS A CG  1 
ATOM   788  N  ND1 . HIS A 1 101 ? 3.472   15.409  9.469   1.00 16.14 ? 373 HIS A ND1 1 
ATOM   789  C  CD2 . HIS A 1 101 ? 2.628   14.148  7.892   1.00 14.06 ? 373 HIS A CD2 1 
ATOM   790  C  CE1 . HIS A 1 101 ? 2.162   15.410  9.586   1.00 16.19 ? 373 HIS A CE1 1 
ATOM   791  N  NE2 . HIS A 1 101 ? 1.602   14.645  8.639   1.00 14.63 ? 373 HIS A NE2 1 
ATOM   792  N  N   . ARG A 1 102 ? 6.889   13.901  5.133   1.00 16.36 ? 374 ARG A N   1 
ATOM   793  C  CA  . ARG A 1 102 ? 8.228   14.198  4.572   1.00 18.92 ? 374 ARG A CA  1 
ATOM   794  C  C   . ARG A 1 102 ? 8.928   15.215  5.487   1.00 19.85 ? 374 ARG A C   1 
ATOM   795  O  O   . ARG A 1 102 ? 8.286   16.197  5.864   1.00 22.88 ? 374 ARG A O   1 
ATOM   796  C  CB  . ARG A 1 102 ? 8.042   14.713  3.131   1.00 22.58 ? 374 ARG A CB  1 
ATOM   797  C  CG  . ARG A 1 102 ? 9.287   15.286  2.461   1.00 29.47 ? 374 ARG A CG  1 
ATOM   798  C  CD  . ARG A 1 102 ? 9.497   16.789  2.625   1.00 34.89 ? 374 ARG A CD  1 
ATOM   799  N  NE  . ARG A 1 102 ? 8.528   17.741  2.068   1.00 35.90 ? 374 ARG A NE  1 
ATOM   800  C  CZ  . ARG A 1 102 ? 7.744   18.578  2.770   1.00 42.78 ? 374 ARG A CZ  1 
ATOM   801  N  NH1 . ARG A 1 102 ? 7.742   18.592  4.096   1.00 43.67 ? 374 ARG A NH1 1 
ATOM   802  N  NH2 . ARG A 1 102 ? 6.934   19.409  2.137   1.00 50.01 ? 374 ARG A NH2 1 
ATOM   803  N  N   . LYS A 1 103 ? 10.170  14.937  5.855   1.00 21.11 ? 375 LYS A N   1 
ATOM   804  C  CA  . LYS A 1 103 ? 11.025  15.847  6.666   1.00 24.53 ? 375 LYS A CA  1 
ATOM   805  C  C   . LYS A 1 103 ? 12.120  16.375  5.732   1.00 26.20 ? 375 LYS A C   1 
ATOM   806  O  O   . LYS A 1 103 ? 12.753  15.587  5.047   1.00 28.08 ? 375 LYS A O   1 
ATOM   807  C  CB  . LYS A 1 103 ? 11.612  15.118  7.871   1.00 26.05 ? 375 LYS A CB  1 
ATOM   808  C  CG  . LYS A 1 103 ? 10.619  14.462  8.818   1.00 28.59 ? 375 LYS A CG  1 
ATOM   809  C  CD  . LYS A 1 103 ? 9.433   15.287  9.193   1.00 31.37 ? 375 LYS A CD  1 
ATOM   810  C  CE  . LYS A 1 103 ? 8.697   14.708  10.383  1.00 35.15 ? 375 LYS A CE  1 
ATOM   811  N  NZ  . LYS A 1 103 ? 9.573   14.595  11.573  1.00 33.01 ? 375 LYS A NZ  1 
ATOM   812  N  N   . LYS A 1 104 ? 12.301  17.694  5.701   1.00 32.73 ? 376 LYS A N   1 
ATOM   813  C  CA  . LYS A 1 104 ? 13.451  18.355  5.009   1.00 34.63 ? 376 LYS A CA  1 
ATOM   814  C  C   . LYS A 1 104 ? 14.776  17.669  5.381   1.00 32.25 ? 376 LYS A C   1 
ATOM   815  O  O   . LYS A 1 104 ? 15.048  17.447  6.572   1.00 29.85 ? 376 LYS A O   1 
ATOM   816  C  CB  . LYS A 1 104 ? 13.487  19.852  5.334   1.00 42.45 ? 376 LYS A CB  1 
ATOM   817  C  CG  . LYS A 1 104 ? 13.762  20.212  6.788   1.00 46.53 ? 376 LYS A CG  1 
ATOM   818  C  CD  . LYS A 1 104 ? 12.829  19.587  7.822   1.00 52.36 ? 376 LYS A CD  1 
ATOM   819  C  CE  . LYS A 1 104 ? 11.359  19.933  7.643   1.00 52.56 ? 376 LYS A CE  1 
ATOM   820  N  NZ  . LYS A 1 104 ? 10.488  18.950  8.324   1.00 46.83 ? 376 LYS A NZ  1 
ATOM   821  N  N   . GLY A 1 105 ? 15.568  17.331  4.363   1.00 33.54 ? 377 GLY A N   1 
ATOM   822  C  CA  . GLY A 1 105 ? 16.916  16.745  4.507   1.00 33.24 ? 377 GLY A CA  1 
ATOM   823  C  C   . GLY A 1 105 ? 16.890  15.247  4.780   1.00 35.80 ? 377 GLY A C   1 
ATOM   824  O  O   . GLY A 1 105 ? 17.982  14.653  4.970   1.00 33.34 ? 377 GLY A O   1 
ATOM   825  N  N   . SER A 1 106 ? 15.698  14.630  4.803   1.00 31.11 ? 378 SER A N   1 
ATOM   826  C  CA  . SER A 1 106 ? 15.538  13.178  5.064   1.00 27.34 ? 378 SER A CA  1 
ATOM   827  C  C   . SER A 1 106 ? 16.071  12.365  3.888   1.00 26.80 ? 378 SER A C   1 
ATOM   828  O  O   . SER A 1 106 ? 15.680  12.619  2.731   1.00 31.13 ? 378 SER A O   1 
ATOM   829  C  CB  . SER A 1 106 ? 14.100  12.853  5.295   1.00 25.38 ? 378 SER A CB  1 
ATOM   830  O  OG  . SER A 1 106 ? 13.939  11.439  5.396   1.00 25.34 ? 378 SER A OG  1 
ATOM   831  N  N   . SER A 1 107 ? 16.870  11.334  4.166   1.00 26.65 ? 379 SER A N   1 
ATOM   832  C  CA  . SER A 1 107 ? 17.333  10.389  3.119   1.00 25.23 ? 379 SER A CA  1 
ATOM   833  C  C   . SER A 1 107 ? 16.259  9.351   2.747   1.00 24.76 ? 379 SER A C   1 
ATOM   834  O  O   . SER A 1 107 ? 16.474  8.549   1.834   1.00 25.51 ? 379 SER A O   1 
ATOM   835  C  CB  . SER A 1 107 ? 18.629  9.745   3.524   1.00 24.66 ? 379 SER A CB  1 
ATOM   836  O  OG  . SER A 1 107 ? 18.484  8.889   4.635   1.00 26.21 ? 379 SER A OG  1 
ATOM   837  N  N   . ARG A 1 108 ? 15.144  9.306   3.467   1.00 24.48 ? 380 ARG A N   1 
ATOM   838  C  CA  . ARG A 1 108 ? 14.058  8.338   3.173   1.00 24.72 ? 380 ARG A CA  1 
ATOM   839  C  C   . ARG A 1 108 ? 13.500  8.645   1.784   1.00 22.44 ? 380 ARG A C   1 
ATOM   840  O  O   . ARG A 1 108 ? 13.285  9.799   1.462   1.00 24.24 ? 380 ARG A O   1 
ATOM   841  C  CB  . ARG A 1 108 ? 13.022  8.419   4.300   1.00 23.54 ? 380 ARG A CB  1 
ATOM   842  C  CG  . ARG A 1 108 ? 13.574  8.040   5.673   1.00 23.07 ? 380 ARG A CG  1 
ATOM   843  C  CD  . ARG A 1 108 ? 13.867  6.564   5.927   1.00 24.16 ? 380 ARG A CD  1 
ATOM   844  N  NE  . ARG A 1 108 ? 12.614  5.867   5.618   1.00 21.80 ? 380 ARG A NE  1 
ATOM   845  C  CZ  . ARG A 1 108 ? 12.477  4.795   4.847   1.00 26.54 ? 380 ARG A CZ  1 
ATOM   846  N  NH1 . ARG A 1 108 ? 13.526  4.068   4.521   1.00 27.72 ? 380 ARG A NH1 1 
ATOM   847  N  NH2 . ARG A 1 108 ? 11.252  4.359   4.556   1.00 21.19 ? 380 ARG A NH2 1 
ATOM   848  N  N   . PRO A 1 109 ? 13.188  7.658   0.909   1.00 23.88 ? 381 PRO A N   1 
ATOM   849  C  CA  . PRO A 1 109 ? 12.474  7.908   -0.350  1.00 23.32 ? 381 PRO A CA  1 
ATOM   850  C  C   . PRO A 1 109 ? 10.960  8.106   -0.146  1.00 19.84 ? 381 PRO A C   1 
ATOM   851  O  O   . PRO A 1 109 ? 10.498  7.759   0.983   1.00 21.55 ? 381 PRO A O   1 
ATOM   852  C  CB  . PRO A 1 109 ? 12.673  6.619   -1.166  1.00 26.24 ? 381 PRO A CB  1 
ATOM   853  C  CG  . PRO A 1 109 ? 13.638  5.799   -0.362  1.00 27.70 ? 381 PRO A CG  1 
ATOM   854  C  CD  . PRO A 1 109 ? 13.513  6.232   1.078   1.00 28.58 ? 381 PRO A CD  1 
ATOM   855  N  N   . PHE A 1 110 ? 10.239  8.620   -1.145  1.00 20.44 ? 382 PHE A N   1 
ATOM   856  C  CA  . PHE A 1 110 ? 8.759   8.794   -1.059  1.00 14.68 ? 382 PHE A CA  1 
ATOM   857  C  C   . PHE A 1 110 ? 8.086   7.446   -1.209  1.00 13.47 ? 382 PHE A C   1 
ATOM   858  O  O   . PHE A 1 110 ? 8.459   6.616   -2.046  1.00 15.34 ? 382 PHE A O   1 
ATOM   859  C  CB  . PHE A 1 110 ? 8.165   9.761   -2.083  1.00 19.51 ? 382 PHE A CB  1 
ATOM   860  C  CG  . PHE A 1 110 ? 8.575   11.202  -1.882  1.00 22.30 ? 382 PHE A CG  1 
ATOM   861  C  CD1 . PHE A 1 110 ? 7.984   11.957  -0.910  1.00 20.89 ? 382 PHE A CD1 1 
ATOM   862  C  CD2 . PHE A 1 110 ? 9.589   11.776  -2.635  1.00 28.50 ? 382 PHE A CD2 1 
ATOM   863  C  CE1 . PHE A 1 110 ? 8.349   13.284  -0.714  1.00 23.49 ? 382 PHE A CE1 1 
ATOM   864  C  CE2 . PHE A 1 110 ? 9.951   13.106  -2.450  1.00 28.67 ? 382 PHE A CE2 1 
ATOM   865  C  CZ  . PHE A 1 110 ? 9.355   13.846  -1.461  1.00 23.22 ? 382 PHE A CZ  1 
ATOM   866  N  N   . LEU A 1 111 ? 7.097   7.188   -0.368  1.00 11.56 ? 383 LEU A N   1 
ATOM   867  C  CA  . LEU A 1 111 ? 6.200   6.031   -0.530  1.00 11.44 ? 383 LEU A CA  1 
ATOM   868  C  C   . LEU A 1 111 ? 5.528   6.103   -1.894  1.00 12.60 ? 383 LEU A C   1 
ATOM   869  O  O   . LEU A 1 111 ? 5.064   7.148   -2.347  1.00 13.24 ? 383 LEU A O   1 
ATOM   870  C  CB  . LEU A 1 111 ? 5.144   6.010   0.575   1.00 10.95 ? 383 LEU A CB  1 
ATOM   871  C  CG  . LEU A 1 111 ? 5.713   5.640   1.915   1.00 11.02 ? 383 LEU A CG  1 
ATOM   872  C  CD1 . LEU A 1 111 ? 4.766   6.075   2.995   1.00 12.93 ? 383 LEU A CD1 1 
ATOM   873  C  CD2 . LEU A 1 111 ? 5.960   4.150   1.997   1.00 13.50 ? 383 LEU A CD2 1 
ATOM   874  N  N   . ILE A 1 112 ? 5.436   4.957   -2.553  1.00 12.49 ? 384 ILE A N   1 
ATOM   875  C  CA  . ILE A 1 112 ? 4.883   4.812   -3.915  1.00 14.36 ? 384 ILE A CA  1 
ATOM   876  C  C   . ILE A 1 112 ? 3.846   3.677   -3.894  1.00 13.58 ? 384 ILE A C   1 
ATOM   877  O  O   . ILE A 1 112 ? 4.136   2.646   -3.247  1.00 13.15 ? 384 ILE A O   1 
ATOM   878  C  CB  . ILE A 1 112 ? 5.995   4.490   -4.928  1.00 16.65 ? 384 ILE A CB  1 
ATOM   879  C  CG1 . ILE A 1 112 ? 6.881   5.696   -5.231  1.00 19.40 ? 384 ILE A CG1 1 
ATOM   880  C  CG2 . ILE A 1 112 ? 5.432   3.882   -6.202  1.00 19.95 ? 384 ILE A CG2 1 
ATOM   881  C  CD1 . ILE A 1 112 ? 8.173   5.353   -5.954  1.00 22.37 ? 384 ILE A CD1 1 
ATOM   882  N  N   . ALA A 1 113 ? 2.709   3.799   -4.547  1.00 13.12 ? 385 ALA A N   1 
ATOM   883  C  CA  . ALA A 1 113 ? 1.707   2.720   -4.678  1.00 12.02 ? 385 ALA A CA  1 
ATOM   884  C  C   . ALA A 1 113 ? 1.515   2.484   -6.169  1.00 14.98 ? 385 ALA A C   1 
ATOM   885  O  O   . ALA A 1 113 ? 1.258   3.461   -6.921  1.00 15.65 ? 385 ALA A O   1 
ATOM   886  C  CB  . ALA A 1 113 ? 0.417   3.020   -3.972  1.00 13.50 ? 385 ALA A CB  1 
ATOM   887  N  N   . GLU A 1 114 ? 1.605   1.240   -6.611  1.00 13.16 ? 386 GLU A N   1 
ATOM   888  C  CA  . GLU A 1 114 ? 1.446   0.891   -8.055  1.00 14.24 ? 386 GLU A CA  1 
ATOM   889  C  C   . GLU A 1 114 ? 0.421   -0.232  -8.156  1.00 13.64 ? 386 GLU A C   1 
ATOM   890  O  O   . GLU A 1 114 ? 0.514   -1.207  -7.400  1.00 13.91 ? 386 GLU A O   1 
ATOM   891  C  CB  . GLU A 1 114 ? 2.790   0.445   -8.641  1.00 18.79 ? 386 GLU A CB  1 
ATOM   892  C  CG  . GLU A 1 114 ? 3.886   1.494   -8.750  1.00 23.82 ? 386 GLU A CG  1 
ATOM   893  C  CD  . GLU A 1 114 ? 5.259   0.882   -9.047  1.00 23.85 ? 386 GLU A CD  1 
ATOM   894  O  OE1 . GLU A 1 114 ? 5.434   -0.368  -8.879  1.00 25.60 ? 386 GLU A OE1 1 
ATOM   895  O  OE2 . GLU A 1 114 ? 6.150   1.674   -9.350  1.00 32.53 ? 386 GLU A OE2 1 
ATOM   896  N  N   . LEU A 1 115 ? -0.472  -0.137  -9.116  1.00 14.42 ? 387 LEU A N   1 
ATOM   897  C  CA  . LEU A 1 115 ? -1.409  -1.241  -9.397  1.00 14.37 ? 387 LEU A CA  1 
ATOM   898  C  C   . LEU A 1 115 ? -0.677  -2.393  -10.067 1.00 14.42 ? 387 LEU A C   1 
ATOM   899  O  O   . LEU A 1 115 ? 0.127   -2.163  -10.974 1.00 18.95 ? 387 LEU A O   1 
ATOM   900  C  CB  . LEU A 1 115 ? -2.522  -0.727  -10.322 1.00 16.49 ? 387 LEU A CB  1 
ATOM   901  C  CG  . LEU A 1 115 ? -3.716  -1.692  -10.475 1.00 16.72 ? 387 LEU A CG  1 
ATOM   902  C  CD1 . LEU A 1 115 ? -4.575  -1.698  -9.245  1.00 17.95 ? 387 LEU A CD1 1 
ATOM   903  C  CD2 . LEU A 1 115 ? -4.550  -1.264  -11.697 1.00 19.38 ? 387 LEU A CD2 1 
ATOM   904  N  N   . ILE A 1 116 ? -0.833  -3.604  -9.555  1.00 14.51 ? 388 ILE A N   1 
ATOM   905  C  CA  . ILE A 1 116 ? -0.221  -4.811  -10.160 1.00 14.28 ? 388 ILE A CA  1 
ATOM   906  C  C   . ILE A 1 116 ? -1.160  -5.386  -11.215 1.00 14.95 ? 388 ILE A C   1 
ATOM   907  O  O   . ILE A 1 116 ? -2.326  -5.525  -10.977 1.00 16.06 ? 388 ILE A O   1 
ATOM   908  C  CB  . ILE A 1 116 ? 0.073   -5.864  -9.093  1.00 15.35 ? 388 ILE A CB  1 
ATOM   909  C  CG1 . ILE A 1 116 ? 0.945   -5.254  -7.988  1.00 15.67 ? 388 ILE A CG1 1 
ATOM   910  C  CG2 . ILE A 1 116 ? 0.761   -7.063  -9.732  1.00 17.00 ? 388 ILE A CG2 1 
ATOM   911  C  CD1 . ILE A 1 116 ? 1.232   -6.187  -6.816  1.00 16.08 ? 388 ILE A CD1 1 
ATOM   912  N  N   . THR A 1 117 ? -0.621  -5.546  -12.430 1.00 17.63 ? 389 THR A N   1 
ATOM   913  C  CA  . THR A 1 117 ? -1.442  -5.920  -13.615 1.00 19.85 ? 389 THR A CA  1 
ATOM   914  C  C   . THR A 1 117 ? -0.708  -7.025  -14.370 1.00 19.40 ? 389 THR A C   1 
ATOM   915  O  O   . THR A 1 117 ? 0.372   -7.457  -13.995 1.00 19.17 ? 389 THR A O   1 
ATOM   916  C  CB  . THR A 1 117 ? -1.764  -4.695  -14.493 1.00 23.40 ? 389 THR A CB  1 
ATOM   917  O  OG1 . THR A 1 117 ? -0.516  -4.228  -14.974 1.00 24.37 ? 389 THR A OG1 1 
ATOM   918  C  CG2 . THR A 1 117 ? -2.469  -3.560  -13.785 1.00 25.41 ? 389 THR A CG2 1 
ATOM   919  N  N   . GLY A 1 118 ? -1.368  -7.443  -15.452 1.00 21.99 ? 390 GLY A N   1 
ATOM   920  C  CA  . GLY A 1 118 ? -0.772  -8.349  -16.440 1.00 24.26 ? 390 GLY A CA  1 
ATOM   921  C  C   . GLY A 1 118 ? -0.288  -9.633  -15.814 1.00 23.62 ? 390 GLY A C   1 
ATOM   922  O  O   . GLY A 1 118 ? -1.014  -10.252 -14.987 1.00 20.03 ? 390 GLY A O   1 
ATOM   923  N  N   . GLU A 1 119 ? 0.885   -10.084 -16.206 1.00 25.46 ? 391 GLU A N   1 
ATOM   924  C  CA  . GLU A 1 119 ? 1.431   -11.382 -15.766 1.00 27.62 ? 391 GLU A CA  1 
ATOM   925  C  C   . GLU A 1 119 ? 1.719   -11.375 -14.252 1.00 25.57 ? 391 GLU A C   1 
ATOM   926  O  O   . GLU A 1 119 ? 1.550   -12.409 -13.606 1.00 23.95 ? 391 GLU A O   1 
ATOM   927  C  CB  . GLU A 1 119 ? 2.661   -11.751 -16.607 1.00 30.76 ? 391 GLU A CB  1 
ATOM   928  C  CG  . GLU A 1 119 ? 2.317   -12.102 -18.052 1.00 37.83 ? 391 GLU A CG  1 
ATOM   929  C  CD  . GLU A 1 119 ? 1.326   -13.246 -18.176 1.00 39.59 ? 391 GLU A CD  1 
ATOM   930  O  OE1 . GLU A 1 119 ? 1.500   -14.240 -17.434 1.00 42.27 ? 391 GLU A OE1 1 
ATOM   931  O  OE2 . GLU A 1 119 ? 0.343   -13.103 -18.951 1.00 43.97 ? 391 GLU A OE2 1 
ATOM   932  N  N   A GLU A 1 120 ? 2.186   -10.245 -13.725 0.50 24.72 ? 392 GLU A N   1 
ATOM   933  N  N   B GLU A 1 120 ? 2.209   -10.271 -13.677 0.50 23.24 ? 392 GLU A N   1 
ATOM   934  C  CA  A GLU A 1 120 ? 2.493   -10.083 -12.278 0.50 23.35 ? 392 GLU A CA  1 
ATOM   935  C  CA  B GLU A 1 120 ? 2.507   -10.216 -12.210 0.50 20.70 ? 392 GLU A CA  1 
ATOM   936  C  C   A GLU A 1 120 ? 1.239   -10.362 -11.456 0.50 20.18 ? 392 GLU A C   1 
ATOM   937  C  C   B GLU A 1 120 ? 1.195   -10.426 -11.445 0.50 18.87 ? 392 GLU A C   1 
ATOM   938  O  O   A GLU A 1 120 ? 1.365   -11.054 -10.431 0.50 19.72 ? 392 GLU A O   1 
ATOM   939  O  O   B GLU A 1 120 ? 1.188   -11.200 -10.474 0.50 18.57 ? 392 GLU A O   1 
ATOM   940  C  CB  A GLU A 1 120 ? 2.969   -8.666  -11.992 0.50 25.80 ? 392 GLU A CB  1 
ATOM   941  C  CB  B GLU A 1 120 ? 3.184   -8.903  -11.799 0.50 21.21 ? 392 GLU A CB  1 
ATOM   942  C  CG  A GLU A 1 120 ? 4.452   -8.573  -11.726 0.50 30.29 ? 392 GLU A CG  1 
ATOM   943  C  CG  B GLU A 1 120 ? 4.546   -8.649  -12.444 0.50 22.81 ? 392 GLU A CG  1 
ATOM   944  C  CD  A GLU A 1 120 ? 4.726   -7.563  -10.629 0.50 31.97 ? 392 GLU A CD  1 
ATOM   945  C  CD  B GLU A 1 120 ? 5.156   -7.283  -12.163 0.50 26.06 ? 392 GLU A CD  1 
ATOM   946  O  OE1 A GLU A 1 120 ? 5.207   -7.971  -9.550  0.50 36.48 ? 392 GLU A OE1 1 
ATOM   947  O  OE1 B GLU A 1 120 ? 4.387   -6.305  -12.034 0.50 29.27 ? 392 GLU A OE1 1 
ATOM   948  O  OE2 A GLU A 1 120 ? 4.408   -6.372  -10.843 0.50 36.68 ? 392 GLU A OE2 1 
ATOM   949  O  OE2 B GLU A 1 120 ? 6.407   -7.193  -12.093 0.50 28.66 ? 392 GLU A OE2 1 
ATOM   950  N  N   . GLU A 1 121 ? 0.108   -9.813  -11.893 1.00 18.74 ? 393 GLU A N   1 
ATOM   951  C  CA  . GLU A 1 121 ? -1.214  -10.034 -11.250 1.00 16.42 ? 393 GLU A CA  1 
ATOM   952  C  C   . GLU A 1 121 ? -1.582  -11.503 -11.372 1.00 19.65 ? 393 GLU A C   1 
ATOM   953  O  O   . GLU A 1 121 ? -2.042  -12.096 -10.394 1.00 17.61 ? 393 GLU A O   1 
ATOM   954  C  CB  . GLU A 1 121 ? -2.272  -9.121  -11.819 1.00 15.89 ? 393 GLU A CB  1 
ATOM   955  C  CG  . GLU A 1 121 ? -3.630  -9.219  -11.213 1.00 15.74 ? 393 GLU A CG  1 
ATOM   956  C  CD  . GLU A 1 121 ? -4.628  -8.245  -11.785 1.00 16.35 ? 393 GLU A CD  1 
ATOM   957  O  OE1 . GLU A 1 121 ? -4.547  -8.017  -13.051 1.00 21.54 ? 393 GLU A OE1 1 
ATOM   958  O  OE2 . GLU A 1 121 ? -5.495  -7.766  -11.128 1.00 15.96 ? 393 GLU A OE2 1 
ATOM   959  N  N   . LYS A 1 122 ? -1.461  -12.073 -12.576 1.00 20.01 ? 394 LYS A N   1 
ATOM   960  C  CA  . LYS A 1 122 ? -1.863  -13.489 -12.731 1.00 21.13 ? 394 LYS A CA  1 
ATOM   961  C  C   . LYS A 1 122 ? -1.024  -14.332 -11.799 1.00 19.61 ? 394 LYS A C   1 
ATOM   962  O  O   . LYS A 1 122 ? -1.617  -15.237 -11.174 1.00 21.93 ? 394 LYS A O   1 
ATOM   963  C  CB  . LYS A 1 122 ? -1.700  -13.925 -14.193 1.00 22.13 ? 394 LYS A CB  1 
ATOM   964  C  CG  . LYS A 1 122 ? -2.738  -13.345 -15.116 1.00 25.37 ? 394 LYS A CG  1 
ATOM   965  C  CD  . LYS A 1 122 ? -2.521  -13.757 -16.581 1.00 30.92 ? 394 LYS A CD  1 
ATOM   966  C  CE  . LYS A 1 122 ? -3.661  -13.288 -17.461 1.00 39.03 ? 394 LYS A CE  1 
ATOM   967  N  NZ  . LYS A 1 122 ? -3.268  -13.242 -18.890 1.00 44.64 ? 394 LYS A NZ  1 
ATOM   968  N  N   . ASN A 1 123 ? 0.259   -14.062 -11.660 1.00 20.09 ? 395 ASN A N   1 
ATOM   969  C  CA  . ASN A 1 123 ? 1.183   -14.885 -10.865 1.00 23.08 ? 395 ASN A CA  1 
ATOM   970  C  C   . ASN A 1 123 ? 0.829   -14.763 -9.379  1.00 22.29 ? 395 ASN A C   1 
ATOM   971  O  O   . ASN A 1 123 ? 0.908   -15.767 -8.653  1.00 23.09 ? 395 ASN A O   1 
ATOM   972  C  CB  . ASN A 1 123 ? 2.637   -14.539 -11.153 1.00 28.10 ? 395 ASN A CB  1 
ATOM   973  C  CG  . ASN A 1 123 ? 3.549   -15.682 -10.744 1.00 36.19 ? 395 ASN A CG  1 
ATOM   974  O  OD1 . ASN A 1 123 ? 3.288   -16.833 -11.094 1.00 44.72 ? 395 ASN A OD1 1 
ATOM   975  N  ND2 . ASN A 1 123 ? 4.567   -15.388 -9.955  1.00 38.51 ? 395 ASN A ND2 1 
ATOM   976  N  N   . TYR A 1 124 ? 0.406   -13.576 -8.919  1.00 19.83 ? 396 TYR A N   1 
ATOM   977  C  CA  . TYR A 1 124 ? -0.025  -13.423 -7.513  1.00 18.90 ? 396 TYR A CA  1 
ATOM   978  C  C   . TYR A 1 124 ? -1.110  -14.443 -7.195  1.00 17.84 ? 396 TYR A C   1 
ATOM   979  O  O   . TYR A 1 124 ? -1.040  -15.154 -6.181  1.00 16.47 ? 396 TYR A O   1 
ATOM   980  C  CB  . TYR A 1 124 ? -0.561  -12.013 -7.283  1.00 15.87 ? 396 TYR A CB  1 
ATOM   981  C  CG  . TYR A 1 124 ? -1.058  -11.768 -5.863  1.00 14.15 ? 396 TYR A CG  1 
ATOM   982  C  CD1 . TYR A 1 124 ? -2.361  -12.084 -5.489  1.00 13.50 ? 396 TYR A CD1 1 
ATOM   983  C  CD2 . TYR A 1 124 ? -0.207  -11.238 -4.909  1.00 14.19 ? 396 TYR A CD2 1 
ATOM   984  C  CE1 . TYR A 1 124 ? -2.829  -11.868 -4.204  1.00 12.69 ? 396 TYR A CE1 1 
ATOM   985  C  CE2 . TYR A 1 124 ? -0.660  -11.015 -3.621  1.00 13.11 ? 396 TYR A CE2 1 
ATOM   986  C  CZ  . TYR A 1 124 ? -1.963  -11.320 -3.286  1.00 12.08 ? 396 TYR A CZ  1 
ATOM   987  O  OH  . TYR A 1 124 ? -2.434  -11.069 -2.028  1.00 15.45 ? 396 TYR A OH  1 
ATOM   988  N  N   . TRP A 1 125 ? -2.144  -14.476 -8.007  1.00 16.63 ? 397 TRP A N   1 
ATOM   989  C  CA  . TRP A 1 125 ? -3.300  -15.349 -7.795  1.00 16.43 ? 397 TRP A CA  1 
ATOM   990  C  C   . TRP A 1 125 ? -2.887  -16.804 -8.023  1.00 19.83 ? 397 TRP A C   1 
ATOM   991  O  O   . TRP A 1 125 ? -3.333  -17.629 -7.228  1.00 20.01 ? 397 TRP A O   1 
ATOM   992  C  CB  . TRP A 1 125 ? -4.492  -14.911 -8.602  1.00 16.17 ? 397 TRP A CB  1 
ATOM   993  C  CG  . TRP A 1 125 ? -4.989  -13.564 -8.161  1.00 14.95 ? 397 TRP A CG  1 
ATOM   994  C  CD1 . TRP A 1 125 ? -4.822  -12.358 -8.790  1.00 17.99 ? 397 TRP A CD1 1 
ATOM   995  C  CD2 . TRP A 1 125 ? -5.697  -13.284 -6.934  1.00 14.45 ? 397 TRP A CD2 1 
ATOM   996  N  NE1 . TRP A 1 125 ? -5.434  -11.375 -8.071  1.00 15.03 ? 397 TRP A NE1 1 
ATOM   997  C  CE2 . TRP A 1 125 ? -5.981  -11.905 -6.927  1.00 14.80 ? 397 TRP A CE2 1 
ATOM   998  C  CE3 . TRP A 1 125 ? -6.168  -14.070 -5.869  1.00 16.15 ? 397 TRP A CE3 1 
ATOM   999  C  CZ2 . TRP A 1 125 ? -6.689  -11.295 -5.882  1.00 15.76 ? 397 TRP A CZ2 1 
ATOM   1000 C  CZ3 . TRP A 1 125 ? -6.845  -13.470 -4.834  1.00 15.15 ? 397 TRP A CZ3 1 
ATOM   1001 C  CH2 . TRP A 1 125 ? -7.090  -12.088 -4.827  1.00 14.43 ? 397 TRP A CH2 1 
ATOM   1002 N  N   . ARG A 1 126 ? -1.997  -17.077 -8.978  1.00 19.99 ? 398 ARG A N   1 
ATOM   1003 C  CA  . ARG A 1 126 ? -1.490  -18.469 -9.172  1.00 23.78 ? 398 ARG A CA  1 
ATOM   1004 C  C   . ARG A 1 126 ? -0.753  -18.928 -7.921  1.00 23.40 ? 398 ARG A C   1 
ATOM   1005 O  O   . ARG A 1 126 ? -0.979  -20.057 -7.471  1.00 24.30 ? 398 ARG A O   1 
ATOM   1006 C  CB  . ARG A 1 126 ? -0.593  -18.555 -10.408 1.00 27.67 ? 398 ARG A CB  1 
ATOM   1007 C  CG  . ARG A 1 126 ? -0.135  -19.977 -10.717 1.00 33.74 ? 398 ARG A CG  1 
ATOM   1008 C  CD  . ARG A 1 126 ? 0.286   -20.135 -12.170 1.00 37.70 ? 398 ARG A CD  1 
ATOM   1009 N  NE  . ARG A 1 126 ? 1.075   -18.995 -12.614 1.00 44.47 ? 398 ARG A NE  1 
ATOM   1010 C  CZ  . ARG A 1 126 ? 0.690   -18.082 -13.512 1.00 47.27 ? 398 ARG A CZ  1 
ATOM   1011 N  NH1 . ARG A 1 126 ? -0.494  -18.155 -14.099 1.00 44.03 ? 398 ARG A NH1 1 
ATOM   1012 N  NH2 . ARG A 1 126 ? 1.500   -17.077 -13.804 1.00 45.38 ? 398 ARG A NH2 1 
HETATM 1013 N  N   . MSE A 1 127 ? 0.158   -18.101 -7.383  1.00 20.04 ? 399 MSE A N   1 
HETATM 1014 C  CA  . MSE A 1 127 ? 0.968   -18.438 -6.216  1.00 21.00 ? 399 MSE A CA  1 
HETATM 1015 C  C   . MSE A 1 127 ? 0.103   -18.582 -4.972  1.00 21.13 ? 399 MSE A C   1 
HETATM 1016 O  O   . MSE A 1 127 ? 0.277   -19.492 -4.141  1.00 22.21 ? 399 MSE A O   1 
HETATM 1017 C  CB  . MSE A 1 127 ? 2.062   -17.395 -5.988  1.00 27.93 ? 399 MSE A CB  1 
HETATM 1018 C  CG  . MSE A 1 127 ? 3.093   -17.319 -7.109  1.00 33.06 ? 399 MSE A CG  1 
HETATM 1019 SE SE  . MSE A 1 127 ? 4.023   -19.034 -7.265  1.00 55.33 ? 399 MSE A SE  1 
HETATM 1020 C  CE  . MSE A 1 127 ? 4.958   -19.351 -5.556  1.00 54.42 ? 399 MSE A CE  1 
ATOM   1021 N  N   . LEU A 1 128 ? -0.911  -17.719 -4.845  1.00 19.49 ? 400 LEU A N   1 
ATOM   1022 C  CA  . LEU A 1 128 ? -1.791  -17.838 -3.694  1.00 19.32 ? 400 LEU A CA  1 
ATOM   1023 C  C   . LEU A 1 128 ? -2.477  -19.197 -3.747  1.00 23.13 ? 400 LEU A C   1 
ATOM   1024 O  O   . LEU A 1 128 ? -2.734  -19.767 -2.704  1.00 21.52 ? 400 LEU A O   1 
ATOM   1025 C  CB  . LEU A 1 128 ? -2.825  -16.698 -3.743  1.00 17.21 ? 400 LEU A CB  1 
ATOM   1026 C  CG  . LEU A 1 128 ? -3.768  -16.627 -2.541  1.00 16.75 ? 400 LEU A CG  1 
ATOM   1027 C  CD1 . LEU A 1 128 ? -3.094  -16.343 -1.241  1.00 16.52 ? 400 LEU A CD1 1 
ATOM   1028 C  CD2 . LEU A 1 128 ? -4.818  -15.574 -2.778  1.00 18.69 ? 400 LEU A CD2 1 
ATOM   1029 N  N   . LYS A 1 129 ? -2.779  -19.685 -4.937  1.00 23.43 ? 401 LYS A N   1 
ATOM   1030 C  CA  . LYS A 1 129 ? -3.567  -20.939 -5.114  1.00 24.19 ? 401 LYS A CA  1 
ATOM   1031 C  C   . LYS A 1 129 ? -2.652  -22.168 -5.217  1.00 24.99 ? 401 LYS A C   1 
ATOM   1032 O  O   . LYS A 1 129 ? -3.220  -23.283 -5.289  1.00 30.54 ? 401 LYS A O   1 
ATOM   1033 C  CB  . LYS A 1 129 ? -4.441  -20.811 -6.359  1.00 25.32 ? 401 LYS A CB  1 
ATOM   1034 C  CG  . LYS A 1 129 ? -5.537  -19.767 -6.300  1.00 26.03 ? 401 LYS A CG  1 
ATOM   1035 C  CD  . LYS A 1 129 ? -6.275  -19.761 -7.622  1.00 29.98 ? 401 LYS A CD  1 
ATOM   1036 C  CE  . LYS A 1 129 ? -7.324  -18.682 -7.744  1.00 33.58 ? 401 LYS A CE  1 
ATOM   1037 N  NZ  . LYS A 1 129 ? -7.883  -18.690 -9.113  1.00 36.91 ? 401 LYS A NZ  1 
ATOM   1038 N  N   . LYS A 1 130 ? -1.327  -22.031 -5.144  1.00 29.19 ? 402 LYS A N   1 
ATOM   1039 C  CA  . LYS A 1 130 ? -0.414  -23.210 -5.273  1.00 30.03 ? 402 LYS A CA  1 
ATOM   1040 C  C   . LYS A 1 130 ? -0.561  -24.105 -4.041  1.00 35.33 ? 402 LYS A C   1 
ATOM   1041 O  O   . LYS A 1 130 ? -0.807  -23.625 -2.913  1.00 33.48 ? 402 LYS A O   1 
ATOM   1042 C  CB  . LYS A 1 130 ? 1.034   -22.789 -5.525  1.00 39.48 ? 402 LYS A CB  1 
ATOM   1043 C  CG  . LYS A 1 130 ? 1.280   -22.332 -6.956  1.00 47.49 ? 402 LYS A CG  1 
ATOM   1044 C  CD  . LYS A 1 130 ? 2.723   -22.398 -7.416  1.00 55.59 ? 402 LYS A CD  1 
ATOM   1045 C  CE  . LYS A 1 130 ? 2.896   -21.873 -8.830  1.00 61.97 ? 402 LYS A CE  1 
ATOM   1046 N  NZ  . LYS A 1 130 ? 4.314   -21.934 -9.268  1.00 67.60 ? 402 LYS A NZ  1 
ATOM   1047 O  OXT . LYS A 1 130 ? -0.428  -25.352 -4.231  1.00 33.69 ? 402 LYS A OXT 1 
HETATM 1048 N  N   . NO3 B 2 .   ? 2.881   8.598   14.057  1.00 10.66 ? 501 NO3 A N   1 
HETATM 1049 O  O1  . NO3 B 2 .   ? 3.395   7.507   14.062  1.00 11.42 ? 501 NO3 A O1  1 
HETATM 1050 O  O2  . NO3 B 2 .   ? 3.025   9.346   15.140  1.00 11.99 ? 501 NO3 A O2  1 
HETATM 1051 O  O3  . NO3 B 2 .   ? 2.205   9.109   13.119  1.00 11.06 ? 501 NO3 A O3  1 
HETATM 1052 O  O   . HOH C 3 .   ? -17.045 -2.700  2.913   1.00 41.36 ? 601 HOH A O   1 
HETATM 1053 O  O   A HOH C 3 .   ? -8.839  5.753   7.609   0.50 19.61 ? 602 HOH A O   1 
HETATM 1054 O  O   B HOH C 3 .   ? -9.799  5.553   6.201   0.50 24.05 ? 602 HOH A O   1 
HETATM 1055 O  O   . HOH C 3 .   ? 14.883  -13.545 5.666   1.00 31.73 ? 603 HOH A O   1 
HETATM 1056 O  O   . HOH C 3 .   ? -6.100  13.086  -5.488  1.00 29.29 ? 604 HOH A O   1 
HETATM 1057 O  O   . HOH C 3 .   ? 1.744   -15.071 -15.253 1.00 43.79 ? 605 HOH A O   1 
HETATM 1058 O  O   . HOH C 3 .   ? -10.329 -14.533 -14.331 1.00 47.78 ? 606 HOH A O   1 
HETATM 1059 O  O   . HOH C 3 .   ? -7.080  14.742  -0.533  1.00 26.50 ? 607 HOH A O   1 
HETATM 1060 O  O   . HOH C 3 .   ? -1.819  -9.419  -0.238  1.00 25.72 ? 608 HOH A O   1 
HETATM 1061 O  O   . HOH C 3 .   ? 2.298   -5.059  -12.657 1.00 26.81 ? 609 HOH A O   1 
HETATM 1062 O  O   . HOH C 3 .   ? 1.041   4.281   -9.621  1.00 33.08 ? 610 HOH A O   1 
HETATM 1063 O  O   . HOH C 3 .   ? -5.664  -6.099  -14.294 1.00 25.81 ? 611 HOH A O   1 
HETATM 1064 O  O   A HOH C 3 .   ? 9.229   3.787   18.740  0.50 12.87 ? 612 HOH A O   1 
HETATM 1065 O  O   B HOH C 3 .   ? 10.061  3.828   18.022  0.50 17.25 ? 612 HOH A O   1 
HETATM 1066 O  O   . HOH C 3 .   ? -15.216 -10.261 -9.162  1.00 36.35 ? 613 HOH A O   1 
HETATM 1067 O  O   A HOH C 3 .   ? -8.920  7.806   -10.440 0.50 23.98 ? 614 HOH A O   1 
HETATM 1068 O  O   B HOH C 3 .   ? -7.939  6.985   -11.017 0.50 28.76 ? 614 HOH A O   1 
HETATM 1069 O  O   . HOH C 3 .   ? 0.088   -0.429  -12.877 1.00 39.77 ? 615 HOH A O   1 
HETATM 1070 O  O   . HOH C 3 .   ? 9.162   -5.140  -6.797  1.00 46.12 ? 616 HOH A O   1 
HETATM 1071 O  O   . HOH C 3 .   ? 15.802  13.085  0.187   1.00 56.31 ? 617 HOH A O   1 
HETATM 1072 O  O   . HOH C 3 .   ? -1.049  -27.377 -2.738  1.00 33.52 ? 618 HOH A O   1 
HETATM 1073 O  O   . HOH C 3 .   ? 5.840   15.270  -4.919  1.00 34.46 ? 619 HOH A O   1 
HETATM 1074 O  O   . HOH C 3 .   ? -13.973 -8.449  -1.893  1.00 22.62 ? 620 HOH A O   1 
HETATM 1075 O  O   . HOH C 3 .   ? -15.707 0.636   1.951   1.00 40.83 ? 621 HOH A O   1 
HETATM 1076 O  O   . HOH C 3 .   ? 3.464   11.899  -7.186  1.00 37.64 ? 622 HOH A O   1 
HETATM 1077 O  O   . HOH C 3 .   ? 6.733   -8.127  -2.603  1.00 32.77 ? 623 HOH A O   1 
HETATM 1078 O  O   A HOH C 3 .   ? 4.893   17.135  10.845  0.50 19.81 ? 624 HOH A O   1 
HETATM 1079 O  O   B HOH C 3 .   ? 5.998   16.897  10.280  0.50 24.76 ? 624 HOH A O   1 
HETATM 1080 O  O   . HOH C 3 .   ? -4.427  13.258  -10.223 1.00 45.18 ? 625 HOH A O   1 
HETATM 1081 O  O   . HOH C 3 .   ? 4.399   -2.763  -9.274  1.00 35.47 ? 626 HOH A O   1 
HETATM 1082 O  O   . HOH C 3 .   ? 7.718   17.750  7.924   1.00 40.60 ? 627 HOH A O   1 
HETATM 1083 O  O   . HOH C 3 .   ? 3.351   12.156  -4.281  1.00 38.23 ? 628 HOH A O   1 
HETATM 1084 O  O   . HOH C 3 .   ? 13.484  -10.955 2.301   1.00 26.58 ? 629 HOH A O   1 
HETATM 1085 O  O   . HOH C 3 .   ? -11.346 7.293   -4.969  1.00 44.99 ? 630 HOH A O   1 
HETATM 1086 O  O   . HOH C 3 .   ? 15.238  14.929  1.521   1.00 46.78 ? 631 HOH A O   1 
HETATM 1087 O  O   . HOH C 3 .   ? -0.768  -7.432  12.867  1.00 40.19 ? 632 HOH A O   1 
HETATM 1088 O  O   . HOH C 3 .   ? -2.582  14.399  11.908  1.00 19.73 ? 633 HOH A O   1 
HETATM 1089 O  O   . HOH C 3 .   ? -1.482  -11.732 7.375   1.00 64.60 ? 634 HOH A O   1 
HETATM 1090 O  O   . HOH C 3 .   ? -9.191  -0.198  7.842   1.00 43.11 ? 635 HOH A O   1 
HETATM 1091 O  O   . HOH C 3 .   ? 3.361   -12.009 -8.916  1.00 33.92 ? 636 HOH A O   1 
HETATM 1092 O  O   . HOH C 3 .   ? 7.411   19.373  -0.510  1.00 30.11 ? 637 HOH A O   1 
HETATM 1093 O  O   . HOH C 3 .   ? -0.318  -13.677 -1.393  1.00 25.85 ? 638 HOH A O   1 
HETATM 1094 O  O   . HOH C 3 .   ? 0.499   6.060   -6.223  1.00 24.22 ? 639 HOH A O   1 
HETATM 1095 O  O   . HOH C 3 .   ? 12.536  14.833  2.468   1.00 29.16 ? 640 HOH A O   1 
HETATM 1096 O  O   . HOH C 3 .   ? 4.169   8.423   -4.557  1.00 22.68 ? 641 HOH A O   1 
HETATM 1097 O  O   . HOH C 3 .   ? 10.889  -0.569  -1.930  1.00 18.63 ? 642 HOH A O   1 
HETATM 1098 O  O   . HOH C 3 .   ? 7.271   -7.905  1.781   1.00 13.49 ? 643 HOH A O   1 
HETATM 1099 O  O   . HOH C 3 .   ? 10.995  12.254  5.756   1.00 21.54 ? 644 HOH A O   1 
HETATM 1100 O  O   . HOH C 3 .   ? -5.331  -5.988  6.726   1.00 33.24 ? 645 HOH A O   1 
HETATM 1101 O  O   A HOH C 3 .   ? 13.297  10.885  8.026   0.50 20.19 ? 646 HOH A O   1 
HETATM 1102 O  O   B HOH C 3 .   ? 13.002  11.550  9.522   0.50 22.05 ? 646 HOH A O   1 
HETATM 1103 O  O   . HOH C 3 .   ? 5.000   -9.842  8.397   1.00 27.29 ? 647 HOH A O   1 
HETATM 1104 O  O   . HOH C 3 .   ? 9.275   6.121   2.954   1.00 17.07 ? 648 HOH A O   1 
HETATM 1105 O  O   . HOH C 3 .   ? -2.906  -22.382 -1.708  1.00 21.69 ? 649 HOH A O   1 
HETATM 1106 O  O   . HOH C 3 .   ? -6.387  -8.577  -8.688  1.00 14.48 ? 650 HOH A O   1 
HETATM 1107 O  O   . HOH C 3 .   ? -16.240 12.148  7.148   1.00 42.49 ? 651 HOH A O   1 
HETATM 1108 O  O   . HOH C 3 .   ? 9.011   -9.008  -1.928  1.00 48.69 ? 652 HOH A O   1 
HETATM 1109 O  O   . HOH C 3 .   ? 9.057   17.544  -2.669  1.00 24.08 ? 653 HOH A O   1 
HETATM 1110 O  O   . HOH C 3 .   ? -4.877  -24.071 -3.268  1.00 26.99 ? 654 HOH A O   1 
HETATM 1111 O  O   . HOH C 3 .   ? 10.438  -5.317  9.313   1.00 21.40 ? 655 HOH A O   1 
HETATM 1112 O  O   . HOH C 3 .   ? -4.506  -5.776  -9.345  1.00 14.23 ? 656 HOH A O   1 
HETATM 1113 O  O   . HOH C 3 .   ? 7.966   -3.531  13.232  1.00 16.30 ? 657 HOH A O   1 
HETATM 1114 O  O   . HOH C 3 .   ? 5.652   4.328   -9.797  1.00 39.23 ? 658 HOH A O   1 
HETATM 1115 O  O   . HOH C 3 .   ? 4.628   14.976  3.682   1.00 21.34 ? 659 HOH A O   1 
HETATM 1116 O  O   . HOH C 3 .   ? -12.405 -5.979  -11.338 1.00 29.36 ? 660 HOH A O   1 
HETATM 1117 O  O   . HOH C 3 .   ? 11.987  8.425   -3.263  1.00 37.56 ? 661 HOH A O   1 
HETATM 1118 O  O   . HOH C 3 .   ? -0.637  0.307   14.089  1.00 23.08 ? 662 HOH A O   1 
HETATM 1119 O  O   . HOH C 3 .   ? -0.804  -19.754 -0.739  1.00 27.25 ? 663 HOH A O   1 
HETATM 1120 O  O   A HOH C 3 .   ? -0.952  -11.904 4.129   0.50 19.44 ? 664 HOH A O   1 
HETATM 1121 O  O   B HOH C 3 .   ? -0.098  -12.732 3.905   0.50 21.77 ? 664 HOH A O   1 
HETATM 1122 O  O   . HOH C 3 .   ? 12.650  2.132   2.446   1.00 17.17 ? 665 HOH A O   1 
HETATM 1123 O  O   . HOH C 3 .   ? -8.221  -0.783  -9.105  1.00 18.30 ? 666 HOH A O   1 
HETATM 1124 O  O   . HOH C 3 .   ? -2.068  -22.286 -8.693  1.00 36.23 ? 667 HOH A O   1 
HETATM 1125 O  O   . HOH C 3 .   ? -6.272  -2.058  -14.818 1.00 29.43 ? 668 HOH A O   1 
HETATM 1126 O  O   . HOH C 3 .   ? -3.840  -9.864  -14.994 1.00 24.49 ? 669 HOH A O   1 
HETATM 1127 O  O   . HOH C 3 .   ? -12.001 6.870   4.329   1.00 28.78 ? 670 HOH A O   1 
HETATM 1128 O  O   . HOH C 3 .   ? 4.211   9.576   -1.297  1.00 21.14 ? 671 HOH A O   1 
HETATM 1129 O  O   . HOH C 3 .   ? 13.843  -9.653  4.590   1.00 16.73 ? 672 HOH A O   1 
HETATM 1130 O  O   . HOH C 3 .   ? -14.715 12.489  0.753   1.00 37.66 ? 673 HOH A O   1 
HETATM 1131 O  O   . HOH C 3 .   ? 2.537   -11.852 4.510   1.00 24.05 ? 674 HOH A O   1 
HETATM 1132 O  O   . HOH C 3 .   ? 2.165   0.747   14.700  1.00 21.32 ? 675 HOH A O   1 
HETATM 1133 O  O   . HOH C 3 .   ? 2.452   -11.549 -1.773  1.00 26.15 ? 676 HOH A O   1 
HETATM 1134 O  O   A HOH C 3 .   ? 14.778  -1.753  -1.009  0.50 28.37 ? 677 HOH A O   1 
HETATM 1135 O  O   B HOH C 3 .   ? 14.678  -3.049  -0.211  0.50 33.35 ? 677 HOH A O   1 
HETATM 1136 O  O   . HOH C 3 .   ? 6.597   -1.158  13.822  1.00 17.23 ? 678 HOH A O   1 
HETATM 1137 O  O   . HOH C 3 .   ? -14.774 -15.325 -9.479  1.00 48.87 ? 679 HOH A O   1 
HETATM 1138 O  O   . HOH C 3 .   ? 5.080   -12.602 5.780   1.00 33.93 ? 680 HOH A O   1 
HETATM 1139 O  O   . HOH C 3 .   ? 14.389  8.535   9.058   1.00 36.22 ? 681 HOH A O   1 
HETATM 1140 O  O   . HOH C 3 .   ? 0.470   -14.670 -3.870  1.00 21.42 ? 682 HOH A O   1 
HETATM 1141 O  O   . HOH C 3 .   ? 2.593   3.262   15.441  1.00 21.37 ? 683 HOH A O   1 
HETATM 1142 O  O   . HOH C 3 .   ? -11.981 1.275   -9.597  1.00 32.50 ? 684 HOH A O   1 
HETATM 1143 O  O   A HOH C 3 .   ? 0.628   16.806  -5.056  0.50 14.97 ? 685 HOH A O   1 
HETATM 1144 O  O   B HOH C 3 .   ? -0.937  16.713  -5.376  0.50 21.58 ? 685 HOH A O   1 
HETATM 1145 O  O   . HOH C 3 .   ? -4.895  4.922   10.730  1.00 21.78 ? 686 HOH A O   1 
HETATM 1146 O  O   . HOH C 3 .   ? -3.273  -1.616  12.538  1.00 26.03 ? 687 HOH A O   1 
HETATM 1147 O  O   . HOH C 3 .   ? -5.075  0.574   11.788  1.00 39.80 ? 688 HOH A O   1 
HETATM 1148 O  O   . HOH C 3 .   ? 7.543   -7.047  10.686  1.00 23.27 ? 689 HOH A O   1 
HETATM 1149 O  O   . HOH C 3 .   ? 12.113  0.926   -3.957  1.00 32.83 ? 690 HOH A O   1 
HETATM 1150 O  O   . HOH C 3 .   ? -9.945  -12.254 -6.627  1.00 21.05 ? 691 HOH A O   1 
HETATM 1151 O  O   . HOH C 3 .   ? 13.593  -5.206  14.076  1.00 32.99 ? 692 HOH A O   1 
HETATM 1152 O  O   . HOH C 3 .   ? 13.247  1.741   -0.105  1.00 26.95 ? 693 HOH A O   1 
HETATM 1153 O  O   . HOH C 3 .   ? -3.881  -16.503 -12.349 1.00 34.50 ? 694 HOH A O   1 
HETATM 1154 O  O   . HOH C 3 .   ? 2.931   -2.621  -11.202 1.00 36.97 ? 695 HOH A O   1 
HETATM 1155 O  O   . HOH C 3 .   ? 2.344   -8.709  -18.239 1.00 35.96 ? 696 HOH A O   1 
HETATM 1156 O  O   . HOH C 3 .   ? -11.687 -3.976  -12.502 1.00 44.42 ? 697 HOH A O   1 
HETATM 1157 O  O   . HOH C 3 .   ? -5.755  5.601   -10.263 1.00 37.65 ? 698 HOH A O   1 
HETATM 1158 O  O   . HOH C 3 .   ? 11.217  4.408   -5.491  1.00 35.46 ? 699 HOH A O   1 
HETATM 1159 O  O   . HOH C 3 .   ? 2.942   -7.817  -15.229 1.00 41.18 ? 700 HOH A O   1 
HETATM 1160 O  O   . HOH C 3 .   ? 5.840   -6.610  14.865  1.00 36.67 ? 701 HOH A O   1 
HETATM 1161 O  O   . HOH C 3 .   ? 12.756  -5.250  0.096   1.00 26.44 ? 702 HOH A O   1 
HETATM 1162 O  O   . HOH C 3 .   ? 4.711   18.705  -3.905  1.00 22.79 ? 703 HOH A O   1 
HETATM 1163 O  O   . HOH C 3 .   ? 11.324  -3.073  14.231  1.00 23.99 ? 704 HOH A O   1 
HETATM 1164 O  O   . HOH C 3 .   ? 1.953   -6.374  12.847  1.00 19.14 ? 705 HOH A O   1 
HETATM 1165 O  O   . HOH C 3 .   ? -0.380  2.236   -10.805 1.00 19.10 ? 706 HOH A O   1 
HETATM 1166 O  O   . HOH C 3 .   ? 4.255   17.235  1.470   1.00 24.22 ? 707 HOH A O   1 
HETATM 1167 O  O   . HOH C 3 .   ? 8.179   -1.370  -9.113  1.00 38.67 ? 708 HOH A O   1 
HETATM 1168 O  O   . HOH C 3 .   ? 10.128  7.586   -4.254  0.50 20.68 ? 709 HOH A O   1 
HETATM 1169 O  O   . HOH C 3 .   ? 7.764   -11.455 8.486   1.00 27.11 ? 710 HOH A O   1 
HETATM 1170 O  O   . HOH C 3 .   ? -12.677 -8.790  -12.520 1.00 27.56 ? 711 HOH A O   1 
HETATM 1171 O  O   . HOH C 3 .   ? 15.886  4.821   2.817   1.00 31.58 ? 712 HOH A O   1 
HETATM 1172 O  O   . HOH C 3 .   ? -9.323  -16.666 -6.743  1.00 35.23 ? 713 HOH A O   1 
HETATM 1173 O  O   . HOH C 3 .   ? -16.212 -0.161  -3.476  1.00 32.84 ? 714 HOH A O   1 
HETATM 1174 O  O   . HOH C 3 .   ? 12.913  3.039   13.089  1.00 16.33 ? 715 HOH A O   1 
HETATM 1175 O  O   . HOH C 3 .   ? -13.145 -13.564 -8.429  1.00 31.34 ? 716 HOH A O   1 
HETATM 1176 O  O   . HOH C 3 .   ? -14.887 -1.384  -7.238  1.00 20.22 ? 717 HOH A O   1 
HETATM 1177 O  O   . HOH C 3 .   ? -4.035  -6.338  -16.382 1.00 30.81 ? 718 HOH A O   1 
HETATM 1178 O  O   . HOH C 3 .   ? -5.373  -18.155 -10.752 1.00 35.15 ? 719 HOH A O   1 
HETATM 1179 O  O   . HOH C 3 .   ? 11.746  1.197   -6.339  1.00 48.56 ? 720 HOH A O   1 
HETATM 1180 O  O   . HOH C 3 .   ? 2.146   16.454  -0.439  1.00 19.92 ? 721 HOH A O   1 
HETATM 1181 O  O   . HOH C 3 .   ? 0.155   15.753  12.189  1.00 20.26 ? 722 HOH A O   1 
HETATM 1182 O  O   . HOH C 3 .   ? 4.695   -7.839  10.067  1.00 17.95 ? 723 HOH A O   1 
HETATM 1183 O  O   A HOH C 3 .   ? -3.332  -9.494  6.254   0.50 16.47 ? 724 HOH A O   1 
HETATM 1184 O  O   B HOH C 3 .   ? -2.836  -10.241 5.698   0.50 18.29 ? 724 HOH A O   1 
HETATM 1185 O  O   . HOH C 3 .   ? -9.374  9.092   -5.276  1.00 33.17 ? 725 HOH A O   1 
HETATM 1186 O  O   . HOH C 3 .   ? 10.561  17.246  12.814  1.00 49.38 ? 726 HOH A O   1 
HETATM 1187 O  O   . HOH C 3 .   ? 2.781   14.580  -4.599  1.00 31.36 ? 727 HOH A O   1 
HETATM 1188 O  O   . HOH C 3 .   ? 9.991   -15.777 6.298   1.00 40.00 ? 728 HOH A O   1 
HETATM 1189 O  O   . HOH C 3 .   ? 2.862   6.597   -5.996  1.00 22.34 ? 729 HOH A O   1 
HETATM 1190 O  O   . HOH C 3 .   ? 1.605   -12.029 9.707   1.00 40.94 ? 730 HOH A O   1 
HETATM 1191 O  O   . HOH C 3 .   ? 5.487   -8.542  -0.292  1.00 31.24 ? 731 HOH A O   1 
HETATM 1192 O  O   . HOH C 3 .   ? 5.477   -1.883  16.256  1.00 34.76 ? 732 HOH A O   1 
HETATM 1193 O  O   . HOH C 3 .   ? 1.896   -5.942  15.609  1.00 33.48 ? 733 HOH A O   1 
HETATM 1194 O  O   . HOH C 3 .   ? 14.902  -6.082  1.262   1.00 42.37 ? 734 HOH A O   1 
HETATM 1195 O  O   . HOH C 3 .   ? -16.581 -2.413  0.337   1.00 35.06 ? 735 HOH A O   1 
HETATM 1196 O  O   . HOH C 3 .   ? -10.239 -2.435  7.752   1.00 40.12 ? 736 HOH A O   1 
HETATM 1197 O  O   . HOH C 3 .   ? -14.393 -7.453  4.578   1.00 35.68 ? 737 HOH A O   1 
HETATM 1198 O  O   . HOH C 3 .   ? 1.512   -16.774 -2.444  1.00 37.12 ? 738 HOH A O   1 
HETATM 1199 O  O   . HOH C 3 .   ? -9.049  -4.824  6.904   1.00 52.88 ? 739 HOH A O   1 
HETATM 1200 O  O   A HOH C 3 .   ? -10.417 -4.812  4.992   0.50 24.09 ? 740 HOH A O   1 
HETATM 1201 O  O   B HOH C 3 .   ? -11.642 -5.758  4.274   0.50 25.25 ? 740 HOH A O   1 
HETATM 1202 O  O   . HOH C 3 .   ? -9.550  -2.842  10.589  1.00 49.95 ? 741 HOH A O   1 
HETATM 1203 O  O   . HOH C 3 .   ? -14.335 0.361   -9.288  1.00 39.46 ? 742 HOH A O   1 
HETATM 1204 O  O   . HOH C 3 .   ? -2.465  -5.923  10.526  1.00 39.27 ? 743 HOH A O   1 
HETATM 1205 O  O   . HOH C 3 .   ? -2.823  2.843   -11.898 1.00 22.90 ? 744 HOH A O   1 
HETATM 1206 O  O   . HOH C 3 .   ? -16.991 -1.171  -5.521  1.00 27.55 ? 745 HOH A O   1 
HETATM 1207 O  O   . HOH C 3 .   ? 11.145  2.219   19.676  1.00 28.67 ? 746 HOH A O   1 
HETATM 1208 O  O   . HOH C 3 .   ? 8.061   -6.684  13.328  1.00 53.46 ? 747 HOH A O   1 
HETATM 1209 O  O   . HOH C 3 .   ? -6.247  2.738   11.494  1.00 35.29 ? 748 HOH A O   1 
HETATM 1210 O  O   . HOH C 3 .   ? -3.966  -4.363  11.815  1.00 36.38 ? 749 HOH A O   1 
HETATM 1211 O  O   . HOH C 3 .   ? -14.621 -10.197 -11.658 1.00 40.20 ? 750 HOH A O   1 
HETATM 1212 O  O   . HOH C 3 .   ? -2.308  -1.798  -17.741 1.00 47.30 ? 751 HOH A O   1 
HETATM 1213 O  O   . HOH C 3 .   ? 3.566   -8.412  12.417  1.00 39.34 ? 752 HOH A O   1 
HETATM 1214 O  O   . HOH C 3 .   ? 9.862   9.448   -5.213  0.50 26.44 ? 753 HOH A O   1 
HETATM 1215 O  O   . HOH C 3 .   ? -13.816 13.650  -1.281  1.00 52.08 ? 754 HOH A O   1 
HETATM 1216 O  O   . HOH C 3 .   ? 14.630  13.909  8.836   1.00 46.35 ? 755 HOH A O   1 
HETATM 1217 O  O   . HOH C 3 .   ? -7.158  1.349   -10.579 1.00 28.40 ? 756 HOH A O   1 
HETATM 1218 O  O   . HOH C 3 .   ? -4.050  -3.550  -17.216 1.00 44.07 ? 757 HOH A O   1 
HETATM 1219 O  O   . HOH C 3 .   ? 5.554   11.560  -3.559  1.00 37.75 ? 758 HOH A O   1 
HETATM 1220 O  O   . HOH C 3 .   ? -14.062 14.721  2.523   1.00 41.73 ? 759 HOH A O   1 
HETATM 1221 O  O   . HOH C 3 .   ? -4.236  -20.945 -10.715 1.00 51.14 ? 760 HOH A O   1 
HETATM 1222 O  O   . HOH C 3 .   ? 3.291   -11.447 -6.058  1.00 29.10 ? 761 HOH A O   1 
HETATM 1223 O  O   . HOH C 3 .   ? 7.261   9.636   -5.518  1.00 49.05 ? 762 HOH A O   1 
HETATM 1224 O  O   . HOH C 3 .   ? -5.267  3.064   -10.406 1.00 29.29 ? 763 HOH A O   1 
HETATM 1225 O  O   . HOH C 3 .   ? -6.700  0.586   -13.650 1.00 37.88 ? 764 HOH A O   1 
HETATM 1226 O  O   . HOH C 3 .   ? -1.838  0.355   -14.601 1.00 42.57 ? 765 HOH A O   1 
HETATM 1227 O  O   . HOH C 3 .   ? 2.736   -13.037 -4.054  1.00 31.14 ? 766 HOH A O   1 
HETATM 1228 O  O   . HOH C 3 .   ? -15.595 -3.110  -9.516  1.00 43.37 ? 767 HOH A O   1 
HETATM 1229 O  O   . HOH C 3 .   ? -14.894 -5.849  -9.746  1.00 38.55 ? 768 HOH A O   1 
HETATM 1230 O  O   . HOH C 3 .   ? 13.182  11.519  -4.248  0.50 34.10 ? 769 HOH A O   1 
HETATM 1231 O  O   . HOH C 3 .   ? 11.951  11.575  -5.516  0.50 25.37 ? 770 HOH A O   1 
# 
